data_3VPI
# 
_entry.id   3VPI 
# 
_audit_conform.dict_name       mmcif_pdbx.dic 
_audit_conform.dict_version    5.399 
_audit_conform.dict_location   http://mmcif.pdb.org/dictionaries/ascii/mmcif_pdbx.dic 
# 
loop_
_database_2.database_id 
_database_2.database_code 
_database_2.pdbx_database_accession 
_database_2.pdbx_DOI 
PDB   3VPI         pdb_00003vpi 10.2210/pdb3vpi/pdb 
RCSB  RCSB095338   ?            ?                   
WWPDB D_1000095338 ?            ?                   
# 
loop_
_pdbx_audit_revision_history.ordinal 
_pdbx_audit_revision_history.data_content_type 
_pdbx_audit_revision_history.major_revision 
_pdbx_audit_revision_history.minor_revision 
_pdbx_audit_revision_history.revision_date 
1 'Structure model' 1 0 2012-06-27 
2 'Structure model' 1 1 2013-08-07 
3 'Structure model' 1 2 2024-11-20 
# 
_pdbx_audit_revision_details.ordinal             1 
_pdbx_audit_revision_details.revision_ordinal    1 
_pdbx_audit_revision_details.data_content_type   'Structure model' 
_pdbx_audit_revision_details.provider            repository 
_pdbx_audit_revision_details.type                'Initial release' 
_pdbx_audit_revision_details.description         ? 
_pdbx_audit_revision_details.details             ? 
# 
loop_
_pdbx_audit_revision_group.ordinal 
_pdbx_audit_revision_group.revision_ordinal 
_pdbx_audit_revision_group.data_content_type 
_pdbx_audit_revision_group.group 
1 2 'Structure model' 'Database references'  
2 3 'Structure model' 'Data collection'      
3 3 'Structure model' 'Database references'  
4 3 'Structure model' 'Derived calculations' 
5 3 'Structure model' 'Structure summary'    
# 
loop_
_pdbx_audit_revision_category.ordinal 
_pdbx_audit_revision_category.revision_ordinal 
_pdbx_audit_revision_category.data_content_type 
_pdbx_audit_revision_category.category 
1 3 'Structure model' chem_comp_atom            
2 3 'Structure model' chem_comp_bond            
3 3 'Structure model' database_2                
4 3 'Structure model' pdbx_entry_details        
5 3 'Structure model' pdbx_modification_feature 
6 3 'Structure model' struct_conn               
7 3 'Structure model' struct_ref_seq_dif        
8 3 'Structure model' struct_site               
# 
loop_
_pdbx_audit_revision_item.ordinal 
_pdbx_audit_revision_item.revision_ordinal 
_pdbx_audit_revision_item.data_content_type 
_pdbx_audit_revision_item.item 
1 3 'Structure model' '_database_2.pdbx_DOI'                
2 3 'Structure model' '_database_2.pdbx_database_accession' 
3 3 'Structure model' '_struct_conn.pdbx_leaving_atom_flag' 
4 3 'Structure model' '_struct_ref_seq_dif.details'         
5 3 'Structure model' '_struct_site.pdbx_auth_asym_id'      
6 3 'Structure model' '_struct_site.pdbx_auth_comp_id'      
7 3 'Structure model' '_struct_site.pdbx_auth_seq_id'       
# 
_pdbx_database_status.status_code                     REL 
_pdbx_database_status.entry_id                        3VPI 
_pdbx_database_status.recvd_initial_deposition_date   2012-03-04 
_pdbx_database_status.deposit_site                    PDBJ 
_pdbx_database_status.process_site                    PDBJ 
_pdbx_database_status.methods_development_category    ? 
_pdbx_database_status.status_code_sf                  REL 
_pdbx_database_status.status_code_mr                  ? 
_pdbx_database_status.SG_entry                        ? 
_pdbx_database_status.status_code_cs                  ? 
_pdbx_database_status.pdb_format_compatible           Y 
_pdbx_database_status.status_code_nmr_data            ? 
# 
_pdbx_database_related.db_name        PDB 
_pdbx_database_related.db_id          3VPJ 
_pdbx_database_related.details        . 
_pdbx_database_related.content_type   unspecified 
# 
loop_
_audit_author.name 
_audit_author.pdbx_ordinal 
'Ding, J.'   1 
'Wang, W.'   2 
'Wang, D.C.' 3 
# 
_citation.id                        primary 
_citation.title                     
'Structural insights into the Pseudomonas aeruginosa type VI virulence effector Tse1 bacteriolysis and self-protection mechanisms' 
_citation.journal_abbrev            J.Biol.Chem. 
_citation.journal_volume            287 
_citation.page_first                26911 
_citation.page_last                 26920 
_citation.year                      2012 
_citation.journal_id_ASTM           JBCHA3 
_citation.country                   US 
_citation.journal_id_ISSN           0021-9258 
_citation.journal_id_CSD            0071 
_citation.book_publisher            ? 
_citation.pdbx_database_id_PubMed   22700987 
_citation.pdbx_database_id_DOI      10.1074/jbc.M112.368043 
# 
loop_
_citation_author.citation_id 
_citation_author.name 
_citation_author.ordinal 
_citation_author.identifier_ORCID 
primary 'Ding, J.'   1 ? 
primary 'Wang, W.'   2 ? 
primary 'Feng, H.'   3 ? 
primary 'Zhang, Y.'  4 ? 
primary 'Wang, D.C.' 5 ? 
# 
loop_
_entity.id 
_entity.type 
_entity.src_method 
_entity.pdbx_description 
_entity.formula_weight 
_entity.pdbx_number_of_molecules 
_entity.pdbx_ec 
_entity.pdbx_mutation 
_entity.pdbx_fragment 
_entity.details 
1 polymer     man 'type VI secretion exported 1' 18864.520 1   ? ? ? ? 
2 non-polymer syn 'FORMIC ACID'                  46.025    9   ? ? ? ? 
3 water       nat water                          18.015    264 ? ? ? ? 
# 
_entity_poly.entity_id                      1 
_entity_poly.type                           'polypeptide(L)' 
_entity_poly.nstd_linkage                   no 
_entity_poly.nstd_monomer                   yes 
_entity_poly.pdbx_seq_one_letter_code       
;(MSE)GSSHHHHHHSSGLVPRGSH(MSE)DSLDQCIVNACKNSWDKSYLAGTPNKDNCSGFVQSVAAELGVP(MSE)PRG
NANA(MSE)VDGLEQSWTKLASGAEAAQKAAQGFLVIAGLKGRTYGHVAVVISGPLYRQKYP(MSE)CWCGSIAGAVGQS
QGLKSVGQVWNRTDRDRLNYYVYSLASCSLPRAS
;
_entity_poly.pdbx_seq_one_letter_code_can   
;MGSSHHHHHHSSGLVPRGSHMDSLDQCIVNACKNSWDKSYLAGTPNKDNCSGFVQSVAAELGVPMPRGNANAMVDGLEQS
WTKLASGAEAAQKAAQGFLVIAGLKGRTYGHVAVVISGPLYRQKYPMCWCGSIAGAVGQSQGLKSVGQVWNRTDRDRLNY
YVYSLASCSLPRAS
;
_entity_poly.pdbx_strand_id                 A 
_entity_poly.pdbx_target_identifier         ? 
# 
loop_
_pdbx_entity_nonpoly.entity_id 
_pdbx_entity_nonpoly.name 
_pdbx_entity_nonpoly.comp_id 
2 'FORMIC ACID' FMT 
3 water         HOH 
# 
loop_
_entity_poly_seq.entity_id 
_entity_poly_seq.num 
_entity_poly_seq.mon_id 
_entity_poly_seq.hetero 
1 1   MSE n 
1 2   GLY n 
1 3   SER n 
1 4   SER n 
1 5   HIS n 
1 6   HIS n 
1 7   HIS n 
1 8   HIS n 
1 9   HIS n 
1 10  HIS n 
1 11  SER n 
1 12  SER n 
1 13  GLY n 
1 14  LEU n 
1 15  VAL n 
1 16  PRO n 
1 17  ARG n 
1 18  GLY n 
1 19  SER n 
1 20  HIS n 
1 21  MSE n 
1 22  ASP n 
1 23  SER n 
1 24  LEU n 
1 25  ASP n 
1 26  GLN n 
1 27  CYS n 
1 28  ILE n 
1 29  VAL n 
1 30  ASN n 
1 31  ALA n 
1 32  CYS n 
1 33  LYS n 
1 34  ASN n 
1 35  SER n 
1 36  TRP n 
1 37  ASP n 
1 38  LYS n 
1 39  SER n 
1 40  TYR n 
1 41  LEU n 
1 42  ALA n 
1 43  GLY n 
1 44  THR n 
1 45  PRO n 
1 46  ASN n 
1 47  LYS n 
1 48  ASP n 
1 49  ASN n 
1 50  CYS n 
1 51  SER n 
1 52  GLY n 
1 53  PHE n 
1 54  VAL n 
1 55  GLN n 
1 56  SER n 
1 57  VAL n 
1 58  ALA n 
1 59  ALA n 
1 60  GLU n 
1 61  LEU n 
1 62  GLY n 
1 63  VAL n 
1 64  PRO n 
1 65  MSE n 
1 66  PRO n 
1 67  ARG n 
1 68  GLY n 
1 69  ASN n 
1 70  ALA n 
1 71  ASN n 
1 72  ALA n 
1 73  MSE n 
1 74  VAL n 
1 75  ASP n 
1 76  GLY n 
1 77  LEU n 
1 78  GLU n 
1 79  GLN n 
1 80  SER n 
1 81  TRP n 
1 82  THR n 
1 83  LYS n 
1 84  LEU n 
1 85  ALA n 
1 86  SER n 
1 87  GLY n 
1 88  ALA n 
1 89  GLU n 
1 90  ALA n 
1 91  ALA n 
1 92  GLN n 
1 93  LYS n 
1 94  ALA n 
1 95  ALA n 
1 96  GLN n 
1 97  GLY n 
1 98  PHE n 
1 99  LEU n 
1 100 VAL n 
1 101 ILE n 
1 102 ALA n 
1 103 GLY n 
1 104 LEU n 
1 105 LYS n 
1 106 GLY n 
1 107 ARG n 
1 108 THR n 
1 109 TYR n 
1 110 GLY n 
1 111 HIS n 
1 112 VAL n 
1 113 ALA n 
1 114 VAL n 
1 115 VAL n 
1 116 ILE n 
1 117 SER n 
1 118 GLY n 
1 119 PRO n 
1 120 LEU n 
1 121 TYR n 
1 122 ARG n 
1 123 GLN n 
1 124 LYS n 
1 125 TYR n 
1 126 PRO n 
1 127 MSE n 
1 128 CYS n 
1 129 TRP n 
1 130 CYS n 
1 131 GLY n 
1 132 SER n 
1 133 ILE n 
1 134 ALA n 
1 135 GLY n 
1 136 ALA n 
1 137 VAL n 
1 138 GLY n 
1 139 GLN n 
1 140 SER n 
1 141 GLN n 
1 142 GLY n 
1 143 LEU n 
1 144 LYS n 
1 145 SER n 
1 146 VAL n 
1 147 GLY n 
1 148 GLN n 
1 149 VAL n 
1 150 TRP n 
1 151 ASN n 
1 152 ARG n 
1 153 THR n 
1 154 ASP n 
1 155 ARG n 
1 156 ASP n 
1 157 ARG n 
1 158 LEU n 
1 159 ASN n 
1 160 TYR n 
1 161 TYR n 
1 162 VAL n 
1 163 TYR n 
1 164 SER n 
1 165 LEU n 
1 166 ALA n 
1 167 SER n 
1 168 CYS n 
1 169 SER n 
1 170 LEU n 
1 171 PRO n 
1 172 ARG n 
1 173 ALA n 
1 174 SER n 
# 
_entity_src_gen.entity_id                          1 
_entity_src_gen.pdbx_src_id                        1 
_entity_src_gen.pdbx_alt_source_flag               sample 
_entity_src_gen.pdbx_seq_type                      ? 
_entity_src_gen.pdbx_beg_seq_num                   ? 
_entity_src_gen.pdbx_end_seq_num                   ? 
_entity_src_gen.gene_src_common_name               ? 
_entity_src_gen.gene_src_genus                     ? 
_entity_src_gen.pdbx_gene_src_gene                 PA1844 
_entity_src_gen.gene_src_species                   ? 
_entity_src_gen.gene_src_strain                    'ATCC 15692 / PAO1 / 1C / PRS 101 / LMG 12228' 
_entity_src_gen.gene_src_tissue                    ? 
_entity_src_gen.gene_src_tissue_fraction           ? 
_entity_src_gen.gene_src_details                   ? 
_entity_src_gen.pdbx_gene_src_fragment             ? 
_entity_src_gen.pdbx_gene_src_scientific_name      'Pseudomonas aeruginosa' 
_entity_src_gen.pdbx_gene_src_ncbi_taxonomy_id     208964 
_entity_src_gen.pdbx_gene_src_variant              ? 
_entity_src_gen.pdbx_gene_src_cell_line            ? 
_entity_src_gen.pdbx_gene_src_atcc                 ? 
_entity_src_gen.pdbx_gene_src_organ                ? 
_entity_src_gen.pdbx_gene_src_organelle            ? 
_entity_src_gen.pdbx_gene_src_cell                 ? 
_entity_src_gen.pdbx_gene_src_cellular_location    ? 
_entity_src_gen.host_org_common_name               ? 
_entity_src_gen.pdbx_host_org_scientific_name      'Escherichia coli' 
_entity_src_gen.pdbx_host_org_ncbi_taxonomy_id     562 
_entity_src_gen.host_org_genus                     ? 
_entity_src_gen.pdbx_host_org_gene                 ? 
_entity_src_gen.pdbx_host_org_organ                ? 
_entity_src_gen.host_org_species                   ? 
_entity_src_gen.pdbx_host_org_tissue               ? 
_entity_src_gen.pdbx_host_org_tissue_fraction      ? 
_entity_src_gen.pdbx_host_org_strain               'BL21(DE3)' 
_entity_src_gen.pdbx_host_org_variant              ? 
_entity_src_gen.pdbx_host_org_cell_line            ? 
_entity_src_gen.pdbx_host_org_atcc                 ? 
_entity_src_gen.pdbx_host_org_culture_collection   ? 
_entity_src_gen.pdbx_host_org_cell                 ? 
_entity_src_gen.pdbx_host_org_organelle            ? 
_entity_src_gen.pdbx_host_org_cellular_location    ? 
_entity_src_gen.pdbx_host_org_vector_type          PLASMID 
_entity_src_gen.pdbx_host_org_vector               ? 
_entity_src_gen.host_org_details                   ? 
_entity_src_gen.expression_system_id               ? 
_entity_src_gen.plasmid_name                       pET28a 
_entity_src_gen.plasmid_details                    ? 
_entity_src_gen.pdbx_description                   ? 
# 
loop_
_chem_comp.id 
_chem_comp.type 
_chem_comp.mon_nstd_flag 
_chem_comp.name 
_chem_comp.pdbx_synonyms 
_chem_comp.formula 
_chem_comp.formula_weight 
ALA 'L-peptide linking' y ALANINE          ? 'C3 H7 N O2'     89.093  
ARG 'L-peptide linking' y ARGININE         ? 'C6 H15 N4 O2 1' 175.209 
ASN 'L-peptide linking' y ASPARAGINE       ? 'C4 H8 N2 O3'    132.118 
ASP 'L-peptide linking' y 'ASPARTIC ACID'  ? 'C4 H7 N O4'     133.103 
CYS 'L-peptide linking' y CYSTEINE         ? 'C3 H7 N O2 S'   121.158 
FMT non-polymer         . 'FORMIC ACID'    ? 'C H2 O2'        46.025  
GLN 'L-peptide linking' y GLUTAMINE        ? 'C5 H10 N2 O3'   146.144 
GLU 'L-peptide linking' y 'GLUTAMIC ACID'  ? 'C5 H9 N O4'     147.129 
GLY 'peptide linking'   y GLYCINE          ? 'C2 H5 N O2'     75.067  
HIS 'L-peptide linking' y HISTIDINE        ? 'C6 H10 N3 O2 1' 156.162 
HOH non-polymer         . WATER            ? 'H2 O'           18.015  
ILE 'L-peptide linking' y ISOLEUCINE       ? 'C6 H13 N O2'    131.173 
LEU 'L-peptide linking' y LEUCINE          ? 'C6 H13 N O2'    131.173 
LYS 'L-peptide linking' y LYSINE           ? 'C6 H15 N2 O2 1' 147.195 
MSE 'L-peptide linking' n SELENOMETHIONINE ? 'C5 H11 N O2 Se' 196.106 
PHE 'L-peptide linking' y PHENYLALANINE    ? 'C9 H11 N O2'    165.189 
PRO 'L-peptide linking' y PROLINE          ? 'C5 H9 N O2'     115.130 
SER 'L-peptide linking' y SERINE           ? 'C3 H7 N O3'     105.093 
THR 'L-peptide linking' y THREONINE        ? 'C4 H9 N O3'     119.119 
TRP 'L-peptide linking' y TRYPTOPHAN       ? 'C11 H12 N2 O2'  204.225 
TYR 'L-peptide linking' y TYROSINE         ? 'C9 H11 N O3'    181.189 
VAL 'L-peptide linking' y VALINE           ? 'C5 H11 N O2'    117.146 
# 
loop_
_pdbx_poly_seq_scheme.asym_id 
_pdbx_poly_seq_scheme.entity_id 
_pdbx_poly_seq_scheme.seq_id 
_pdbx_poly_seq_scheme.mon_id 
_pdbx_poly_seq_scheme.ndb_seq_num 
_pdbx_poly_seq_scheme.pdb_seq_num 
_pdbx_poly_seq_scheme.auth_seq_num 
_pdbx_poly_seq_scheme.pdb_mon_id 
_pdbx_poly_seq_scheme.auth_mon_id 
_pdbx_poly_seq_scheme.pdb_strand_id 
_pdbx_poly_seq_scheme.pdb_ins_code 
_pdbx_poly_seq_scheme.hetero 
A 1 1   MSE 1   -19 ?   ?   ?   A . n 
A 1 2   GLY 2   -18 ?   ?   ?   A . n 
A 1 3   SER 3   -17 ?   ?   ?   A . n 
A 1 4   SER 4   -16 ?   ?   ?   A . n 
A 1 5   HIS 5   -15 ?   ?   ?   A . n 
A 1 6   HIS 6   -14 ?   ?   ?   A . n 
A 1 7   HIS 7   -13 ?   ?   ?   A . n 
A 1 8   HIS 8   -12 ?   ?   ?   A . n 
A 1 9   HIS 9   -11 ?   ?   ?   A . n 
A 1 10  HIS 10  -10 ?   ?   ?   A . n 
A 1 11  SER 11  -9  ?   ?   ?   A . n 
A 1 12  SER 12  -8  ?   ?   ?   A . n 
A 1 13  GLY 13  -7  ?   ?   ?   A . n 
A 1 14  LEU 14  -6  ?   ?   ?   A . n 
A 1 15  VAL 15  -5  ?   ?   ?   A . n 
A 1 16  PRO 16  -4  ?   ?   ?   A . n 
A 1 17  ARG 17  -3  ?   ?   ?   A . n 
A 1 18  GLY 18  -2  ?   ?   ?   A . n 
A 1 19  SER 19  -1  ?   ?   ?   A . n 
A 1 20  HIS 20  0   ?   ?   ?   A . n 
A 1 21  MSE 21  1   ?   ?   ?   A . n 
A 1 22  ASP 22  2   ?   ?   ?   A . n 
A 1 23  SER 23  3   3   SER SER A . n 
A 1 24  LEU 24  4   4   LEU LEU A . n 
A 1 25  ASP 25  5   5   ASP ASP A . n 
A 1 26  GLN 26  6   6   GLN GLN A . n 
A 1 27  CYS 27  7   7   CYS CYS A . n 
A 1 28  ILE 28  8   8   ILE ILE A . n 
A 1 29  VAL 29  9   9   VAL VAL A . n 
A 1 30  ASN 30  10  10  ASN ASN A . n 
A 1 31  ALA 31  11  11  ALA ALA A . n 
A 1 32  CYS 32  12  12  CYS CYS A . n 
A 1 33  LYS 33  13  13  LYS LYS A . n 
A 1 34  ASN 34  14  14  ASN ASN A . n 
A 1 35  SER 35  15  15  SER SER A . n 
A 1 36  TRP 36  16  16  TRP TRP A . n 
A 1 37  ASP 37  17  17  ASP ASP A . n 
A 1 38  LYS 38  18  18  LYS LYS A . n 
A 1 39  SER 39  19  19  SER SER A . n 
A 1 40  TYR 40  20  20  TYR TYR A . n 
A 1 41  LEU 41  21  21  LEU LEU A . n 
A 1 42  ALA 42  22  22  ALA ALA A . n 
A 1 43  GLY 43  23  23  GLY GLY A . n 
A 1 44  THR 44  24  24  THR THR A . n 
A 1 45  PRO 45  25  25  PRO PRO A . n 
A 1 46  ASN 46  26  26  ASN ASN A . n 
A 1 47  LYS 47  27  27  LYS LYS A . n 
A 1 48  ASP 48  28  28  ASP ASP A . n 
A 1 49  ASN 49  29  29  ASN ASN A . n 
A 1 50  CYS 50  30  30  CYS CYS A . n 
A 1 51  SER 51  31  31  SER SER A . n 
A 1 52  GLY 52  32  32  GLY GLY A . n 
A 1 53  PHE 53  33  33  PHE PHE A . n 
A 1 54  VAL 54  34  34  VAL VAL A . n 
A 1 55  GLN 55  35  35  GLN GLN A . n 
A 1 56  SER 56  36  36  SER SER A . n 
A 1 57  VAL 57  37  37  VAL VAL A . n 
A 1 58  ALA 58  38  38  ALA ALA A . n 
A 1 59  ALA 59  39  39  ALA ALA A . n 
A 1 60  GLU 60  40  40  GLU GLU A . n 
A 1 61  LEU 61  41  41  LEU LEU A . n 
A 1 62  GLY 62  42  42  GLY GLY A . n 
A 1 63  VAL 63  43  43  VAL VAL A . n 
A 1 64  PRO 64  44  44  PRO PRO A . n 
A 1 65  MSE 65  45  45  MSE MSE A . n 
A 1 66  PRO 66  46  46  PRO PRO A . n 
A 1 67  ARG 67  47  47  ARG ARG A . n 
A 1 68  GLY 68  48  48  GLY GLY A . n 
A 1 69  ASN 69  49  49  ASN ASN A . n 
A 1 70  ALA 70  50  50  ALA ALA A . n 
A 1 71  ASN 71  51  51  ASN ASN A . n 
A 1 72  ALA 72  52  52  ALA ALA A . n 
A 1 73  MSE 73  53  53  MSE MSE A . n 
A 1 74  VAL 74  54  54  VAL VAL A . n 
A 1 75  ASP 75  55  55  ASP ASP A . n 
A 1 76  GLY 76  56  56  GLY GLY A . n 
A 1 77  LEU 77  57  57  LEU LEU A . n 
A 1 78  GLU 78  58  58  GLU GLU A . n 
A 1 79  GLN 79  59  59  GLN GLN A . n 
A 1 80  SER 80  60  60  SER SER A . n 
A 1 81  TRP 81  61  61  TRP TRP A . n 
A 1 82  THR 82  62  62  THR THR A . n 
A 1 83  LYS 83  63  63  LYS LYS A . n 
A 1 84  LEU 84  64  64  LEU LEU A . n 
A 1 85  ALA 85  65  65  ALA ALA A . n 
A 1 86  SER 86  66  66  SER SER A . n 
A 1 87  GLY 87  67  67  GLY GLY A . n 
A 1 88  ALA 88  68  68  ALA ALA A . n 
A 1 89  GLU 89  69  69  GLU GLU A . n 
A 1 90  ALA 90  70  70  ALA ALA A . n 
A 1 91  ALA 91  71  71  ALA ALA A . n 
A 1 92  GLN 92  72  72  GLN GLN A . n 
A 1 93  LYS 93  73  73  LYS LYS A . n 
A 1 94  ALA 94  74  74  ALA ALA A . n 
A 1 95  ALA 95  75  75  ALA ALA A . n 
A 1 96  GLN 96  76  76  GLN GLN A . n 
A 1 97  GLY 97  77  77  GLY GLY A . n 
A 1 98  PHE 98  78  78  PHE PHE A . n 
A 1 99  LEU 99  79  79  LEU LEU A . n 
A 1 100 VAL 100 80  80  VAL VAL A . n 
A 1 101 ILE 101 81  81  ILE ILE A . n 
A 1 102 ALA 102 82  82  ALA ALA A . n 
A 1 103 GLY 103 83  83  GLY GLY A . n 
A 1 104 LEU 104 84  84  LEU LEU A . n 
A 1 105 LYS 105 85  85  LYS LYS A . n 
A 1 106 GLY 106 86  86  GLY GLY A . n 
A 1 107 ARG 107 87  87  ARG ARG A . n 
A 1 108 THR 108 88  88  THR THR A . n 
A 1 109 TYR 109 89  89  TYR TYR A . n 
A 1 110 GLY 110 90  90  GLY GLY A . n 
A 1 111 HIS 111 91  91  HIS HIS A . n 
A 1 112 VAL 112 92  92  VAL VAL A . n 
A 1 113 ALA 113 93  93  ALA ALA A . n 
A 1 114 VAL 114 94  94  VAL VAL A . n 
A 1 115 VAL 115 95  95  VAL VAL A . n 
A 1 116 ILE 116 96  96  ILE ILE A . n 
A 1 117 SER 117 97  97  SER SER A . n 
A 1 118 GLY 118 98  98  GLY GLY A . n 
A 1 119 PRO 119 99  99  PRO PRO A . n 
A 1 120 LEU 120 100 100 LEU LEU A . n 
A 1 121 TYR 121 101 101 TYR TYR A . n 
A 1 122 ARG 122 102 102 ARG ARG A . n 
A 1 123 GLN 123 103 103 GLN GLN A . n 
A 1 124 LYS 124 104 104 LYS LYS A . n 
A 1 125 TYR 125 105 105 TYR TYR A . n 
A 1 126 PRO 126 106 106 PRO PRO A . n 
A 1 127 MSE 127 107 107 MSE MSE A . n 
A 1 128 CYS 128 108 108 CYS CYS A . n 
A 1 129 TRP 129 109 109 TRP TRP A . n 
A 1 130 CYS 130 110 110 CYS CYS A . n 
A 1 131 GLY 131 111 111 GLY GLY A . n 
A 1 132 SER 132 112 112 SER SER A . n 
A 1 133 ILE 133 113 113 ILE ILE A . n 
A 1 134 ALA 134 114 114 ALA ALA A . n 
A 1 135 GLY 135 115 115 GLY GLY A . n 
A 1 136 ALA 136 116 116 ALA ALA A . n 
A 1 137 VAL 137 117 117 VAL VAL A . n 
A 1 138 GLY 138 118 118 GLY GLY A . n 
A 1 139 GLN 139 119 119 GLN GLN A . n 
A 1 140 SER 140 120 120 SER SER A . n 
A 1 141 GLN 141 121 121 GLN GLN A . n 
A 1 142 GLY 142 122 122 GLY GLY A . n 
A 1 143 LEU 143 123 123 LEU LEU A . n 
A 1 144 LYS 144 124 124 LYS LYS A . n 
A 1 145 SER 145 125 125 SER SER A . n 
A 1 146 VAL 146 126 126 VAL VAL A . n 
A 1 147 GLY 147 127 127 GLY GLY A . n 
A 1 148 GLN 148 128 128 GLN GLN A . n 
A 1 149 VAL 149 129 129 VAL VAL A . n 
A 1 150 TRP 150 130 130 TRP TRP A . n 
A 1 151 ASN 151 131 131 ASN ASN A . n 
A 1 152 ARG 152 132 132 ARG ARG A . n 
A 1 153 THR 153 133 133 THR THR A . n 
A 1 154 ASP 154 134 134 ASP ASP A . n 
A 1 155 ARG 155 135 135 ARG ARG A . n 
A 1 156 ASP 156 136 136 ASP ASP A . n 
A 1 157 ARG 157 137 137 ARG ARG A . n 
A 1 158 LEU 158 138 138 LEU LEU A . n 
A 1 159 ASN 159 139 139 ASN ASN A . n 
A 1 160 TYR 160 140 140 TYR TYR A . n 
A 1 161 TYR 161 141 141 TYR TYR A . n 
A 1 162 VAL 162 142 142 VAL VAL A . n 
A 1 163 TYR 163 143 143 TYR TYR A . n 
A 1 164 SER 164 144 144 SER SER A . n 
A 1 165 LEU 165 145 145 LEU LEU A . n 
A 1 166 ALA 166 146 146 ALA ALA A . n 
A 1 167 SER 167 147 147 SER SER A . n 
A 1 168 CYS 168 148 148 CYS CYS A . n 
A 1 169 SER 169 149 149 SER SER A . n 
A 1 170 LEU 170 150 150 LEU LEU A . n 
A 1 171 PRO 171 151 151 PRO PRO A . n 
A 1 172 ARG 172 152 152 ARG ARG A . n 
A 1 173 ALA 173 153 153 ALA ALA A . n 
A 1 174 SER 174 154 154 SER SER A . n 
# 
loop_
_pdbx_nonpoly_scheme.asym_id 
_pdbx_nonpoly_scheme.entity_id 
_pdbx_nonpoly_scheme.mon_id 
_pdbx_nonpoly_scheme.ndb_seq_num 
_pdbx_nonpoly_scheme.pdb_seq_num 
_pdbx_nonpoly_scheme.auth_seq_num 
_pdbx_nonpoly_scheme.pdb_mon_id 
_pdbx_nonpoly_scheme.auth_mon_id 
_pdbx_nonpoly_scheme.pdb_strand_id 
_pdbx_nonpoly_scheme.pdb_ins_code 
B 2 FMT 1   201 2   FMT FMT A . 
C 2 FMT 1   202 3   FMT FMT A . 
D 2 FMT 1   203 4   FMT FMT A . 
E 2 FMT 1   204 5   FMT FMT A . 
F 2 FMT 1   205 6   FMT FMT A . 
G 2 FMT 1   206 7   FMT FMT A . 
H 2 FMT 1   207 8   FMT FMT A . 
I 2 FMT 1   208 10  FMT FMT A . 
J 2 FMT 1   209 12  FMT FMT A . 
K 3 HOH 1   301 1   HOH HOH A . 
K 3 HOH 2   302 2   HOH HOH A . 
K 3 HOH 3   303 3   HOH HOH A . 
K 3 HOH 4   304 4   HOH HOH A . 
K 3 HOH 5   305 5   HOH HOH A . 
K 3 HOH 6   306 6   HOH HOH A . 
K 3 HOH 7   307 7   HOH HOH A . 
K 3 HOH 8   308 8   HOH HOH A . 
K 3 HOH 9   309 9   HOH HOH A . 
K 3 HOH 10  310 10  HOH HOH A . 
K 3 HOH 11  311 11  HOH HOH A . 
K 3 HOH 12  312 12  HOH HOH A . 
K 3 HOH 13  313 13  HOH HOH A . 
K 3 HOH 14  314 14  HOH HOH A . 
K 3 HOH 15  315 15  HOH HOH A . 
K 3 HOH 16  316 16  HOH HOH A . 
K 3 HOH 17  317 17  HOH HOH A . 
K 3 HOH 18  318 18  HOH HOH A . 
K 3 HOH 19  319 19  HOH HOH A . 
K 3 HOH 20  320 20  HOH HOH A . 
K 3 HOH 21  321 21  HOH HOH A . 
K 3 HOH 22  322 22  HOH HOH A . 
K 3 HOH 23  323 23  HOH HOH A . 
K 3 HOH 24  324 24  HOH HOH A . 
K 3 HOH 25  325 25  HOH HOH A . 
K 3 HOH 26  326 26  HOH HOH A . 
K 3 HOH 27  327 27  HOH HOH A . 
K 3 HOH 28  328 28  HOH HOH A . 
K 3 HOH 29  329 29  HOH HOH A . 
K 3 HOH 30  330 30  HOH HOH A . 
K 3 HOH 31  331 31  HOH HOH A . 
K 3 HOH 32  332 32  HOH HOH A . 
K 3 HOH 33  333 33  HOH HOH A . 
K 3 HOH 34  334 34  HOH HOH A . 
K 3 HOH 35  335 35  HOH HOH A . 
K 3 HOH 36  336 36  HOH HOH A . 
K 3 HOH 37  337 37  HOH HOH A . 
K 3 HOH 38  338 38  HOH HOH A . 
K 3 HOH 39  339 39  HOH HOH A . 
K 3 HOH 40  340 40  HOH HOH A . 
K 3 HOH 41  341 41  HOH HOH A . 
K 3 HOH 42  342 42  HOH HOH A . 
K 3 HOH 43  343 43  HOH HOH A . 
K 3 HOH 44  344 44  HOH HOH A . 
K 3 HOH 45  345 45  HOH HOH A . 
K 3 HOH 46  346 46  HOH HOH A . 
K 3 HOH 47  347 47  HOH HOH A . 
K 3 HOH 48  348 48  HOH HOH A . 
K 3 HOH 49  349 49  HOH HOH A . 
K 3 HOH 50  350 50  HOH HOH A . 
K 3 HOH 51  351 51  HOH HOH A . 
K 3 HOH 52  352 52  HOH HOH A . 
K 3 HOH 53  353 53  HOH HOH A . 
K 3 HOH 54  354 54  HOH HOH A . 
K 3 HOH 55  355 55  HOH HOH A . 
K 3 HOH 56  356 56  HOH HOH A . 
K 3 HOH 57  357 57  HOH HOH A . 
K 3 HOH 58  358 58  HOH HOH A . 
K 3 HOH 59  359 59  HOH HOH A . 
K 3 HOH 60  360 60  HOH HOH A . 
K 3 HOH 61  361 61  HOH HOH A . 
K 3 HOH 62  362 62  HOH HOH A . 
K 3 HOH 63  363 63  HOH HOH A . 
K 3 HOH 64  364 64  HOH HOH A . 
K 3 HOH 65  365 65  HOH HOH A . 
K 3 HOH 66  366 66  HOH HOH A . 
K 3 HOH 67  367 67  HOH HOH A . 
K 3 HOH 68  368 68  HOH HOH A . 
K 3 HOH 69  369 69  HOH HOH A . 
K 3 HOH 70  370 70  HOH HOH A . 
K 3 HOH 71  371 71  HOH HOH A . 
K 3 HOH 72  372 72  HOH HOH A . 
K 3 HOH 73  373 73  HOH HOH A . 
K 3 HOH 74  374 74  HOH HOH A . 
K 3 HOH 75  375 75  HOH HOH A . 
K 3 HOH 76  376 76  HOH HOH A . 
K 3 HOH 77  377 77  HOH HOH A . 
K 3 HOH 78  378 78  HOH HOH A . 
K 3 HOH 79  379 79  HOH HOH A . 
K 3 HOH 80  380 80  HOH HOH A . 
K 3 HOH 81  381 81  HOH HOH A . 
K 3 HOH 82  382 82  HOH HOH A . 
K 3 HOH 83  383 83  HOH HOH A . 
K 3 HOH 84  384 84  HOH HOH A . 
K 3 HOH 85  385 85  HOH HOH A . 
K 3 HOH 86  386 86  HOH HOH A . 
K 3 HOH 87  387 87  HOH HOH A . 
K 3 HOH 88  388 88  HOH HOH A . 
K 3 HOH 89  389 89  HOH HOH A . 
K 3 HOH 90  390 90  HOH HOH A . 
K 3 HOH 91  391 91  HOH HOH A . 
K 3 HOH 92  392 92  HOH HOH A . 
K 3 HOH 93  393 93  HOH HOH A . 
K 3 HOH 94  394 94  HOH HOH A . 
K 3 HOH 95  395 95  HOH HOH A . 
K 3 HOH 96  396 96  HOH HOH A . 
K 3 HOH 97  397 97  HOH HOH A . 
K 3 HOH 98  398 98  HOH HOH A . 
K 3 HOH 99  399 99  HOH HOH A . 
K 3 HOH 100 400 100 HOH HOH A . 
K 3 HOH 101 401 101 HOH HOH A . 
K 3 HOH 102 402 102 HOH HOH A . 
K 3 HOH 103 403 103 HOH HOH A . 
K 3 HOH 104 404 104 HOH HOH A . 
K 3 HOH 105 405 105 HOH HOH A . 
K 3 HOH 106 406 106 HOH HOH A . 
K 3 HOH 107 407 107 HOH HOH A . 
K 3 HOH 108 408 108 HOH HOH A . 
K 3 HOH 109 409 109 HOH HOH A . 
K 3 HOH 110 410 110 HOH HOH A . 
K 3 HOH 111 411 111 HOH HOH A . 
K 3 HOH 112 412 112 HOH HOH A . 
K 3 HOH 113 413 113 HOH HOH A . 
K 3 HOH 114 414 114 HOH HOH A . 
K 3 HOH 115 415 115 HOH HOH A . 
K 3 HOH 116 416 116 HOH HOH A . 
K 3 HOH 117 417 117 HOH HOH A . 
K 3 HOH 118 418 118 HOH HOH A . 
K 3 HOH 119 419 119 HOH HOH A . 
K 3 HOH 120 420 120 HOH HOH A . 
K 3 HOH 121 421 121 HOH HOH A . 
K 3 HOH 122 422 122 HOH HOH A . 
K 3 HOH 123 423 123 HOH HOH A . 
K 3 HOH 124 424 124 HOH HOH A . 
K 3 HOH 125 425 125 HOH HOH A . 
K 3 HOH 126 426 126 HOH HOH A . 
K 3 HOH 127 427 127 HOH HOH A . 
K 3 HOH 128 428 128 HOH HOH A . 
K 3 HOH 129 429 129 HOH HOH A . 
K 3 HOH 130 430 130 HOH HOH A . 
K 3 HOH 131 431 131 HOH HOH A . 
K 3 HOH 132 432 132 HOH HOH A . 
K 3 HOH 133 433 133 HOH HOH A . 
K 3 HOH 134 434 134 HOH HOH A . 
K 3 HOH 135 435 135 HOH HOH A . 
K 3 HOH 136 436 136 HOH HOH A . 
K 3 HOH 137 437 137 HOH HOH A . 
K 3 HOH 138 438 138 HOH HOH A . 
K 3 HOH 139 439 139 HOH HOH A . 
K 3 HOH 140 440 140 HOH HOH A . 
K 3 HOH 141 441 141 HOH HOH A . 
K 3 HOH 142 442 142 HOH HOH A . 
K 3 HOH 143 443 143 HOH HOH A . 
K 3 HOH 144 444 144 HOH HOH A . 
K 3 HOH 145 445 145 HOH HOH A . 
K 3 HOH 146 446 146 HOH HOH A . 
K 3 HOH 147 447 147 HOH HOH A . 
K 3 HOH 148 448 148 HOH HOH A . 
K 3 HOH 149 449 149 HOH HOH A . 
K 3 HOH 150 450 150 HOH HOH A . 
K 3 HOH 151 451 151 HOH HOH A . 
K 3 HOH 152 452 152 HOH HOH A . 
K 3 HOH 153 453 153 HOH HOH A . 
K 3 HOH 154 454 154 HOH HOH A . 
K 3 HOH 155 455 155 HOH HOH A . 
K 3 HOH 156 456 156 HOH HOH A . 
K 3 HOH 157 457 157 HOH HOH A . 
K 3 HOH 158 458 158 HOH HOH A . 
K 3 HOH 159 459 159 HOH HOH A . 
K 3 HOH 160 460 160 HOH HOH A . 
K 3 HOH 161 461 161 HOH HOH A . 
K 3 HOH 162 462 162 HOH HOH A . 
K 3 HOH 163 463 163 HOH HOH A . 
K 3 HOH 164 464 164 HOH HOH A . 
K 3 HOH 165 465 165 HOH HOH A . 
K 3 HOH 166 466 166 HOH HOH A . 
K 3 HOH 167 467 167 HOH HOH A . 
K 3 HOH 168 468 168 HOH HOH A . 
K 3 HOH 169 469 169 HOH HOH A . 
K 3 HOH 170 470 170 HOH HOH A . 
K 3 HOH 171 471 171 HOH HOH A . 
K 3 HOH 172 472 172 HOH HOH A . 
K 3 HOH 173 473 173 HOH HOH A . 
K 3 HOH 174 474 174 HOH HOH A . 
K 3 HOH 175 475 175 HOH HOH A . 
K 3 HOH 176 476 176 HOH HOH A . 
K 3 HOH 177 477 177 HOH HOH A . 
K 3 HOH 178 478 178 HOH HOH A . 
K 3 HOH 179 479 179 HOH HOH A . 
K 3 HOH 180 480 180 HOH HOH A . 
K 3 HOH 181 481 181 HOH HOH A . 
K 3 HOH 182 482 182 HOH HOH A . 
K 3 HOH 183 483 183 HOH HOH A . 
K 3 HOH 184 484 184 HOH HOH A . 
K 3 HOH 185 485 185 HOH HOH A . 
K 3 HOH 186 486 186 HOH HOH A . 
K 3 HOH 187 487 187 HOH HOH A . 
K 3 HOH 188 488 188 HOH HOH A . 
K 3 HOH 189 489 189 HOH HOH A . 
K 3 HOH 190 490 190 HOH HOH A . 
K 3 HOH 191 491 191 HOH HOH A . 
K 3 HOH 192 492 192 HOH HOH A . 
K 3 HOH 193 493 193 HOH HOH A . 
K 3 HOH 194 494 194 HOH HOH A . 
K 3 HOH 195 495 195 HOH HOH A . 
K 3 HOH 196 496 196 HOH HOH A . 
K 3 HOH 197 497 197 HOH HOH A . 
K 3 HOH 198 498 198 HOH HOH A . 
K 3 HOH 199 499 199 HOH HOH A . 
K 3 HOH 200 500 200 HOH HOH A . 
K 3 HOH 201 501 201 HOH HOH A . 
K 3 HOH 202 502 202 HOH HOH A . 
K 3 HOH 203 503 203 HOH HOH A . 
K 3 HOH 204 504 204 HOH HOH A . 
K 3 HOH 205 505 205 HOH HOH A . 
K 3 HOH 206 506 206 HOH HOH A . 
K 3 HOH 207 507 207 HOH HOH A . 
K 3 HOH 208 508 208 HOH HOH A . 
K 3 HOH 209 509 209 HOH HOH A . 
K 3 HOH 210 510 210 HOH HOH A . 
K 3 HOH 211 511 211 HOH HOH A . 
K 3 HOH 212 512 212 HOH HOH A . 
K 3 HOH 213 513 213 HOH HOH A . 
K 3 HOH 214 514 214 HOH HOH A . 
K 3 HOH 215 515 215 HOH HOH A . 
K 3 HOH 216 516 216 HOH HOH A . 
K 3 HOH 217 517 217 HOH HOH A . 
K 3 HOH 218 518 218 HOH HOH A . 
K 3 HOH 219 519 219 HOH HOH A . 
K 3 HOH 220 520 220 HOH HOH A . 
K 3 HOH 221 521 221 HOH HOH A . 
K 3 HOH 222 522 222 HOH HOH A . 
K 3 HOH 223 523 223 HOH HOH A . 
K 3 HOH 224 524 224 HOH HOH A . 
K 3 HOH 225 525 225 HOH HOH A . 
K 3 HOH 226 526 226 HOH HOH A . 
K 3 HOH 227 527 227 HOH HOH A . 
K 3 HOH 228 528 228 HOH HOH A . 
K 3 HOH 229 529 229 HOH HOH A . 
K 3 HOH 230 530 230 HOH HOH A . 
K 3 HOH 231 531 231 HOH HOH A . 
K 3 HOH 232 532 232 HOH HOH A . 
K 3 HOH 233 533 233 HOH HOH A . 
K 3 HOH 234 534 234 HOH HOH A . 
K 3 HOH 235 535 235 HOH HOH A . 
K 3 HOH 236 536 236 HOH HOH A . 
K 3 HOH 237 537 237 HOH HOH A . 
K 3 HOH 238 538 238 HOH HOH A . 
K 3 HOH 239 539 239 HOH HOH A . 
K 3 HOH 240 540 240 HOH HOH A . 
K 3 HOH 241 541 241 HOH HOH A . 
K 3 HOH 242 542 242 HOH HOH A . 
K 3 HOH 243 543 243 HOH HOH A . 
K 3 HOH 244 544 244 HOH HOH A . 
K 3 HOH 245 545 245 HOH HOH A . 
K 3 HOH 246 546 246 HOH HOH A . 
K 3 HOH 247 547 247 HOH HOH A . 
K 3 HOH 248 548 248 HOH HOH A . 
K 3 HOH 249 549 249 HOH HOH A . 
K 3 HOH 250 550 250 HOH HOH A . 
K 3 HOH 251 551 251 HOH HOH A . 
K 3 HOH 252 552 252 HOH HOH A . 
K 3 HOH 253 553 253 HOH HOH A . 
K 3 HOH 254 554 254 HOH HOH A . 
K 3 HOH 255 555 255 HOH HOH A . 
K 3 HOH 256 556 256 HOH HOH A . 
K 3 HOH 257 557 257 HOH HOH A . 
K 3 HOH 258 558 258 HOH HOH A . 
K 3 HOH 259 559 259 HOH HOH A . 
K 3 HOH 260 560 260 HOH HOH A . 
K 3 HOH 261 561 261 HOH HOH A . 
K 3 HOH 262 562 262 HOH HOH A . 
K 3 HOH 263 563 263 HOH HOH A . 
K 3 HOH 264 564 264 HOH HOH A . 
# 
loop_
_software.name 
_software.classification 
_software.version 
_software.citation_id 
_software.pdbx_ordinal 
ADSC   'data collection' Quantum                    ? 1 
PHENIX 'model building'  '(phenix.refine: 1.7_650)' ? 2 
PHENIX refinement        '(phenix.refine: 1.7_650)' ? 3 
MOSFLM 'data reduction'  .                          ? 4 
SCALA  'data scaling'    .                          ? 5 
PHENIX phasing           1.7_650                    ? 6 
# 
_cell.entry_id           3VPI 
_cell.length_a           38.450 
_cell.length_b           63.640 
_cell.length_c           73.740 
_cell.angle_alpha        90.00 
_cell.angle_beta         90.00 
_cell.angle_gamma        90.00 
_cell.Z_PDB              4 
_cell.pdbx_unique_axis   ? 
_cell.length_a_esd       ? 
_cell.length_b_esd       ? 
_cell.length_c_esd       ? 
_cell.angle_alpha_esd    ? 
_cell.angle_beta_esd     ? 
_cell.angle_gamma_esd    ? 
# 
_symmetry.entry_id                         3VPI 
_symmetry.space_group_name_H-M             'P 21 21 21' 
_symmetry.pdbx_full_space_group_name_H-M   ? 
_symmetry.cell_setting                     ? 
_symmetry.Int_Tables_number                19 
_symmetry.space_group_name_Hall            ? 
# 
_exptl.entry_id          3VPI 
_exptl.method            'X-RAY DIFFRACTION' 
_exptl.crystals_number   1 
# 
_exptl_crystal.id                    1 
_exptl_crystal.density_meas          ? 
_exptl_crystal.density_Matthews      2.39 
_exptl_crystal.density_percent_sol   48.56 
_exptl_crystal.description           ? 
_exptl_crystal.F_000                 ? 
_exptl_crystal.preparation           ? 
# 
_exptl_crystal_grow.crystal_id      1 
_exptl_crystal_grow.method          'VAPOR DIFFUSION, HANGING DROP' 
_exptl_crystal_grow.temp            293 
_exptl_crystal_grow.temp_details    ? 
_exptl_crystal_grow.pH              6.2 
_exptl_crystal_grow.pdbx_details    '1.8M sodium formate, pH 6.2, VAPOR DIFFUSION, HANGING DROP, temperature 293K' 
_exptl_crystal_grow.pdbx_pH_range   . 
# 
loop_
_diffrn.id 
_diffrn.ambient_temp 
_diffrn.ambient_temp_details 
_diffrn.crystal_id 
1 95 ? 1 
2 95 ? 1 
# 
loop_
_diffrn_detector.diffrn_id 
_diffrn_detector.detector 
_diffrn_detector.type 
_diffrn_detector.pdbx_collection_date 
_diffrn_detector.details 
1 CCD 'MAR CCD 165 mm'    2011-11-14 ? 
2 CCD 'ADSC QUANTUM 210r' 2011-11-26 ? 
# 
loop_
_diffrn_radiation.diffrn_id 
_diffrn_radiation.wavelength_id 
_diffrn_radiation.pdbx_monochromatic_or_laue_m_l 
_diffrn_radiation.monochromator 
_diffrn_radiation.pdbx_diffrn_protocol 
_diffrn_radiation.pdbx_scattering_type 
1 1 M ? 'SINGLE WAVELENGTH' x-ray 
2 1 M ? 'SINGLE WAVELENGTH' x-ray 
# 
loop_
_diffrn_radiation_wavelength.id 
_diffrn_radiation_wavelength.wavelength 
_diffrn_radiation_wavelength.wt 
1 1.0000 1.0 
2 0.9795 1.0 
# 
loop_
_diffrn_source.diffrn_id 
_diffrn_source.source 
_diffrn_source.type 
_diffrn_source.pdbx_synchrotron_site 
_diffrn_source.pdbx_synchrotron_beamline 
_diffrn_source.pdbx_wavelength 
_diffrn_source.pdbx_wavelength_list 
1 SYNCHROTRON 'PHOTON FACTORY BEAMLINE BL-5A' 'Photon Factory' BL-5A ? 1.0000 
2 SYNCHROTRON 'BSRF BEAMLINE 3W1A'            BSRF             3W1A  ? 0.9795 
# 
_reflns.entry_id                     3VPI 
_reflns.observed_criterion_sigma_I   0 
_reflns.observed_criterion_sigma_F   0 
_reflns.d_resolution_low             26.61 
_reflns.d_resolution_high            1.5 
_reflns.number_obs                   29544 
_reflns.number_all                   29556 
_reflns.percent_possible_obs         99.4 
_reflns.pdbx_Rmerge_I_obs            0.080 
_reflns.pdbx_Rsym_value              0.080 
_reflns.pdbx_netI_over_sigmaI        14.7 
_reflns.B_iso_Wilson_estimate        12.2 
_reflns.pdbx_redundancy              6.7 
_reflns.R_free_details               ? 
_reflns.limit_h_max                  ? 
_reflns.limit_h_min                  ? 
_reflns.limit_k_max                  ? 
_reflns.limit_k_min                  ? 
_reflns.limit_l_max                  ? 
_reflns.limit_l_min                  ? 
_reflns.observed_criterion_F_max     ? 
_reflns.observed_criterion_F_min     ? 
_reflns.pdbx_chi_squared             ? 
_reflns.pdbx_scaling_rejects         ? 
_reflns.pdbx_ordinal                 1 
_reflns.pdbx_diffrn_id               1,2 
# 
_reflns_shell.d_res_high                  1.50 
_reflns_shell.d_res_low                   1.58 
_reflns_shell.percent_possible_all        96.0 
_reflns_shell.Rmerge_I_obs                0.266 
_reflns_shell.pdbx_Rsym_value             0.266 
_reflns_shell.meanI_over_sigI_obs         4.8 
_reflns_shell.pdbx_redundancy             4.6 
_reflns_shell.percent_possible_obs        ? 
_reflns_shell.number_unique_all           4061 
_reflns_shell.number_measured_all         ? 
_reflns_shell.number_measured_obs         ? 
_reflns_shell.number_unique_obs           ? 
_reflns_shell.pdbx_chi_squared            ? 
_reflns_shell.pdbx_rejects                ? 
_reflns_shell.pdbx_netI_over_sigmaI_obs   ? 
_reflns_shell.number_possible             ? 
_reflns_shell.Rmerge_F_all                ? 
_reflns_shell.Rmerge_F_obs                ? 
_reflns_shell.Rmerge_I_all                ? 
_reflns_shell.meanI_over_sigI_all         ? 
_reflns_shell.pdbx_Rrim_I_all             ? 
_reflns_shell.pdbx_Rpim_I_all             ? 
_reflns_shell.pdbx_ordinal                1 
_reflns_shell.pdbx_diffrn_id              1,2 
# 
_refine.entry_id                                 3VPI 
_refine.ls_number_reflns_obs                     29040 
_refine.ls_number_reflns_all                     29544 
_refine.pdbx_ls_sigma_I                          ? 
_refine.pdbx_ls_sigma_F                          0.00 
_refine.pdbx_data_cutoff_high_absF               ? 
_refine.pdbx_data_cutoff_low_absF                ? 
_refine.pdbx_data_cutoff_high_rms_absF           ? 
_refine.ls_d_res_low                             26.61 
_refine.ls_d_res_high                            1.500 
_refine.ls_percent_reflns_obs                    97.74 
_refine.ls_R_factor_obs                          0.1657 
_refine.ls_R_factor_all                          ? 
_refine.ls_R_factor_R_work                       0.1647 
_refine.ls_R_factor_R_free                       0.1834 
_refine.ls_R_factor_R_free_error                 ? 
_refine.ls_R_factor_R_free_error_details         ? 
_refine.ls_percent_reflns_R_free                 5.08 
_refine.ls_number_reflns_R_free                  1474 
_refine.ls_number_parameters                     ? 
_refine.ls_number_restraints                     ? 
_refine.occupancy_min                            ? 
_refine.occupancy_max                            ? 
_refine.correlation_coeff_Fo_to_Fc               ? 
_refine.correlation_coeff_Fo_to_Fc_free          ? 
_refine.B_iso_mean                               14.67 
_refine.aniso_B[1][1]                            1.4692 
_refine.aniso_B[2][2]                            -0.6065 
_refine.aniso_B[3][3]                            -0.8627 
_refine.aniso_B[1][2]                            -0.0000 
_refine.aniso_B[1][3]                            -0.0000 
_refine.aniso_B[2][3]                            0.0000 
_refine.solvent_model_details                    'FLAT BULK SOLVENT MODEL' 
_refine.solvent_model_param_ksol                 0.403 
_refine.solvent_model_param_bsol                 63.590 
_refine.pdbx_solvent_vdw_probe_radii             0.70 
_refine.pdbx_solvent_ion_probe_radii             ? 
_refine.pdbx_solvent_shrinkage_radii             0.38 
_refine.pdbx_ls_cross_valid_method               ? 
_refine.details                                  ? 
_refine.pdbx_starting_model                      ? 
_refine.pdbx_method_to_determine_struct          SAD 
_refine.pdbx_isotropic_thermal_model             ? 
_refine.pdbx_stereochemistry_target_values       ML 
_refine.pdbx_stereochem_target_val_spec_case     ? 
_refine.pdbx_R_Free_selection_details            RANDOM 
_refine.pdbx_overall_ESU_R                       ? 
_refine.pdbx_overall_ESU_R_Free                  ? 
_refine.overall_SU_ML                            0.12 
_refine.pdbx_overall_phase_error                 16.10 
_refine.overall_SU_B                             ? 
_refine.overall_SU_R_Cruickshank_DPI             ? 
_refine.ls_redundancy_reflns_obs                 ? 
_refine.B_iso_min                                ? 
_refine.B_iso_max                                ? 
_refine.overall_SU_R_free                        ? 
_refine.ls_wR_factor_R_free                      ? 
_refine.ls_wR_factor_R_work                      ? 
_refine.overall_FOM_free_R_set                   ? 
_refine.overall_FOM_work_R_set                   0.9023 
_refine.pdbx_diffrn_id                           1,2 
_refine.pdbx_refine_id                           'X-RAY DIFFRACTION' 
_refine.pdbx_TLS_residual_ADP_flag               ? 
_refine.pdbx_overall_SU_R_free_Cruickshank_DPI   ? 
_refine.pdbx_overall_SU_R_Blow_DPI               ? 
_refine.pdbx_overall_SU_R_free_Blow_DPI          ? 
# 
_refine_analyze.entry_id                        3VPI 
_refine_analyze.Luzzati_coordinate_error_obs    0.12 
_refine_analyze.Luzzati_sigma_a_obs             ? 
_refine_analyze.Luzzati_d_res_low_obs           ? 
_refine_analyze.Luzzati_coordinate_error_free   ? 
_refine_analyze.Luzzati_sigma_a_free            ? 
_refine_analyze.Luzzati_d_res_low_free          ? 
_refine_analyze.number_disordered_residues      ? 
_refine_analyze.occupancy_sum_hydrogen          ? 
_refine_analyze.occupancy_sum_non_hydrogen      ? 
_refine_analyze.pdbx_Luzzati_d_res_high_obs     ? 
_refine_analyze.pdbx_refine_id                  'X-RAY DIFFRACTION' 
# 
_refine_hist.pdbx_refine_id                   'X-RAY DIFFRACTION' 
_refine_hist.cycle_id                         LAST 
_refine_hist.pdbx_number_atoms_protein        1135 
_refine_hist.pdbx_number_atoms_nucleic_acid   0 
_refine_hist.pdbx_number_atoms_ligand         27 
_refine_hist.number_atoms_solvent             264 
_refine_hist.number_atoms_total               1426 
_refine_hist.d_res_high                       1.500 
_refine_hist.d_res_low                        26.61 
# 
loop_
_refine_ls_restr.type 
_refine_ls_restr.dev_ideal 
_refine_ls_restr.dev_ideal_target 
_refine_ls_restr.weight 
_refine_ls_restr.number 
_refine_ls_restr.pdbx_restraint_function 
_refine_ls_restr.pdbx_refine_id 
f_bond_d           0.015  ? ? 1216 ? 'X-RAY DIFFRACTION' 
f_angle_d          1.011  ? ? 1580 ? 'X-RAY DIFFRACTION' 
f_dihedral_angle_d 11.412 ? ? 416  ? 'X-RAY DIFFRACTION' 
f_chiral_restr     0.066  ? ? 169  ? 'X-RAY DIFFRACTION' 
f_plane_restr      0.003  ? ? 204  ? 'X-RAY DIFFRACTION' 
# 
loop_
_refine_ls_shell.pdbx_refine_id 
_refine_ls_shell.pdbx_total_number_of_bins_used 
_refine_ls_shell.d_res_high 
_refine_ls_shell.d_res_low 
_refine_ls_shell.number_reflns_R_work 
_refine_ls_shell.R_factor_R_work 
_refine_ls_shell.percent_reflns_obs 
_refine_ls_shell.R_factor_R_free 
_refine_ls_shell.R_factor_R_free_error 
_refine_ls_shell.percent_reflns_R_free 
_refine_ls_shell.number_reflns_R_free 
_refine_ls_shell.number_reflns_all 
_refine_ls_shell.R_factor_all 
_refine_ls_shell.number_reflns_obs 
_refine_ls_shell.redundancy_reflns_obs 
'X-RAY DIFFRACTION' 11 1.5000 1.5484  2225 0.1866 88.00  0.2039 . . 123 . . . . 
'X-RAY DIFFRACTION' 11 1.5484 1.6038  2446 0.1761 96.00  0.1966 . . 119 . . . . 
'X-RAY DIFFRACTION' 11 1.6038 1.6680  2470 0.1671 98.00  0.1787 . . 119 . . . . 
'X-RAY DIFFRACTION' 11 1.6680 1.7439  2476 0.1622 98.00  0.2173 . . 137 . . . . 
'X-RAY DIFFRACTION' 11 1.7439 1.8358  2542 0.1569 99.00  0.1810 . . 121 . . . . 
'X-RAY DIFFRACTION' 11 1.8358 1.9508  2468 0.1736 98.00  0.1960 . . 128 . . . . 
'X-RAY DIFFRACTION' 11 1.9508 2.1013  2535 0.1604 99.00  0.1698 . . 124 . . . . 
'X-RAY DIFFRACTION' 11 2.1013 2.3127  2550 0.1655 99.00  0.1894 . . 137 . . . . 
'X-RAY DIFFRACTION' 11 2.3127 2.6471  2546 0.1689 100.00 0.1880 . . 158 . . . . 
'X-RAY DIFFRACTION' 11 2.6471 3.3340  2602 0.1626 100.00 0.1748 . . 150 . . . . 
'X-RAY DIFFRACTION' 11 3.3340 26.6162 2706 0.1594 100.00 0.1753 . . 158 . . . . 
# 
_struct.entry_id                  3VPI 
_struct.title                     'Crystal structure of type VI effector Tse1 from Pseudomonas aeruginosa' 
_struct.pdbx_model_details        ? 
_struct.pdbx_CASP_flag            ? 
_struct.pdbx_model_type_details   ? 
# 
_struct_keywords.entry_id        3VPI 
_struct_keywords.pdbx_keywords   HYDROLASE 
_struct_keywords.text            Hydrolase 
# 
loop_
_struct_asym.id 
_struct_asym.pdbx_blank_PDB_chainid_flag 
_struct_asym.pdbx_modified 
_struct_asym.entity_id 
_struct_asym.details 
A N N 1 ? 
B N N 2 ? 
C N N 2 ? 
D N N 2 ? 
E N N 2 ? 
F N N 2 ? 
G N N 2 ? 
H N N 2 ? 
I N N 2 ? 
J N N 2 ? 
K N N 3 ? 
# 
_struct_ref.id                         1 
_struct_ref.db_name                    UNP 
_struct_ref.db_code                    Q9I2Q1_PSEAE 
_struct_ref.pdbx_db_accession          Q9I2Q1 
_struct_ref.entity_id                  1 
_struct_ref.pdbx_seq_one_letter_code   
;MDSLDQCIVNACKNSWDKSYLAGTPNKDNCSGFVQSVAAELGVPMPRGNANAMVDGLEQSWTKLASGAEAAQKAAQGFLV
IAGLKGRTYGHVAVVISGPLYRQKYPMCWCGSIAGAVGQSQGLKSVGQVWNRTDRDRLNYYVYSLASCSLPRAS
;
_struct_ref.pdbx_align_begin           1 
_struct_ref.pdbx_db_isoform            ? 
# 
_struct_ref_seq.align_id                      1 
_struct_ref_seq.ref_id                        1 
_struct_ref_seq.pdbx_PDB_id_code              3VPI 
_struct_ref_seq.pdbx_strand_id                A 
_struct_ref_seq.seq_align_beg                 21 
_struct_ref_seq.pdbx_seq_align_beg_ins_code   ? 
_struct_ref_seq.seq_align_end                 174 
_struct_ref_seq.pdbx_seq_align_end_ins_code   ? 
_struct_ref_seq.pdbx_db_accession             Q9I2Q1 
_struct_ref_seq.db_align_beg                  1 
_struct_ref_seq.pdbx_db_align_beg_ins_code    ? 
_struct_ref_seq.db_align_end                  154 
_struct_ref_seq.pdbx_db_align_end_ins_code    ? 
_struct_ref_seq.pdbx_auth_seq_align_beg       1 
_struct_ref_seq.pdbx_auth_seq_align_end       154 
# 
loop_
_struct_ref_seq_dif.align_id 
_struct_ref_seq_dif.pdbx_pdb_id_code 
_struct_ref_seq_dif.mon_id 
_struct_ref_seq_dif.pdbx_pdb_strand_id 
_struct_ref_seq_dif.seq_num 
_struct_ref_seq_dif.pdbx_pdb_ins_code 
_struct_ref_seq_dif.pdbx_seq_db_name 
_struct_ref_seq_dif.pdbx_seq_db_accession_code 
_struct_ref_seq_dif.db_mon_id 
_struct_ref_seq_dif.pdbx_seq_db_seq_num 
_struct_ref_seq_dif.details 
_struct_ref_seq_dif.pdbx_auth_seq_num 
_struct_ref_seq_dif.pdbx_ordinal 
1 3VPI MSE A 1  ? UNP Q9I2Q1 ? ? 'expression tag' -19 1  
1 3VPI GLY A 2  ? UNP Q9I2Q1 ? ? 'expression tag' -18 2  
1 3VPI SER A 3  ? UNP Q9I2Q1 ? ? 'expression tag' -17 3  
1 3VPI SER A 4  ? UNP Q9I2Q1 ? ? 'expression tag' -16 4  
1 3VPI HIS A 5  ? UNP Q9I2Q1 ? ? 'expression tag' -15 5  
1 3VPI HIS A 6  ? UNP Q9I2Q1 ? ? 'expression tag' -14 6  
1 3VPI HIS A 7  ? UNP Q9I2Q1 ? ? 'expression tag' -13 7  
1 3VPI HIS A 8  ? UNP Q9I2Q1 ? ? 'expression tag' -12 8  
1 3VPI HIS A 9  ? UNP Q9I2Q1 ? ? 'expression tag' -11 9  
1 3VPI HIS A 10 ? UNP Q9I2Q1 ? ? 'expression tag' -10 10 
1 3VPI SER A 11 ? UNP Q9I2Q1 ? ? 'expression tag' -9  11 
1 3VPI SER A 12 ? UNP Q9I2Q1 ? ? 'expression tag' -8  12 
1 3VPI GLY A 13 ? UNP Q9I2Q1 ? ? 'expression tag' -7  13 
1 3VPI LEU A 14 ? UNP Q9I2Q1 ? ? 'expression tag' -6  14 
1 3VPI VAL A 15 ? UNP Q9I2Q1 ? ? 'expression tag' -5  15 
1 3VPI PRO A 16 ? UNP Q9I2Q1 ? ? 'expression tag' -4  16 
1 3VPI ARG A 17 ? UNP Q9I2Q1 ? ? 'expression tag' -3  17 
1 3VPI GLY A 18 ? UNP Q9I2Q1 ? ? 'expression tag' -2  18 
1 3VPI SER A 19 ? UNP Q9I2Q1 ? ? 'expression tag' -1  19 
1 3VPI HIS A 20 ? UNP Q9I2Q1 ? ? 'expression tag' 0   20 
# 
_pdbx_struct_assembly.id                   1 
_pdbx_struct_assembly.details              author_and_software_defined_assembly 
_pdbx_struct_assembly.method_details       PISA 
_pdbx_struct_assembly.oligomeric_details   monomeric 
_pdbx_struct_assembly.oligomeric_count     1 
# 
_pdbx_struct_assembly_gen.assembly_id       1 
_pdbx_struct_assembly_gen.oper_expression   1 
_pdbx_struct_assembly_gen.asym_id_list      A,B,C,D,E,F,G,H,I,J,K 
# 
_pdbx_struct_oper_list.id                   1 
_pdbx_struct_oper_list.type                 'identity operation' 
_pdbx_struct_oper_list.name                 1_555 
_pdbx_struct_oper_list.symmetry_operation   x,y,z 
_pdbx_struct_oper_list.matrix[1][1]         1.0000000000 
_pdbx_struct_oper_list.matrix[1][2]         0.0000000000 
_pdbx_struct_oper_list.matrix[1][3]         0.0000000000 
_pdbx_struct_oper_list.vector[1]            0.0000000000 
_pdbx_struct_oper_list.matrix[2][1]         0.0000000000 
_pdbx_struct_oper_list.matrix[2][2]         1.0000000000 
_pdbx_struct_oper_list.matrix[2][3]         0.0000000000 
_pdbx_struct_oper_list.vector[2]            0.0000000000 
_pdbx_struct_oper_list.matrix[3][1]         0.0000000000 
_pdbx_struct_oper_list.matrix[3][2]         0.0000000000 
_pdbx_struct_oper_list.matrix[3][3]         1.0000000000 
_pdbx_struct_oper_list.vector[3]            0.0000000000 
# 
_struct_biol.id        1 
_struct_biol.details   ? 
# 
loop_
_struct_conf.conf_type_id 
_struct_conf.id 
_struct_conf.pdbx_PDB_helix_id 
_struct_conf.beg_label_comp_id 
_struct_conf.beg_label_asym_id 
_struct_conf.beg_label_seq_id 
_struct_conf.pdbx_beg_PDB_ins_code 
_struct_conf.end_label_comp_id 
_struct_conf.end_label_asym_id 
_struct_conf.end_label_seq_id 
_struct_conf.pdbx_end_PDB_ins_code 
_struct_conf.beg_auth_comp_id 
_struct_conf.beg_auth_asym_id 
_struct_conf.beg_auth_seq_id 
_struct_conf.end_auth_comp_id 
_struct_conf.end_auth_asym_id 
_struct_conf.end_auth_seq_id 
_struct_conf.pdbx_PDB_helix_class 
_struct_conf.details 
_struct_conf.pdbx_PDB_helix_length 
HELX_P HELX_P1 1 ASP A 25  ? ASP A 37  ? ASP A 5   ASP A 17  1 ? 13 
HELX_P HELX_P2 2 PRO A 45  ? ASP A 48  ? PRO A 25  ASP A 28  5 ? 4  
HELX_P HELX_P3 3 ASN A 49  ? GLY A 62  ? ASN A 29  GLY A 42  1 ? 14 
HELX_P HELX_P4 4 ASN A 69  ? TRP A 81  ? ASN A 49  TRP A 61  1 ? 13 
HELX_P HELX_P5 5 SER A 86  ? GLN A 96  ? SER A 66  GLN A 76  1 ? 11 
HELX_P HELX_P6 6 LEU A 120 ? LYS A 124 ? LEU A 100 LYS A 104 5 ? 5  
HELX_P HELX_P7 7 GLY A 135 ? GLN A 139 ? GLY A 115 GLN A 119 5 ? 5  
HELX_P HELX_P8 8 VAL A 146 ? TRP A 150 ? VAL A 126 TRP A 130 1 ? 5  
# 
_struct_conf_type.id          HELX_P 
_struct_conf_type.criteria    ? 
_struct_conf_type.reference   ? 
# 
loop_
_struct_conn.id 
_struct_conn.conn_type_id 
_struct_conn.pdbx_leaving_atom_flag 
_struct_conn.pdbx_PDB_id 
_struct_conn.ptnr1_label_asym_id 
_struct_conn.ptnr1_label_comp_id 
_struct_conn.ptnr1_label_seq_id 
_struct_conn.ptnr1_label_atom_id 
_struct_conn.pdbx_ptnr1_label_alt_id 
_struct_conn.pdbx_ptnr1_PDB_ins_code 
_struct_conn.pdbx_ptnr1_standard_comp_id 
_struct_conn.ptnr1_symmetry 
_struct_conn.ptnr2_label_asym_id 
_struct_conn.ptnr2_label_comp_id 
_struct_conn.ptnr2_label_seq_id 
_struct_conn.ptnr2_label_atom_id 
_struct_conn.pdbx_ptnr2_label_alt_id 
_struct_conn.pdbx_ptnr2_PDB_ins_code 
_struct_conn.ptnr1_auth_asym_id 
_struct_conn.ptnr1_auth_comp_id 
_struct_conn.ptnr1_auth_seq_id 
_struct_conn.ptnr2_auth_asym_id 
_struct_conn.ptnr2_auth_comp_id 
_struct_conn.ptnr2_auth_seq_id 
_struct_conn.ptnr2_symmetry 
_struct_conn.pdbx_ptnr3_label_atom_id 
_struct_conn.pdbx_ptnr3_label_seq_id 
_struct_conn.pdbx_ptnr3_label_comp_id 
_struct_conn.pdbx_ptnr3_label_asym_id 
_struct_conn.pdbx_ptnr3_label_alt_id 
_struct_conn.pdbx_ptnr3_PDB_ins_code 
_struct_conn.details 
_struct_conn.pdbx_dist_value 
_struct_conn.pdbx_value_order 
_struct_conn.pdbx_role 
disulf1 disulf ?    ? A CYS 27  SG B ? ? 1_555 A CYS 168 SG B ? A CYS 7   A CYS 148 1_555 ? ? ? ? ? ? ? 2.062 ? ? 
covale1 covale both ? A PRO 64  C  ? ? ? 1_555 A MSE 65  N  ? ? A PRO 44  A MSE 45  1_555 ? ? ? ? ? ? ? 1.334 ? ? 
covale2 covale both ? A MSE 65  C  ? ? ? 1_555 A PRO 66  N  ? ? A MSE 45  A PRO 46  1_555 ? ? ? ? ? ? ? 1.333 ? ? 
covale3 covale both ? A ALA 72  C  ? ? ? 1_555 A MSE 73  N  ? ? A ALA 52  A MSE 53  1_555 ? ? ? ? ? ? ? 1.324 ? ? 
covale4 covale both ? A MSE 73  C  ? ? ? 1_555 A VAL 74  N  ? ? A MSE 53  A VAL 54  1_555 ? ? ? ? ? ? ? 1.329 ? ? 
covale5 covale both ? A PRO 126 C  ? ? ? 1_555 A MSE 127 N  ? ? A PRO 106 A MSE 107 1_555 ? ? ? ? ? ? ? 1.332 ? ? 
covale6 covale both ? A MSE 127 C  ? ? ? 1_555 A CYS 128 N  ? ? A MSE 107 A CYS 108 1_555 ? ? ? ? ? ? ? 1.326 ? ? 
# 
loop_
_struct_conn_type.id 
_struct_conn_type.criteria 
_struct_conn_type.reference 
disulf ? ? 
covale ? ? 
# 
loop_
_pdbx_modification_feature.ordinal 
_pdbx_modification_feature.label_comp_id 
_pdbx_modification_feature.label_asym_id 
_pdbx_modification_feature.label_seq_id 
_pdbx_modification_feature.label_alt_id 
_pdbx_modification_feature.modified_residue_label_comp_id 
_pdbx_modification_feature.modified_residue_label_asym_id 
_pdbx_modification_feature.modified_residue_label_seq_id 
_pdbx_modification_feature.modified_residue_label_alt_id 
_pdbx_modification_feature.auth_comp_id 
_pdbx_modification_feature.auth_asym_id 
_pdbx_modification_feature.auth_seq_id 
_pdbx_modification_feature.PDB_ins_code 
_pdbx_modification_feature.symmetry 
_pdbx_modification_feature.modified_residue_auth_comp_id 
_pdbx_modification_feature.modified_residue_auth_asym_id 
_pdbx_modification_feature.modified_residue_auth_seq_id 
_pdbx_modification_feature.modified_residue_PDB_ins_code 
_pdbx_modification_feature.modified_residue_symmetry 
_pdbx_modification_feature.comp_id_linking_atom 
_pdbx_modification_feature.modified_residue_id_linking_atom 
_pdbx_modification_feature.modified_residue_id 
_pdbx_modification_feature.ref_pcm_id 
_pdbx_modification_feature.ref_comp_id 
_pdbx_modification_feature.type 
_pdbx_modification_feature.category 
1 MSE A 65  ? .   . .   . MSE A 45  ? 1_555 .   . .   . .     .  .  MET 1 MSE Selenomethionine 'Named protein modification' 
2 MSE A 73  ? .   . .   . MSE A 53  ? 1_555 .   . .   . .     .  .  MET 1 MSE Selenomethionine 'Named protein modification' 
3 MSE A 127 ? .   . .   . MSE A 107 ? 1_555 .   . .   . .     .  .  MET 1 MSE Selenomethionine 'Named protein modification' 
4 CYS A 27  B CYS A 168 B CYS A 7   ? 1_555 CYS A 148 ? 1_555 SG SG .   . .   None             'Disulfide bridge'           
# 
_struct_mon_prot_cis.pdbx_id                1 
_struct_mon_prot_cis.label_comp_id          SER 
_struct_mon_prot_cis.label_seq_id           23 
_struct_mon_prot_cis.label_asym_id          A 
_struct_mon_prot_cis.label_alt_id           . 
_struct_mon_prot_cis.pdbx_PDB_ins_code      ? 
_struct_mon_prot_cis.auth_comp_id           SER 
_struct_mon_prot_cis.auth_seq_id            3 
_struct_mon_prot_cis.auth_asym_id           A 
_struct_mon_prot_cis.pdbx_label_comp_id_2   LEU 
_struct_mon_prot_cis.pdbx_label_seq_id_2    24 
_struct_mon_prot_cis.pdbx_label_asym_id_2   A 
_struct_mon_prot_cis.pdbx_PDB_ins_code_2    ? 
_struct_mon_prot_cis.pdbx_auth_comp_id_2    LEU 
_struct_mon_prot_cis.pdbx_auth_seq_id_2     4 
_struct_mon_prot_cis.pdbx_auth_asym_id_2    A 
_struct_mon_prot_cis.pdbx_PDB_model_num     1 
_struct_mon_prot_cis.pdbx_omega_angle       -1.69 
# 
_struct_sheet.id               A 
_struct_sheet.type             ? 
_struct_sheet.number_strands   6 
_struct_sheet.details          ? 
# 
loop_
_struct_sheet_order.sheet_id 
_struct_sheet_order.range_id_1 
_struct_sheet_order.range_id_2 
_struct_sheet_order.offset 
_struct_sheet_order.sense 
A 1 2 ? anti-parallel 
A 2 3 ? anti-parallel 
A 3 4 ? anti-parallel 
A 4 5 ? anti-parallel 
A 5 6 ? anti-parallel 
# 
loop_
_struct_sheet_range.sheet_id 
_struct_sheet_range.id 
_struct_sheet_range.beg_label_comp_id 
_struct_sheet_range.beg_label_asym_id 
_struct_sheet_range.beg_label_seq_id 
_struct_sheet_range.pdbx_beg_PDB_ins_code 
_struct_sheet_range.end_label_comp_id 
_struct_sheet_range.end_label_asym_id 
_struct_sheet_range.end_label_seq_id 
_struct_sheet_range.pdbx_end_PDB_ins_code 
_struct_sheet_range.beg_auth_comp_id 
_struct_sheet_range.beg_auth_asym_id 
_struct_sheet_range.beg_auth_seq_id 
_struct_sheet_range.end_auth_comp_id 
_struct_sheet_range.end_auth_asym_id 
_struct_sheet_range.end_auth_seq_id 
A 1 THR A 82  ? LYS A 83  ? THR A 62  LYS A 63  
A 2 ASN A 159 ? VAL A 162 ? ASN A 139 VAL A 142 
A 3 VAL A 100 ? LEU A 104 ? VAL A 80  LEU A 84  
A 4 HIS A 111 ? VAL A 115 ? HIS A 91  VAL A 95  
A 5 MSE A 127 ? CYS A 130 ? MSE A 107 CYS A 110 
A 6 SER A 140 ? SER A 145 ? SER A 120 SER A 125 
# 
loop_
_pdbx_struct_sheet_hbond.sheet_id 
_pdbx_struct_sheet_hbond.range_id_1 
_pdbx_struct_sheet_hbond.range_id_2 
_pdbx_struct_sheet_hbond.range_1_label_atom_id 
_pdbx_struct_sheet_hbond.range_1_label_comp_id 
_pdbx_struct_sheet_hbond.range_1_label_asym_id 
_pdbx_struct_sheet_hbond.range_1_label_seq_id 
_pdbx_struct_sheet_hbond.range_1_PDB_ins_code 
_pdbx_struct_sheet_hbond.range_1_auth_atom_id 
_pdbx_struct_sheet_hbond.range_1_auth_comp_id 
_pdbx_struct_sheet_hbond.range_1_auth_asym_id 
_pdbx_struct_sheet_hbond.range_1_auth_seq_id 
_pdbx_struct_sheet_hbond.range_2_label_atom_id 
_pdbx_struct_sheet_hbond.range_2_label_comp_id 
_pdbx_struct_sheet_hbond.range_2_label_asym_id 
_pdbx_struct_sheet_hbond.range_2_label_seq_id 
_pdbx_struct_sheet_hbond.range_2_PDB_ins_code 
_pdbx_struct_sheet_hbond.range_2_auth_atom_id 
_pdbx_struct_sheet_hbond.range_2_auth_comp_id 
_pdbx_struct_sheet_hbond.range_2_auth_asym_id 
_pdbx_struct_sheet_hbond.range_2_auth_seq_id 
A 1 2 N THR A 82  ? N THR A 62  O VAL A 162 ? O VAL A 142 
A 2 3 O TYR A 161 ? O TYR A 141 N ILE A 101 ? N ILE A 81  
A 3 4 N VAL A 100 ? N VAL A 80  O VAL A 115 ? O VAL A 95  
A 4 5 N VAL A 114 ? N VAL A 94  O TRP A 129 ? O TRP A 109 
A 5 6 N CYS A 130 ? N CYS A 110 O SER A 140 ? O SER A 120 
# 
loop_
_struct_site.id 
_struct_site.pdbx_evidence_code 
_struct_site.pdbx_auth_asym_id 
_struct_site.pdbx_auth_comp_id 
_struct_site.pdbx_auth_seq_id 
_struct_site.pdbx_auth_ins_code 
_struct_site.pdbx_num_residues 
_struct_site.details 
AC1 Software A FMT 201 ? 8  'BINDING SITE FOR RESIDUE FMT A 201' 
AC2 Software A FMT 202 ? 6  'BINDING SITE FOR RESIDUE FMT A 202' 
AC3 Software A FMT 203 ? 4  'BINDING SITE FOR RESIDUE FMT A 203' 
AC4 Software A FMT 204 ? 5  'BINDING SITE FOR RESIDUE FMT A 204' 
AC5 Software A FMT 205 ? 7  'BINDING SITE FOR RESIDUE FMT A 205' 
AC6 Software A FMT 206 ? 10 'BINDING SITE FOR RESIDUE FMT A 206' 
AC7 Software A FMT 207 ? 7  'BINDING SITE FOR RESIDUE FMT A 207' 
AC8 Software A FMT 208 ? 7  'BINDING SITE FOR RESIDUE FMT A 208' 
AC9 Software A FMT 209 ? 3  'BINDING SITE FOR RESIDUE FMT A 209' 
# 
loop_
_struct_site_gen.id 
_struct_site_gen.site_id 
_struct_site_gen.pdbx_num_res 
_struct_site_gen.label_comp_id 
_struct_site_gen.label_asym_id 
_struct_site_gen.label_seq_id 
_struct_site_gen.pdbx_auth_ins_code 
_struct_site_gen.auth_comp_id 
_struct_site_gen.auth_asym_id 
_struct_site_gen.auth_seq_id 
_struct_site_gen.label_atom_id 
_struct_site_gen.label_alt_id 
_struct_site_gen.symmetry 
_struct_site_gen.details 
1  AC1 8  LEU A 41  ? LEU A 21  . ? 4_545 ? 
2  AC1 8  GLY A 68  ? GLY A 48  . ? 4_545 ? 
3  AC1 8  ASN A 69  ? ASN A 49  . ? 4_545 ? 
4  AC1 8  ARG A 157 ? ARG A 137 . ? 1_555 ? 
5  AC1 8  FMT G .   ? FMT A 206 . ? 1_555 ? 
6  AC1 8  HOH K .   ? HOH A 313 . ? 4_545 ? 
7  AC1 8  HOH K .   ? HOH A 314 . ? 1_555 ? 
8  AC1 8  HOH K .   ? HOH A 404 . ? 4_545 ? 
9  AC2 6  SER A 80  ? SER A 60  . ? 1_555 ? 
10 AC2 6  TRP A 81  ? TRP A 61  . ? 1_555 ? 
11 AC2 6  TYR A 163 ? TYR A 143 . ? 1_555 ? 
12 AC2 6  SER A 164 ? SER A 144 . ? 1_555 ? 
13 AC2 6  HOH K .   ? HOH A 317 . ? 1_555 ? 
14 AC2 6  HOH K .   ? HOH A 471 . ? 1_555 ? 
15 AC3 4  LEU A 61  ? LEU A 41  . ? 1_555 ? 
16 AC3 4  GLY A 62  ? GLY A 42  . ? 1_555 ? 
17 AC3 4  VAL A 63  ? VAL A 43  . ? 1_555 ? 
18 AC3 4  SER A 167 ? SER A 147 . ? 1_555 ? 
19 AC4 5  TYR A 109 ? TYR A 89  . ? 3_555 ? 
20 AC4 5  GLY A 110 ? GLY A 90  . ? 3_555 ? 
21 AC4 5  PRO A 171 ? PRO A 151 . ? 1_555 ? 
22 AC4 5  HOH K .   ? HOH A 302 . ? 3_555 ? 
23 AC4 5  HOH K .   ? HOH A 463 . ? 1_555 ? 
24 AC5 7  ALA A 85  ? ALA A 65  . ? 1_555 ? 
25 AC5 7  SER A 86  ? SER A 66  . ? 1_555 ? 
26 AC5 7  LEU A 158 ? LEU A 138 . ? 1_555 ? 
27 AC5 7  TYR A 160 ? TYR A 140 . ? 1_555 ? 
28 AC5 7  HOH K .   ? HOH A 324 . ? 1_555 ? 
29 AC5 7  HOH K .   ? HOH A 375 . ? 1_555 ? 
30 AC5 7  HOH K .   ? HOH A 455 . ? 1_655 ? 
31 AC6 10 ASN A 69  ? ASN A 49  . ? 4_545 ? 
32 AC6 10 LEU A 104 ? LEU A 84  . ? 1_555 ? 
33 AC6 10 ARG A 157 ? ARG A 137 . ? 1_555 ? 
34 AC6 10 ASN A 159 ? ASN A 139 . ? 1_555 ? 
35 AC6 10 FMT B .   ? FMT A 201 . ? 1_555 ? 
36 AC6 10 HOH K .   ? HOH A 312 . ? 1_555 ? 
37 AC6 10 HOH K .   ? HOH A 320 . ? 1_555 ? 
38 AC6 10 HOH K .   ? HOH A 357 . ? 4_545 ? 
39 AC6 10 HOH K .   ? HOH A 362 . ? 1_555 ? 
40 AC6 10 HOH K .   ? HOH A 511 . ? 1_555 ? 
41 AC7 7  PRO A 66  ? PRO A 46  . ? 1_555 ? 
42 AC7 7  ARG A 67  ? ARG A 47  . ? 1_555 ? 
43 AC7 7  FMT J .   ? FMT A 209 . ? 1_555 ? 
44 AC7 7  HOH K .   ? HOH A 333 . ? 1_555 ? 
45 AC7 7  HOH K .   ? HOH A 385 . ? 1_555 ? 
46 AC7 7  HOH K .   ? HOH A 497 . ? 1_555 ? 
47 AC7 7  HOH K .   ? HOH A 537 . ? 1_555 ? 
48 AC8 7  ALA A 136 ? ALA A 116 . ? 1_555 ? 
49 AC8 7  LYS A 144 ? LYS A 124 . ? 1_555 ? 
50 AC8 7  LEU A 165 ? LEU A 145 . ? 3_545 ? 
51 AC8 7  ALA A 166 ? ALA A 146 . ? 3_545 ? 
52 AC8 7  HOH K .   ? HOH A 420 . ? 3_545 ? 
53 AC8 7  HOH K .   ? HOH A 423 . ? 1_555 ? 
54 AC8 7  HOH K .   ? HOH A 504 . ? 1_555 ? 
55 AC9 3  ARG A 67  ? ARG A 47  . ? 1_555 ? 
56 AC9 3  ARG A 172 ? ARG A 152 . ? 2_454 ? 
57 AC9 3  FMT H .   ? FMT A 207 . ? 1_555 ? 
# 
_pdbx_entry_details.entry_id                   3VPI 
_pdbx_entry_details.compound_details           ? 
_pdbx_entry_details.source_details             ? 
_pdbx_entry_details.nonpolymer_details         ? 
_pdbx_entry_details.sequence_details           ? 
_pdbx_entry_details.has_ligand_of_interest     ? 
_pdbx_entry_details.has_protein_modification   Y 
# 
loop_
_pdbx_validate_torsion.id 
_pdbx_validate_torsion.PDB_model_num 
_pdbx_validate_torsion.auth_comp_id 
_pdbx_validate_torsion.auth_asym_id 
_pdbx_validate_torsion.auth_seq_id 
_pdbx_validate_torsion.PDB_ins_code 
_pdbx_validate_torsion.label_alt_id 
_pdbx_validate_torsion.phi 
_pdbx_validate_torsion.psi 
1 1 LYS A 104 ? ? -144.54 -40.48 
2 1 GLN A 121 ? ? -102.52 51.46  
# 
loop_
_pdbx_struct_mod_residue.id 
_pdbx_struct_mod_residue.label_asym_id 
_pdbx_struct_mod_residue.label_comp_id 
_pdbx_struct_mod_residue.label_seq_id 
_pdbx_struct_mod_residue.auth_asym_id 
_pdbx_struct_mod_residue.auth_comp_id 
_pdbx_struct_mod_residue.auth_seq_id 
_pdbx_struct_mod_residue.PDB_ins_code 
_pdbx_struct_mod_residue.parent_comp_id 
_pdbx_struct_mod_residue.details 
1 A MSE 65  A MSE 45  ? MET SELENOMETHIONINE 
2 A MSE 73  A MSE 53  ? MET SELENOMETHIONINE 
3 A MSE 127 A MSE 107 ? MET SELENOMETHIONINE 
# 
loop_
_pdbx_unobs_or_zero_occ_residues.id 
_pdbx_unobs_or_zero_occ_residues.PDB_model_num 
_pdbx_unobs_or_zero_occ_residues.polymer_flag 
_pdbx_unobs_or_zero_occ_residues.occupancy_flag 
_pdbx_unobs_or_zero_occ_residues.auth_asym_id 
_pdbx_unobs_or_zero_occ_residues.auth_comp_id 
_pdbx_unobs_or_zero_occ_residues.auth_seq_id 
_pdbx_unobs_or_zero_occ_residues.PDB_ins_code 
_pdbx_unobs_or_zero_occ_residues.label_asym_id 
_pdbx_unobs_or_zero_occ_residues.label_comp_id 
_pdbx_unobs_or_zero_occ_residues.label_seq_id 
1  1 Y 1 A MSE -19 ? A MSE 1  
2  1 Y 1 A GLY -18 ? A GLY 2  
3  1 Y 1 A SER -17 ? A SER 3  
4  1 Y 1 A SER -16 ? A SER 4  
5  1 Y 1 A HIS -15 ? A HIS 5  
6  1 Y 1 A HIS -14 ? A HIS 6  
7  1 Y 1 A HIS -13 ? A HIS 7  
8  1 Y 1 A HIS -12 ? A HIS 8  
9  1 Y 1 A HIS -11 ? A HIS 9  
10 1 Y 1 A HIS -10 ? A HIS 10 
11 1 Y 1 A SER -9  ? A SER 11 
12 1 Y 1 A SER -8  ? A SER 12 
13 1 Y 1 A GLY -7  ? A GLY 13 
14 1 Y 1 A LEU -6  ? A LEU 14 
15 1 Y 1 A VAL -5  ? A VAL 15 
16 1 Y 1 A PRO -4  ? A PRO 16 
17 1 Y 1 A ARG -3  ? A ARG 17 
18 1 Y 1 A GLY -2  ? A GLY 18 
19 1 Y 1 A SER -1  ? A SER 19 
20 1 Y 1 A HIS 0   ? A HIS 20 
21 1 Y 1 A MSE 1   ? A MSE 21 
22 1 Y 1 A ASP 2   ? A ASP 22 
# 
loop_
_chem_comp_atom.comp_id 
_chem_comp_atom.atom_id 
_chem_comp_atom.type_symbol 
_chem_comp_atom.pdbx_aromatic_flag 
_chem_comp_atom.pdbx_stereo_config 
_chem_comp_atom.pdbx_ordinal 
ALA N    N  N N 1   
ALA CA   C  N S 2   
ALA C    C  N N 3   
ALA O    O  N N 4   
ALA CB   C  N N 5   
ALA OXT  O  N N 6   
ALA H    H  N N 7   
ALA H2   H  N N 8   
ALA HA   H  N N 9   
ALA HB1  H  N N 10  
ALA HB2  H  N N 11  
ALA HB3  H  N N 12  
ALA HXT  H  N N 13  
ARG N    N  N N 14  
ARG CA   C  N S 15  
ARG C    C  N N 16  
ARG O    O  N N 17  
ARG CB   C  N N 18  
ARG CG   C  N N 19  
ARG CD   C  N N 20  
ARG NE   N  N N 21  
ARG CZ   C  N N 22  
ARG NH1  N  N N 23  
ARG NH2  N  N N 24  
ARG OXT  O  N N 25  
ARG H    H  N N 26  
ARG H2   H  N N 27  
ARG HA   H  N N 28  
ARG HB2  H  N N 29  
ARG HB3  H  N N 30  
ARG HG2  H  N N 31  
ARG HG3  H  N N 32  
ARG HD2  H  N N 33  
ARG HD3  H  N N 34  
ARG HE   H  N N 35  
ARG HH11 H  N N 36  
ARG HH12 H  N N 37  
ARG HH21 H  N N 38  
ARG HH22 H  N N 39  
ARG HXT  H  N N 40  
ASN N    N  N N 41  
ASN CA   C  N S 42  
ASN C    C  N N 43  
ASN O    O  N N 44  
ASN CB   C  N N 45  
ASN CG   C  N N 46  
ASN OD1  O  N N 47  
ASN ND2  N  N N 48  
ASN OXT  O  N N 49  
ASN H    H  N N 50  
ASN H2   H  N N 51  
ASN HA   H  N N 52  
ASN HB2  H  N N 53  
ASN HB3  H  N N 54  
ASN HD21 H  N N 55  
ASN HD22 H  N N 56  
ASN HXT  H  N N 57  
ASP N    N  N N 58  
ASP CA   C  N S 59  
ASP C    C  N N 60  
ASP O    O  N N 61  
ASP CB   C  N N 62  
ASP CG   C  N N 63  
ASP OD1  O  N N 64  
ASP OD2  O  N N 65  
ASP OXT  O  N N 66  
ASP H    H  N N 67  
ASP H2   H  N N 68  
ASP HA   H  N N 69  
ASP HB2  H  N N 70  
ASP HB3  H  N N 71  
ASP HD2  H  N N 72  
ASP HXT  H  N N 73  
CYS N    N  N N 74  
CYS CA   C  N R 75  
CYS C    C  N N 76  
CYS O    O  N N 77  
CYS CB   C  N N 78  
CYS SG   S  N N 79  
CYS OXT  O  N N 80  
CYS H    H  N N 81  
CYS H2   H  N N 82  
CYS HA   H  N N 83  
CYS HB2  H  N N 84  
CYS HB3  H  N N 85  
CYS HG   H  N N 86  
CYS HXT  H  N N 87  
FMT C    C  N N 88  
FMT O1   O  N N 89  
FMT O2   O  N N 90  
FMT H    H  N N 91  
FMT HO2  H  N N 92  
GLN N    N  N N 93  
GLN CA   C  N S 94  
GLN C    C  N N 95  
GLN O    O  N N 96  
GLN CB   C  N N 97  
GLN CG   C  N N 98  
GLN CD   C  N N 99  
GLN OE1  O  N N 100 
GLN NE2  N  N N 101 
GLN OXT  O  N N 102 
GLN H    H  N N 103 
GLN H2   H  N N 104 
GLN HA   H  N N 105 
GLN HB2  H  N N 106 
GLN HB3  H  N N 107 
GLN HG2  H  N N 108 
GLN HG3  H  N N 109 
GLN HE21 H  N N 110 
GLN HE22 H  N N 111 
GLN HXT  H  N N 112 
GLU N    N  N N 113 
GLU CA   C  N S 114 
GLU C    C  N N 115 
GLU O    O  N N 116 
GLU CB   C  N N 117 
GLU CG   C  N N 118 
GLU CD   C  N N 119 
GLU OE1  O  N N 120 
GLU OE2  O  N N 121 
GLU OXT  O  N N 122 
GLU H    H  N N 123 
GLU H2   H  N N 124 
GLU HA   H  N N 125 
GLU HB2  H  N N 126 
GLU HB3  H  N N 127 
GLU HG2  H  N N 128 
GLU HG3  H  N N 129 
GLU HE2  H  N N 130 
GLU HXT  H  N N 131 
GLY N    N  N N 132 
GLY CA   C  N N 133 
GLY C    C  N N 134 
GLY O    O  N N 135 
GLY OXT  O  N N 136 
GLY H    H  N N 137 
GLY H2   H  N N 138 
GLY HA2  H  N N 139 
GLY HA3  H  N N 140 
GLY HXT  H  N N 141 
HIS N    N  N N 142 
HIS CA   C  N S 143 
HIS C    C  N N 144 
HIS O    O  N N 145 
HIS CB   C  N N 146 
HIS CG   C  Y N 147 
HIS ND1  N  Y N 148 
HIS CD2  C  Y N 149 
HIS CE1  C  Y N 150 
HIS NE2  N  Y N 151 
HIS OXT  O  N N 152 
HIS H    H  N N 153 
HIS H2   H  N N 154 
HIS HA   H  N N 155 
HIS HB2  H  N N 156 
HIS HB3  H  N N 157 
HIS HD1  H  N N 158 
HIS HD2  H  N N 159 
HIS HE1  H  N N 160 
HIS HE2  H  N N 161 
HIS HXT  H  N N 162 
HOH O    O  N N 163 
HOH H1   H  N N 164 
HOH H2   H  N N 165 
ILE N    N  N N 166 
ILE CA   C  N S 167 
ILE C    C  N N 168 
ILE O    O  N N 169 
ILE CB   C  N S 170 
ILE CG1  C  N N 171 
ILE CG2  C  N N 172 
ILE CD1  C  N N 173 
ILE OXT  O  N N 174 
ILE H    H  N N 175 
ILE H2   H  N N 176 
ILE HA   H  N N 177 
ILE HB   H  N N 178 
ILE HG12 H  N N 179 
ILE HG13 H  N N 180 
ILE HG21 H  N N 181 
ILE HG22 H  N N 182 
ILE HG23 H  N N 183 
ILE HD11 H  N N 184 
ILE HD12 H  N N 185 
ILE HD13 H  N N 186 
ILE HXT  H  N N 187 
LEU N    N  N N 188 
LEU CA   C  N S 189 
LEU C    C  N N 190 
LEU O    O  N N 191 
LEU CB   C  N N 192 
LEU CG   C  N N 193 
LEU CD1  C  N N 194 
LEU CD2  C  N N 195 
LEU OXT  O  N N 196 
LEU H    H  N N 197 
LEU H2   H  N N 198 
LEU HA   H  N N 199 
LEU HB2  H  N N 200 
LEU HB3  H  N N 201 
LEU HG   H  N N 202 
LEU HD11 H  N N 203 
LEU HD12 H  N N 204 
LEU HD13 H  N N 205 
LEU HD21 H  N N 206 
LEU HD22 H  N N 207 
LEU HD23 H  N N 208 
LEU HXT  H  N N 209 
LYS N    N  N N 210 
LYS CA   C  N S 211 
LYS C    C  N N 212 
LYS O    O  N N 213 
LYS CB   C  N N 214 
LYS CG   C  N N 215 
LYS CD   C  N N 216 
LYS CE   C  N N 217 
LYS NZ   N  N N 218 
LYS OXT  O  N N 219 
LYS H    H  N N 220 
LYS H2   H  N N 221 
LYS HA   H  N N 222 
LYS HB2  H  N N 223 
LYS HB3  H  N N 224 
LYS HG2  H  N N 225 
LYS HG3  H  N N 226 
LYS HD2  H  N N 227 
LYS HD3  H  N N 228 
LYS HE2  H  N N 229 
LYS HE3  H  N N 230 
LYS HZ1  H  N N 231 
LYS HZ2  H  N N 232 
LYS HZ3  H  N N 233 
LYS HXT  H  N N 234 
MSE N    N  N N 235 
MSE CA   C  N S 236 
MSE C    C  N N 237 
MSE O    O  N N 238 
MSE OXT  O  N N 239 
MSE CB   C  N N 240 
MSE CG   C  N N 241 
MSE SE   SE N N 242 
MSE CE   C  N N 243 
MSE H    H  N N 244 
MSE H2   H  N N 245 
MSE HA   H  N N 246 
MSE HXT  H  N N 247 
MSE HB2  H  N N 248 
MSE HB3  H  N N 249 
MSE HG2  H  N N 250 
MSE HG3  H  N N 251 
MSE HE1  H  N N 252 
MSE HE2  H  N N 253 
MSE HE3  H  N N 254 
PHE N    N  N N 255 
PHE CA   C  N S 256 
PHE C    C  N N 257 
PHE O    O  N N 258 
PHE CB   C  N N 259 
PHE CG   C  Y N 260 
PHE CD1  C  Y N 261 
PHE CD2  C  Y N 262 
PHE CE1  C  Y N 263 
PHE CE2  C  Y N 264 
PHE CZ   C  Y N 265 
PHE OXT  O  N N 266 
PHE H    H  N N 267 
PHE H2   H  N N 268 
PHE HA   H  N N 269 
PHE HB2  H  N N 270 
PHE HB3  H  N N 271 
PHE HD1  H  N N 272 
PHE HD2  H  N N 273 
PHE HE1  H  N N 274 
PHE HE2  H  N N 275 
PHE HZ   H  N N 276 
PHE HXT  H  N N 277 
PRO N    N  N N 278 
PRO CA   C  N S 279 
PRO C    C  N N 280 
PRO O    O  N N 281 
PRO CB   C  N N 282 
PRO CG   C  N N 283 
PRO CD   C  N N 284 
PRO OXT  O  N N 285 
PRO H    H  N N 286 
PRO HA   H  N N 287 
PRO HB2  H  N N 288 
PRO HB3  H  N N 289 
PRO HG2  H  N N 290 
PRO HG3  H  N N 291 
PRO HD2  H  N N 292 
PRO HD3  H  N N 293 
PRO HXT  H  N N 294 
SER N    N  N N 295 
SER CA   C  N S 296 
SER C    C  N N 297 
SER O    O  N N 298 
SER CB   C  N N 299 
SER OG   O  N N 300 
SER OXT  O  N N 301 
SER H    H  N N 302 
SER H2   H  N N 303 
SER HA   H  N N 304 
SER HB2  H  N N 305 
SER HB3  H  N N 306 
SER HG   H  N N 307 
SER HXT  H  N N 308 
THR N    N  N N 309 
THR CA   C  N S 310 
THR C    C  N N 311 
THR O    O  N N 312 
THR CB   C  N R 313 
THR OG1  O  N N 314 
THR CG2  C  N N 315 
THR OXT  O  N N 316 
THR H    H  N N 317 
THR H2   H  N N 318 
THR HA   H  N N 319 
THR HB   H  N N 320 
THR HG1  H  N N 321 
THR HG21 H  N N 322 
THR HG22 H  N N 323 
THR HG23 H  N N 324 
THR HXT  H  N N 325 
TRP N    N  N N 326 
TRP CA   C  N S 327 
TRP C    C  N N 328 
TRP O    O  N N 329 
TRP CB   C  N N 330 
TRP CG   C  Y N 331 
TRP CD1  C  Y N 332 
TRP CD2  C  Y N 333 
TRP NE1  N  Y N 334 
TRP CE2  C  Y N 335 
TRP CE3  C  Y N 336 
TRP CZ2  C  Y N 337 
TRP CZ3  C  Y N 338 
TRP CH2  C  Y N 339 
TRP OXT  O  N N 340 
TRP H    H  N N 341 
TRP H2   H  N N 342 
TRP HA   H  N N 343 
TRP HB2  H  N N 344 
TRP HB3  H  N N 345 
TRP HD1  H  N N 346 
TRP HE1  H  N N 347 
TRP HE3  H  N N 348 
TRP HZ2  H  N N 349 
TRP HZ3  H  N N 350 
TRP HH2  H  N N 351 
TRP HXT  H  N N 352 
TYR N    N  N N 353 
TYR CA   C  N S 354 
TYR C    C  N N 355 
TYR O    O  N N 356 
TYR CB   C  N N 357 
TYR CG   C  Y N 358 
TYR CD1  C  Y N 359 
TYR CD2  C  Y N 360 
TYR CE1  C  Y N 361 
TYR CE2  C  Y N 362 
TYR CZ   C  Y N 363 
TYR OH   O  N N 364 
TYR OXT  O  N N 365 
TYR H    H  N N 366 
TYR H2   H  N N 367 
TYR HA   H  N N 368 
TYR HB2  H  N N 369 
TYR HB3  H  N N 370 
TYR HD1  H  N N 371 
TYR HD2  H  N N 372 
TYR HE1  H  N N 373 
TYR HE2  H  N N 374 
TYR HH   H  N N 375 
TYR HXT  H  N N 376 
VAL N    N  N N 377 
VAL CA   C  N S 378 
VAL C    C  N N 379 
VAL O    O  N N 380 
VAL CB   C  N N 381 
VAL CG1  C  N N 382 
VAL CG2  C  N N 383 
VAL OXT  O  N N 384 
VAL H    H  N N 385 
VAL H2   H  N N 386 
VAL HA   H  N N 387 
VAL HB   H  N N 388 
VAL HG11 H  N N 389 
VAL HG12 H  N N 390 
VAL HG13 H  N N 391 
VAL HG21 H  N N 392 
VAL HG22 H  N N 393 
VAL HG23 H  N N 394 
VAL HXT  H  N N 395 
# 
loop_
_chem_comp_bond.comp_id 
_chem_comp_bond.atom_id_1 
_chem_comp_bond.atom_id_2 
_chem_comp_bond.value_order 
_chem_comp_bond.pdbx_aromatic_flag 
_chem_comp_bond.pdbx_stereo_config 
_chem_comp_bond.pdbx_ordinal 
ALA N   CA   sing N N 1   
ALA N   H    sing N N 2   
ALA N   H2   sing N N 3   
ALA CA  C    sing N N 4   
ALA CA  CB   sing N N 5   
ALA CA  HA   sing N N 6   
ALA C   O    doub N N 7   
ALA C   OXT  sing N N 8   
ALA CB  HB1  sing N N 9   
ALA CB  HB2  sing N N 10  
ALA CB  HB3  sing N N 11  
ALA OXT HXT  sing N N 12  
ARG N   CA   sing N N 13  
ARG N   H    sing N N 14  
ARG N   H2   sing N N 15  
ARG CA  C    sing N N 16  
ARG CA  CB   sing N N 17  
ARG CA  HA   sing N N 18  
ARG C   O    doub N N 19  
ARG C   OXT  sing N N 20  
ARG CB  CG   sing N N 21  
ARG CB  HB2  sing N N 22  
ARG CB  HB3  sing N N 23  
ARG CG  CD   sing N N 24  
ARG CG  HG2  sing N N 25  
ARG CG  HG3  sing N N 26  
ARG CD  NE   sing N N 27  
ARG CD  HD2  sing N N 28  
ARG CD  HD3  sing N N 29  
ARG NE  CZ   sing N N 30  
ARG NE  HE   sing N N 31  
ARG CZ  NH1  sing N N 32  
ARG CZ  NH2  doub N N 33  
ARG NH1 HH11 sing N N 34  
ARG NH1 HH12 sing N N 35  
ARG NH2 HH21 sing N N 36  
ARG NH2 HH22 sing N N 37  
ARG OXT HXT  sing N N 38  
ASN N   CA   sing N N 39  
ASN N   H    sing N N 40  
ASN N   H2   sing N N 41  
ASN CA  C    sing N N 42  
ASN CA  CB   sing N N 43  
ASN CA  HA   sing N N 44  
ASN C   O    doub N N 45  
ASN C   OXT  sing N N 46  
ASN CB  CG   sing N N 47  
ASN CB  HB2  sing N N 48  
ASN CB  HB3  sing N N 49  
ASN CG  OD1  doub N N 50  
ASN CG  ND2  sing N N 51  
ASN ND2 HD21 sing N N 52  
ASN ND2 HD22 sing N N 53  
ASN OXT HXT  sing N N 54  
ASP N   CA   sing N N 55  
ASP N   H    sing N N 56  
ASP N   H2   sing N N 57  
ASP CA  C    sing N N 58  
ASP CA  CB   sing N N 59  
ASP CA  HA   sing N N 60  
ASP C   O    doub N N 61  
ASP C   OXT  sing N N 62  
ASP CB  CG   sing N N 63  
ASP CB  HB2  sing N N 64  
ASP CB  HB3  sing N N 65  
ASP CG  OD1  doub N N 66  
ASP CG  OD2  sing N N 67  
ASP OD2 HD2  sing N N 68  
ASP OXT HXT  sing N N 69  
CYS N   CA   sing N N 70  
CYS N   H    sing N N 71  
CYS N   H2   sing N N 72  
CYS CA  C    sing N N 73  
CYS CA  CB   sing N N 74  
CYS CA  HA   sing N N 75  
CYS C   O    doub N N 76  
CYS C   OXT  sing N N 77  
CYS CB  SG   sing N N 78  
CYS CB  HB2  sing N N 79  
CYS CB  HB3  sing N N 80  
CYS SG  HG   sing N N 81  
CYS OXT HXT  sing N N 82  
FMT C   O1   doub N N 83  
FMT C   O2   sing N N 84  
FMT C   H    sing N N 85  
FMT O2  HO2  sing N N 86  
GLN N   CA   sing N N 87  
GLN N   H    sing N N 88  
GLN N   H2   sing N N 89  
GLN CA  C    sing N N 90  
GLN CA  CB   sing N N 91  
GLN CA  HA   sing N N 92  
GLN C   O    doub N N 93  
GLN C   OXT  sing N N 94  
GLN CB  CG   sing N N 95  
GLN CB  HB2  sing N N 96  
GLN CB  HB3  sing N N 97  
GLN CG  CD   sing N N 98  
GLN CG  HG2  sing N N 99  
GLN CG  HG3  sing N N 100 
GLN CD  OE1  doub N N 101 
GLN CD  NE2  sing N N 102 
GLN NE2 HE21 sing N N 103 
GLN NE2 HE22 sing N N 104 
GLN OXT HXT  sing N N 105 
GLU N   CA   sing N N 106 
GLU N   H    sing N N 107 
GLU N   H2   sing N N 108 
GLU CA  C    sing N N 109 
GLU CA  CB   sing N N 110 
GLU CA  HA   sing N N 111 
GLU C   O    doub N N 112 
GLU C   OXT  sing N N 113 
GLU CB  CG   sing N N 114 
GLU CB  HB2  sing N N 115 
GLU CB  HB3  sing N N 116 
GLU CG  CD   sing N N 117 
GLU CG  HG2  sing N N 118 
GLU CG  HG3  sing N N 119 
GLU CD  OE1  doub N N 120 
GLU CD  OE2  sing N N 121 
GLU OE2 HE2  sing N N 122 
GLU OXT HXT  sing N N 123 
GLY N   CA   sing N N 124 
GLY N   H    sing N N 125 
GLY N   H2   sing N N 126 
GLY CA  C    sing N N 127 
GLY CA  HA2  sing N N 128 
GLY CA  HA3  sing N N 129 
GLY C   O    doub N N 130 
GLY C   OXT  sing N N 131 
GLY OXT HXT  sing N N 132 
HIS N   CA   sing N N 133 
HIS N   H    sing N N 134 
HIS N   H2   sing N N 135 
HIS CA  C    sing N N 136 
HIS CA  CB   sing N N 137 
HIS CA  HA   sing N N 138 
HIS C   O    doub N N 139 
HIS C   OXT  sing N N 140 
HIS CB  CG   sing N N 141 
HIS CB  HB2  sing N N 142 
HIS CB  HB3  sing N N 143 
HIS CG  ND1  sing Y N 144 
HIS CG  CD2  doub Y N 145 
HIS ND1 CE1  doub Y N 146 
HIS ND1 HD1  sing N N 147 
HIS CD2 NE2  sing Y N 148 
HIS CD2 HD2  sing N N 149 
HIS CE1 NE2  sing Y N 150 
HIS CE1 HE1  sing N N 151 
HIS NE2 HE2  sing N N 152 
HIS OXT HXT  sing N N 153 
HOH O   H1   sing N N 154 
HOH O   H2   sing N N 155 
ILE N   CA   sing N N 156 
ILE N   H    sing N N 157 
ILE N   H2   sing N N 158 
ILE CA  C    sing N N 159 
ILE CA  CB   sing N N 160 
ILE CA  HA   sing N N 161 
ILE C   O    doub N N 162 
ILE C   OXT  sing N N 163 
ILE CB  CG1  sing N N 164 
ILE CB  CG2  sing N N 165 
ILE CB  HB   sing N N 166 
ILE CG1 CD1  sing N N 167 
ILE CG1 HG12 sing N N 168 
ILE CG1 HG13 sing N N 169 
ILE CG2 HG21 sing N N 170 
ILE CG2 HG22 sing N N 171 
ILE CG2 HG23 sing N N 172 
ILE CD1 HD11 sing N N 173 
ILE CD1 HD12 sing N N 174 
ILE CD1 HD13 sing N N 175 
ILE OXT HXT  sing N N 176 
LEU N   CA   sing N N 177 
LEU N   H    sing N N 178 
LEU N   H2   sing N N 179 
LEU CA  C    sing N N 180 
LEU CA  CB   sing N N 181 
LEU CA  HA   sing N N 182 
LEU C   O    doub N N 183 
LEU C   OXT  sing N N 184 
LEU CB  CG   sing N N 185 
LEU CB  HB2  sing N N 186 
LEU CB  HB3  sing N N 187 
LEU CG  CD1  sing N N 188 
LEU CG  CD2  sing N N 189 
LEU CG  HG   sing N N 190 
LEU CD1 HD11 sing N N 191 
LEU CD1 HD12 sing N N 192 
LEU CD1 HD13 sing N N 193 
LEU CD2 HD21 sing N N 194 
LEU CD2 HD22 sing N N 195 
LEU CD2 HD23 sing N N 196 
LEU OXT HXT  sing N N 197 
LYS N   CA   sing N N 198 
LYS N   H    sing N N 199 
LYS N   H2   sing N N 200 
LYS CA  C    sing N N 201 
LYS CA  CB   sing N N 202 
LYS CA  HA   sing N N 203 
LYS C   O    doub N N 204 
LYS C   OXT  sing N N 205 
LYS CB  CG   sing N N 206 
LYS CB  HB2  sing N N 207 
LYS CB  HB3  sing N N 208 
LYS CG  CD   sing N N 209 
LYS CG  HG2  sing N N 210 
LYS CG  HG3  sing N N 211 
LYS CD  CE   sing N N 212 
LYS CD  HD2  sing N N 213 
LYS CD  HD3  sing N N 214 
LYS CE  NZ   sing N N 215 
LYS CE  HE2  sing N N 216 
LYS CE  HE3  sing N N 217 
LYS NZ  HZ1  sing N N 218 
LYS NZ  HZ2  sing N N 219 
LYS NZ  HZ3  sing N N 220 
LYS OXT HXT  sing N N 221 
MSE N   CA   sing N N 222 
MSE N   H    sing N N 223 
MSE N   H2   sing N N 224 
MSE CA  C    sing N N 225 
MSE CA  CB   sing N N 226 
MSE CA  HA   sing N N 227 
MSE C   O    doub N N 228 
MSE C   OXT  sing N N 229 
MSE OXT HXT  sing N N 230 
MSE CB  CG   sing N N 231 
MSE CB  HB2  sing N N 232 
MSE CB  HB3  sing N N 233 
MSE CG  SE   sing N N 234 
MSE CG  HG2  sing N N 235 
MSE CG  HG3  sing N N 236 
MSE SE  CE   sing N N 237 
MSE CE  HE1  sing N N 238 
MSE CE  HE2  sing N N 239 
MSE CE  HE3  sing N N 240 
PHE N   CA   sing N N 241 
PHE N   H    sing N N 242 
PHE N   H2   sing N N 243 
PHE CA  C    sing N N 244 
PHE CA  CB   sing N N 245 
PHE CA  HA   sing N N 246 
PHE C   O    doub N N 247 
PHE C   OXT  sing N N 248 
PHE CB  CG   sing N N 249 
PHE CB  HB2  sing N N 250 
PHE CB  HB3  sing N N 251 
PHE CG  CD1  doub Y N 252 
PHE CG  CD2  sing Y N 253 
PHE CD1 CE1  sing Y N 254 
PHE CD1 HD1  sing N N 255 
PHE CD2 CE2  doub Y N 256 
PHE CD2 HD2  sing N N 257 
PHE CE1 CZ   doub Y N 258 
PHE CE1 HE1  sing N N 259 
PHE CE2 CZ   sing Y N 260 
PHE CE2 HE2  sing N N 261 
PHE CZ  HZ   sing N N 262 
PHE OXT HXT  sing N N 263 
PRO N   CA   sing N N 264 
PRO N   CD   sing N N 265 
PRO N   H    sing N N 266 
PRO CA  C    sing N N 267 
PRO CA  CB   sing N N 268 
PRO CA  HA   sing N N 269 
PRO C   O    doub N N 270 
PRO C   OXT  sing N N 271 
PRO CB  CG   sing N N 272 
PRO CB  HB2  sing N N 273 
PRO CB  HB3  sing N N 274 
PRO CG  CD   sing N N 275 
PRO CG  HG2  sing N N 276 
PRO CG  HG3  sing N N 277 
PRO CD  HD2  sing N N 278 
PRO CD  HD3  sing N N 279 
PRO OXT HXT  sing N N 280 
SER N   CA   sing N N 281 
SER N   H    sing N N 282 
SER N   H2   sing N N 283 
SER CA  C    sing N N 284 
SER CA  CB   sing N N 285 
SER CA  HA   sing N N 286 
SER C   O    doub N N 287 
SER C   OXT  sing N N 288 
SER CB  OG   sing N N 289 
SER CB  HB2  sing N N 290 
SER CB  HB3  sing N N 291 
SER OG  HG   sing N N 292 
SER OXT HXT  sing N N 293 
THR N   CA   sing N N 294 
THR N   H    sing N N 295 
THR N   H2   sing N N 296 
THR CA  C    sing N N 297 
THR CA  CB   sing N N 298 
THR CA  HA   sing N N 299 
THR C   O    doub N N 300 
THR C   OXT  sing N N 301 
THR CB  OG1  sing N N 302 
THR CB  CG2  sing N N 303 
THR CB  HB   sing N N 304 
THR OG1 HG1  sing N N 305 
THR CG2 HG21 sing N N 306 
THR CG2 HG22 sing N N 307 
THR CG2 HG23 sing N N 308 
THR OXT HXT  sing N N 309 
TRP N   CA   sing N N 310 
TRP N   H    sing N N 311 
TRP N   H2   sing N N 312 
TRP CA  C    sing N N 313 
TRP CA  CB   sing N N 314 
TRP CA  HA   sing N N 315 
TRP C   O    doub N N 316 
TRP C   OXT  sing N N 317 
TRP CB  CG   sing N N 318 
TRP CB  HB2  sing N N 319 
TRP CB  HB3  sing N N 320 
TRP CG  CD1  doub Y N 321 
TRP CG  CD2  sing Y N 322 
TRP CD1 NE1  sing Y N 323 
TRP CD1 HD1  sing N N 324 
TRP CD2 CE2  doub Y N 325 
TRP CD2 CE3  sing Y N 326 
TRP NE1 CE2  sing Y N 327 
TRP NE1 HE1  sing N N 328 
TRP CE2 CZ2  sing Y N 329 
TRP CE3 CZ3  doub Y N 330 
TRP CE3 HE3  sing N N 331 
TRP CZ2 CH2  doub Y N 332 
TRP CZ2 HZ2  sing N N 333 
TRP CZ3 CH2  sing Y N 334 
TRP CZ3 HZ3  sing N N 335 
TRP CH2 HH2  sing N N 336 
TRP OXT HXT  sing N N 337 
TYR N   CA   sing N N 338 
TYR N   H    sing N N 339 
TYR N   H2   sing N N 340 
TYR CA  C    sing N N 341 
TYR CA  CB   sing N N 342 
TYR CA  HA   sing N N 343 
TYR C   O    doub N N 344 
TYR C   OXT  sing N N 345 
TYR CB  CG   sing N N 346 
TYR CB  HB2  sing N N 347 
TYR CB  HB3  sing N N 348 
TYR CG  CD1  doub Y N 349 
TYR CG  CD2  sing Y N 350 
TYR CD1 CE1  sing Y N 351 
TYR CD1 HD1  sing N N 352 
TYR CD2 CE2  doub Y N 353 
TYR CD2 HD2  sing N N 354 
TYR CE1 CZ   doub Y N 355 
TYR CE1 HE1  sing N N 356 
TYR CE2 CZ   sing Y N 357 
TYR CE2 HE2  sing N N 358 
TYR CZ  OH   sing N N 359 
TYR OH  HH   sing N N 360 
TYR OXT HXT  sing N N 361 
VAL N   CA   sing N N 362 
VAL N   H    sing N N 363 
VAL N   H2   sing N N 364 
VAL CA  C    sing N N 365 
VAL CA  CB   sing N N 366 
VAL CA  HA   sing N N 367 
VAL C   O    doub N N 368 
VAL C   OXT  sing N N 369 
VAL CB  CG1  sing N N 370 
VAL CB  CG2  sing N N 371 
VAL CB  HB   sing N N 372 
VAL CG1 HG11 sing N N 373 
VAL CG1 HG12 sing N N 374 
VAL CG1 HG13 sing N N 375 
VAL CG2 HG21 sing N N 376 
VAL CG2 HG22 sing N N 377 
VAL CG2 HG23 sing N N 378 
VAL OXT HXT  sing N N 379 
# 
_atom_sites.entry_id                    3VPI 
_atom_sites.fract_transf_matrix[1][1]   -0.00076298 
_atom_sites.fract_transf_matrix[1][2]   0.02309886 
_atom_sites.fract_transf_matrix[1][3]   0.01192797 
_atom_sites.fract_transf_matrix[2][1]   -0.00385958 
_atom_sites.fract_transf_matrix[2][2]   0.00688779 
_atom_sites.fract_transf_matrix[2][3]   -0.01358530 
_atom_sites.fract_transf_matrix[3][1]   -0.01313952 
_atom_sites.fract_transf_matrix[3][2]   -0.00187164 
_atom_sites.fract_transf_matrix[3][3]   0.00278401 
_atom_sites.fract_transf_vector[1]      -0.001770 
_atom_sites.fract_transf_vector[2]      -0.183558 
_atom_sites.fract_transf_vector[3]      0.184556 
# 
loop_
_atom_type.symbol 
C  
N  
O  
S  
SE 
# 
loop_
_atom_site.group_PDB 
_atom_site.id 
_atom_site.type_symbol 
_atom_site.label_atom_id 
_atom_site.label_alt_id 
_atom_site.label_comp_id 
_atom_site.label_asym_id 
_atom_site.label_entity_id 
_atom_site.label_seq_id 
_atom_site.pdbx_PDB_ins_code 
_atom_site.Cartn_x 
_atom_site.Cartn_y 
_atom_site.Cartn_z 
_atom_site.occupancy 
_atom_site.B_iso_or_equiv 
_atom_site.pdbx_formal_charge 
_atom_site.auth_seq_id 
_atom_site.auth_comp_id 
_atom_site.auth_asym_id 
_atom_site.auth_atom_id 
_atom_site.pdbx_PDB_model_num 
ATOM   1    N  N   . SER A 1 23  ? -17.539 3.463   -3.922  1.00 48.38 ? 3   SER A N   1 
ATOM   2    C  CA  . SER A 1 23  ? -16.761 3.115   -2.736  1.00 32.01 ? 3   SER A CA  1 
ATOM   3    C  C   . SER A 1 23  ? -15.791 4.212   -2.290  1.00 32.85 ? 3   SER A C   1 
ATOM   4    O  O   . SER A 1 23  ? -15.850 4.644   -1.137  1.00 45.76 ? 3   SER A O   1 
ATOM   5    C  CB  . SER A 1 23  ? -16.050 1.763   -2.910  1.00 35.86 ? 3   SER A CB  1 
ATOM   6    O  OG  . SER A 1 23  ? -15.851 1.453   -4.278  1.00 20.48 ? 3   SER A OG  1 
ATOM   7    N  N   . LEU A 1 24  ? -14.899 4.676   -3.165  1.00 24.64 ? 4   LEU A N   1 
ATOM   8    C  CA  . LEU A 1 24  ? -14.729 4.203   -4.536  1.00 19.70 ? 4   LEU A CA  1 
ATOM   9    C  C   . LEU A 1 24  ? -13.406 3.456   -4.665  1.00 13.26 ? 4   LEU A C   1 
ATOM   10   O  O   . LEU A 1 24  ? -12.757 3.514   -5.714  1.00 18.79 ? 4   LEU A O   1 
ATOM   11   C  CB  . LEU A 1 24  ? -14.687 5.405   -5.478  1.00 18.55 ? 4   LEU A CB  1 
ATOM   12   C  CG  . LEU A 1 24  ? -15.960 6.247   -5.596  1.00 17.30 ? 4   LEU A CG  1 
ATOM   13   C  CD1 . LEU A 1 24  ? -15.615 7.678   -5.978  1.00 19.29 ? 4   LEU A CD1 1 
ATOM   14   C  CD2 . LEU A 1 24  ? -16.908 5.617   -6.602  1.00 19.75 ? 4   LEU A CD2 1 
ATOM   15   N  N   . ASP A 1 25  ? -12.993 2.772   -3.604  1.00 12.70 ? 5   ASP A N   1 
ATOM   16   C  CA  . ASP A 1 25  ? -11.717 2.060   -3.646  1.00 11.96 ? 5   ASP A CA  1 
ATOM   17   C  C   . ASP A 1 25  ? -11.894 0.574   -3.942  1.00 14.96 ? 5   ASP A C   1 
ATOM   18   O  O   . ASP A 1 25  ? -10.969 -0.210  -3.778  1.00 11.97 ? 5   ASP A O   1 
ATOM   19   C  CB  . ASP A 1 25  ? -10.924 2.267   -2.349  1.00 13.01 ? 5   ASP A CB  1 
ATOM   20   C  CG  . ASP A 1 25  ? -11.604 1.646   -1.141  1.00 18.39 ? 5   ASP A CG  1 
ATOM   21   O  OD1 . ASP A 1 25  ? -12.821 1.358   -1.216  1.00 22.10 ? 5   ASP A OD1 1 
ATOM   22   O  OD2 . ASP A 1 25  ? -10.924 1.444   -0.109  1.00 18.44 ? 5   ASP A OD2 1 
ATOM   23   N  N   . GLN A 1 26  ? -13.073 0.175   -4.398  1.00 12.50 ? 6   GLN A N   1 
ATOM   24   C  CA  . GLN A 1 26  ? -13.303 -1.247  -4.595  1.00 15.14 ? 6   GLN A CA  1 
ATOM   25   C  C   . GLN A 1 26  ? -12.294 -1.887  -5.555  1.00 11.86 ? 6   GLN A C   1 
ATOM   26   O  O   . GLN A 1 26  ? -11.885 -3.017  -5.327  1.00 13.63 ? 6   GLN A O   1 
ATOM   27   C  CB  . GLN A 1 26  ? -14.738 -1.542  -5.048  1.00 19.62 ? 6   GLN A CB  1 
ATOM   28   C  CG  . GLN A 1 26  ? -15.075 -3.033  -5.014  1.00 20.66 ? 6   GLN A CG  1 
ATOM   29   C  CD  . GLN A 1 26  ? -14.995 -3.617  -3.611  1.00 19.34 ? 6   GLN A CD  1 
ATOM   30   O  OE1 . GLN A 1 26  ? -15.549 -3.061  -2.663  1.00 31.11 ? 6   GLN A OE1 1 
ATOM   31   N  NE2 . GLN A 1 26  ? -14.288 -4.737  -3.469  1.00 22.23 ? 6   GLN A NE2 1 
ATOM   32   N  N   . CYS A 1 27  ? -11.895 -1.188  -6.615  1.00 11.49 ? 7   CYS A N   1 
ATOM   33   C  CA  . CYS A 1 27  ? -10.957 -1.762  -7.579  1.00 13.88 ? 7   CYS A CA  1 
ATOM   34   C  C   . CYS A 1 27  ? -9.617  -2.026  -6.896  1.00 15.39 ? 7   CYS A C   1 
ATOM   35   O  O   . CYS A 1 27  ? -8.925  -3.007  -7.205  1.00 12.05 ? 7   CYS A O   1 
ATOM   36   C  CB  . CYS A 1 27  ? -10.745 -0.862  -8.808  1.00 14.16 ? 7   CYS A CB  1 
ATOM   37   S  SG  A CYS A 1 27  ? -12.125 -0.672  -9.958  0.39 19.25 ? 7   CYS A SG  1 
ATOM   38   S  SG  B CYS A 1 27  ? -9.686  0.575   -8.573  0.61 15.25 ? 7   CYS A SG  1 
ATOM   39   N  N   . ILE A 1 28  ? -9.262  -1.146  -5.960  1.00 9.81  ? 8   ILE A N   1 
ATOM   40   C  CA  . ILE A 1 28  ? -8.003  -1.288  -5.239  1.00 9.95  ? 8   ILE A CA  1 
ATOM   41   C  C   . ILE A 1 28  ? -8.087  -2.456  -4.274  1.00 9.86  ? 8   ILE A C   1 
ATOM   42   O  O   . ILE A 1 28  ? -7.190  -3.297  -4.237  1.00 8.69  ? 8   ILE A O   1 
ATOM   43   C  CB  . ILE A 1 28  ? -7.612  0.014   -4.525  1.00 9.49  ? 8   ILE A CB  1 
ATOM   44   C  CG1 . ILE A 1 28  ? -7.310  1.088   -5.577  1.00 10.60 ? 8   ILE A CG1 1 
ATOM   45   C  CG2 . ILE A 1 28  ? -6.399  -0.209  -3.606  1.00 10.01 ? 8   ILE A CG2 1 
ATOM   46   C  CD1 . ILE A 1 28  ? -7.444  2.501   -5.075  1.00 13.28 ? 8   ILE A CD1 1 
ATOM   47   N  N   . VAL A 1 29  ? -9.184  -2.543  -3.525  1.00 9.69  ? 9   VAL A N   1 
ATOM   48   C  CA  . VAL A 1 29  ? -9.386  -3.689  -2.650  1.00 8.19  ? 9   VAL A CA  1 
ATOM   49   C  C   . VAL A 1 29  ? -9.367  -5.007  -3.442  1.00 8.22  ? 9   VAL A C   1 
ATOM   50   O  O   . VAL A 1 29  ? -8.753  -5.985  -3.024  1.00 9.27  ? 9   VAL A O   1 
ATOM   51   C  CB  . VAL A 1 29  ? -10.693 -3.564  -1.845  1.00 8.96  ? 9   VAL A CB  1 
ATOM   52   C  CG1 . VAL A 1 29  ? -10.957 -4.841  -1.089  1.00 12.74 ? 9   VAL A CG1 1 
ATOM   53   C  CG2 . VAL A 1 29  ? -10.593 -2.389  -0.877  1.00 13.60 ? 9   VAL A CG2 1 
ATOM   54   N  N   . ASN A 1 30  ? -10.024 -5.016  -4.597  1.00 10.00 ? 10  ASN A N   1 
ATOM   55   C  CA  . ASN A 1 30  ? -10.024 -6.192  -5.453  1.00 11.05 ? 10  ASN A CA  1 
ATOM   56   C  C   . ASN A 1 30  ? -8.612  -6.569  -5.871  1.00 10.19 ? 10  ASN A C   1 
ATOM   57   O  O   . ASN A 1 30  ? -8.249  -7.744  -5.837  1.00 10.33 ? 10  ASN A O   1 
ATOM   58   C  CB  . ASN A 1 30  ? -10.893 -5.979  -6.694  1.00 11.54 ? 10  ASN A CB  1 
ATOM   59   C  CG  . ASN A 1 30  ? -12.374 -6.000  -6.383  1.00 13.16 ? 10  ASN A CG  1 
ATOM   60   O  OD1 . ASN A 1 30  ? -12.788 -6.372  -5.289  1.00 15.42 ? 10  ASN A OD1 1 
ATOM   61   N  ND2 . ASN A 1 30  ? -13.181 -5.606  -7.358  1.00 17.02 ? 10  ASN A ND2 1 
ATOM   62   N  N   . ALA A 1 31  ? -7.816  -5.568  -6.254  1.00 9.61  ? 11  ALA A N   1 
ATOM   63   C  CA  . ALA A 1 31  ? -6.445  -5.817  -6.680  1.00 9.72  ? 11  ALA A CA  1 
ATOM   64   C  C   . ALA A 1 31  ? -5.613  -6.361  -5.518  1.00 9.21  ? 11  ALA A C   1 
ATOM   65   O  O   . ALA A 1 31  ? -4.767  -7.229  -5.705  1.00 9.13  ? 11  ALA A O   1 
ATOM   66   C  CB  . ALA A 1 31  ? -5.821  -4.548  -7.254  1.00 8.88  ? 11  ALA A CB  1 
ATOM   67   N  N   . CYS A 1 32  ? -5.865  -5.861  -4.314  1.00 8.46  ? 12  CYS A N   1 
ATOM   68   C  CA  . CYS A 1 32  ? -5.183  -6.390  -3.129  1.00 7.28  ? 12  CYS A CA  1 
ATOM   69   C  C   . CYS A 1 32  ? -5.520  -7.870  -2.916  1.00 8.22  ? 12  CYS A C   1 
ATOM   70   O  O   . CYS A 1 32  ? -4.623  -8.717  -2.742  1.00 8.40  ? 12  CYS A O   1 
ATOM   71   C  CB  . CYS A 1 32  ? -5.538  -5.554  -1.897  1.00 6.73  ? 12  CYS A CB  1 
ATOM   72   S  SG  . CYS A 1 32  ? -4.771  -3.898  -1.887  1.00 6.57  ? 12  CYS A SG  1 
ATOM   73   N  N   . LYS A 1 33  ? -6.815  -8.184  -2.958  1.00 8.53  ? 13  LYS A N   1 
ATOM   74   C  CA  . LYS A 1 33  ? -7.252  -9.560  -2.753  1.00 10.15 ? 13  LYS A CA  1 
ATOM   75   C  C   . LYS A 1 33  ? -6.648  -10.478 -3.805  1.00 11.36 ? 13  LYS A C   1 
ATOM   76   O  O   . LYS A 1 33  ? -6.175  -11.569 -3.490  1.00 12.29 ? 13  LYS A O   1 
ATOM   77   C  CB  . LYS A 1 33  ? -8.781  -9.666  -2.795  1.00 10.65 ? 13  LYS A CB  1 
ATOM   78   C  CG  . LYS A 1 33  ? -9.483  -8.968  -1.663  1.00 14.55 ? 13  LYS A CG  1 
ATOM   79   C  CD  . LYS A 1 33  ? -10.993 -9.154  -1.758  1.00 18.29 ? 13  LYS A CD  1 
ATOM   80   C  CE  . LYS A 1 33  ? -11.697 -8.424  -0.630  1.00 30.42 ? 13  LYS A CE  1 
ATOM   81   N  NZ  . LYS A 1 33  ? -11.337 -8.984  0.705   1.00 47.80 ? 13  LYS A NZ  1 
ATOM   82   N  N   . ASN A 1 34  ? -6.665  -10.031 -5.055  1.00 9.99  ? 14  ASN A N   1 
ATOM   83   C  CA  . ASN A 1 34  ? -6.138  -10.829 -6.158  1.00 11.28 ? 14  ASN A CA  1 
ATOM   84   C  C   . ASN A 1 34  ? -4.631  -11.022 -6.047  1.00 12.79 ? 14  ASN A C   1 
ATOM   85   O  O   . ASN A 1 34  ? -4.092  -12.055 -6.447  1.00 15.22 ? 14  ASN A O   1 
ATOM   86   C  CB  . ASN A 1 34  ? -6.461  -10.187 -7.508  1.00 11.50 ? 14  ASN A CB  1 
ATOM   87   C  CG  . ASN A 1 34  ? -7.928  -10.274 -7.866  1.00 22.76 ? 14  ASN A CG  1 
ATOM   88   O  OD1 . ASN A 1 34  ? -8.663  -11.124 -7.355  1.00 21.81 ? 14  ASN A OD1 1 
ATOM   89   N  ND2 . ASN A 1 34  ? -8.363  -9.394  -8.762  1.00 16.01 ? 14  ASN A ND2 1 
ATOM   90   N  N   . SER A 1 35  ? -3.950  -10.021 -5.503  1.00 9.48  ? 15  SER A N   1 
ATOM   91   C  CA  . SER A 1 35  ? -2.492  -10.035 -5.447  1.00 9.78  ? 15  SER A CA  1 
ATOM   92   C  C   . SER A 1 35  ? -1.961  -10.849 -4.280  1.00 8.70  ? 15  SER A C   1 
ATOM   93   O  O   . SER A 1 35  ? -0.817  -11.307 -4.309  1.00 9.43  ? 15  SER A O   1 
ATOM   94   C  CB  . SER A 1 35  ? -1.960  -8.607  -5.383  1.00 7.70  ? 15  SER A CB  1 
ATOM   95   O  OG  . SER A 1 35  ? -2.275  -7.922  -6.589  1.00 11.32 ? 15  SER A OG  1 
ATOM   96   N  N   . TRP A 1 36  ? -2.796  -11.034 -3.263  1.00 10.77 ? 16  TRP A N   1 
ATOM   97   C  CA  . TRP A 1 36  ? -2.384  -11.757 -2.062  1.00 9.24  ? 16  TRP A CA  1 
ATOM   98   C  C   . TRP A 1 36  ? -1.743  -13.127 -2.351  1.00 14.79 ? 16  TRP A C   1 
ATOM   99   O  O   . TRP A 1 36  ? -0.702  -13.451 -1.792  1.00 14.39 ? 16  TRP A O   1 
ATOM   100  C  CB  . TRP A 1 36  ? -3.568  -11.909 -1.099  1.00 9.41  ? 16  TRP A CB  1 
ATOM   101  C  CG  . TRP A 1 36  ? -3.146  -12.405 0.240   1.00 8.60  ? 16  TRP A CG  1 
ATOM   102  C  CD1 . TRP A 1 36  ? -3.311  -13.666 0.748   1.00 15.06 ? 16  TRP A CD1 1 
ATOM   103  C  CD2 . TRP A 1 36  ? -2.454  -11.655 1.247   1.00 8.96  ? 16  TRP A CD2 1 
ATOM   104  N  NE1 . TRP A 1 36  ? -2.774  -13.737 2.011   1.00 16.57 ? 16  TRP A NE1 1 
ATOM   105  C  CE2 . TRP A 1 36  ? -2.243  -12.515 2.341   1.00 13.29 ? 16  TRP A CE2 1 
ATOM   106  C  CE3 . TRP A 1 36  ? -1.997  -10.331 1.326   1.00 12.01 ? 16  TRP A CE3 1 
ATOM   107  C  CZ2 . TRP A 1 36  ? -1.594  -12.099 3.507   1.00 13.80 ? 16  TRP A CZ2 1 
ATOM   108  C  CZ3 . TRP A 1 36  ? -1.357  -9.918  2.484   1.00 14.01 ? 16  TRP A CZ3 1 
ATOM   109  C  CH2 . TRP A 1 36  ? -1.162  -10.797 3.557   1.00 14.12 ? 16  TRP A CH2 1 
ATOM   110  N  N   . ASP A 1 37  ? -2.343  -13.908 -3.245  1.00 16.72 ? 17  ASP A N   1 
ATOM   111  C  CA  . ASP A 1 37  ? -1.840  -15.258 -3.513  1.00 21.41 ? 17  ASP A CA  1 
ATOM   112  C  C   . ASP A 1 37  ? -0.945  -15.360 -4.749  1.00 17.27 ? 17  ASP A C   1 
ATOM   113  O  O   . ASP A 1 37  ? -0.498  -16.449 -5.105  1.00 18.50 ? 17  ASP A O   1 
ATOM   114  C  CB  . ASP A 1 37  ? -2.991  -16.263 -3.608  1.00 27.96 ? 17  ASP A CB  1 
ATOM   115  C  CG  . ASP A 1 37  ? -3.848  -16.287 -2.357  1.00 22.41 ? 17  ASP A CG  1 
ATOM   116  O  OD1 . ASP A 1 37  ? -3.339  -16.697 -1.290  1.00 26.28 ? 17  ASP A OD1 1 
ATOM   117  O  OD2 . ASP A 1 37  ? -5.029  -15.894 -2.453  1.00 33.84 ? 17  ASP A OD2 1 
ATOM   118  N  N   . LYS A 1 38  ? -0.672  -14.234 -5.396  1.00 9.72  ? 18  LYS A N   1 
ATOM   119  C  CA  . LYS A 1 38  ? 0.247   -14.227 -6.526  1.00 11.31 ? 18  LYS A CA  1 
ATOM   120  C  C   . LYS A 1 38  ? 1.682   -14.167 -6.031  1.00 9.56  ? 18  LYS A C   1 
ATOM   121  O  O   . LYS A 1 38  ? 1.920   -13.908 -4.851  1.00 9.06  ? 18  LYS A O   1 
ATOM   122  C  CB  . LYS A 1 38  ? -0.025  -13.039 -7.442  1.00 11.02 ? 18  LYS A CB  1 
ATOM   123  C  CG  . LYS A 1 38  ? -1.360  -13.113 -8.185  1.00 13.63 ? 18  LYS A CG  1 
ATOM   124  C  CD  . LYS A 1 38  ? -1.499  -11.953 -9.155  1.00 17.48 ? 18  LYS A CD  1 
ATOM   125  C  CE  . LYS A 1 38  ? -2.834  -12.013 -9.889  1.00 19.27 ? 18  LYS A CE  1 
ATOM   126  N  NZ  . LYS A 1 38  ? -2.955  -10.923 -10.894 1.00 19.27 ? 18  LYS A NZ  1 
ATOM   127  N  N   . SER A 1 39  ? 2.619   -14.416 -6.944  1.00 8.70  ? 19  SER A N   1 
ATOM   128  C  CA  . SER A 1 39  ? 4.047   -14.344 -6.667  1.00 8.67  ? 19  SER A CA  1 
ATOM   129  C  C   . SER A 1 39  ? 4.693   -13.424 -7.692  1.00 11.17 ? 19  SER A C   1 
ATOM   130  O  O   . SER A 1 39  ? 5.028   -13.858 -8.783  1.00 11.07 ? 19  SER A O   1 
ATOM   131  C  CB  . SER A 1 39  ? 4.685   -15.735 -6.736  1.00 10.87 ? 19  SER A CB  1 
ATOM   132  O  OG  . SER A 1 39  ? 4.205   -16.580 -5.696  1.00 11.38 ? 19  SER A OG  1 
ATOM   133  N  N   . TYR A 1 40  ? 4.828   -12.140 -7.370  1.00 7.17  ? 20  TYR A N   1 
ATOM   134  C  CA  . TYR A 1 40  ? 5.421   -11.209 -8.320  1.00 8.06  ? 20  TYR A CA  1 
ATOM   135  C  C   . TYR A 1 40  ? 6.827   -11.657 -8.734  1.00 9.33  ? 20  TYR A C   1 
ATOM   136  O  O   . TYR A 1 40  ? 7.187   -11.623 -9.918  1.00 9.64  ? 20  TYR A O   1 
ATOM   137  C  CB  . TYR A 1 40  ? 5.446   -9.786  -7.750  1.00 7.93  ? 20  TYR A CB  1 
ATOM   138  C  CG  . TYR A 1 40  ? 5.912   -8.781  -8.767  1.00 6.10  ? 20  TYR A CG  1 
ATOM   139  C  CD1 . TYR A 1 40  ? 5.055   -8.339  -9.772  1.00 6.90  ? 20  TYR A CD1 1 
ATOM   140  C  CD2 . TYR A 1 40  ? 7.206   -8.289  -8.743  1.00 6.94  ? 20  TYR A CD2 1 
ATOM   141  C  CE1 . TYR A 1 40  ? 5.474   -7.421  -10.718 1.00 7.44  ? 20  TYR A CE1 1 
ATOM   142  C  CE2 . TYR A 1 40  ? 7.640   -7.376  -9.695  1.00 8.62  ? 20  TYR A CE2 1 
ATOM   143  C  CZ  . TYR A 1 40  ? 6.765   -6.944  -10.675 1.00 7.28  ? 20  TYR A CZ  1 
ATOM   144  O  OH  . TYR A 1 40  ? 7.193   -6.046  -11.628 1.00 9.61  ? 20  TYR A OH  1 
ATOM   145  N  N   . LEU A 1 41  ? 7.624   -12.058 -7.751  1.00 8.51  ? 21  LEU A N   1 
ATOM   146  C  CA  . LEU A 1 41  ? 8.890   -12.722 -8.017  1.00 7.32  ? 21  LEU A CA  1 
ATOM   147  C  C   . LEU A 1 41  ? 8.634   -14.218 -7.975  1.00 10.32 ? 21  LEU A C   1 
ATOM   148  O  O   . LEU A 1 41  ? 8.155   -14.741 -6.974  1.00 11.21 ? 21  LEU A O   1 
ATOM   149  C  CB  . LEU A 1 41  ? 9.939   -12.349 -6.969  1.00 9.88  ? 21  LEU A CB  1 
ATOM   150  C  CG  . LEU A 1 41  ? 10.207  -10.849 -6.844  1.00 7.80  ? 21  LEU A CG  1 
ATOM   151  C  CD1 . LEU A 1 41  ? 11.259  -10.596 -5.788  1.00 9.41  ? 21  LEU A CD1 1 
ATOM   152  C  CD2 . LEU A 1 41  ? 10.617  -10.267 -8.194  1.00 10.14 ? 21  LEU A CD2 1 
ATOM   153  N  N   . ALA A 1 42  ? 8.934   -14.900 -9.072  1.00 7.55  ? 22  ALA A N   1 
ATOM   154  C  CA  . ALA A 1 42  ? 8.632   -16.323 -9.163  1.00 9.42  ? 22  ALA A CA  1 
ATOM   155  C  C   . ALA A 1 42  ? 9.125   -17.083 -7.939  1.00 8.25  ? 22  ALA A C   1 
ATOM   156  O  O   . ALA A 1 42  ? 10.269  -16.921 -7.501  1.00 9.03  ? 22  ALA A O   1 
ATOM   157  C  CB  . ALA A 1 42  ? 9.224   -16.906 -10.431 1.00 9.28  ? 22  ALA A CB  1 
ATOM   158  N  N   . GLY A 1 43  ? 8.249   -17.908 -7.381  1.00 8.73  ? 23  GLY A N   1 
ATOM   159  C  CA  . GLY A 1 43  ? 8.588   -18.718 -6.221  1.00 8.18  ? 23  GLY A CA  1 
ATOM   160  C  C   . GLY A 1 43  ? 8.428   -18.059 -4.865  1.00 9.39  ? 23  GLY A C   1 
ATOM   161  O  O   . GLY A 1 43  ? 8.548   -18.720 -3.829  1.00 11.88 ? 23  GLY A O   1 
ATOM   162  N  N   . THR A 1 44  ? 8.178   -16.750 -4.859  1.00 11.25 ? 24  THR A N   1 
ATOM   163  C  CA  . THR A 1 44  ? 8.004   -16.010 -3.610  1.00 11.16 ? 24  THR A CA  1 
ATOM   164  C  C   . THR A 1 44  ? 6.583   -15.479 -3.508  1.00 9.85  ? 24  THR A C   1 
ATOM   165  O  O   . THR A 1 44  ? 6.224   -14.515 -4.176  1.00 9.47  ? 24  THR A O   1 
ATOM   166  C  CB  . THR A 1 44  ? 8.996   -14.834 -3.486  1.00 15.53 ? 24  THR A CB  1 
ATOM   167  O  OG1 . THR A 1 44  ? 10.335  -15.344 -3.484  1.00 16.81 ? 24  THR A OG1 1 
ATOM   168  C  CG2 . THR A 1 44  ? 8.771   -14.070 -2.183  1.00 11.78 ? 24  THR A CG2 1 
ATOM   169  N  N   . PRO A 1 45  ? 5.760   -16.115 -2.676  1.00 9.34  ? 25  PRO A N   1 
ATOM   170  C  CA  . PRO A 1 45  ? 4.395   -15.620 -2.485  1.00 9.73  ? 25  PRO A CA  1 
ATOM   171  C  C   . PRO A 1 45  ? 4.397   -14.163 -2.017  1.00 7.02  ? 25  PRO A C   1 
ATOM   172  O  O   . PRO A 1 45  ? 5.188   -13.788 -1.157  1.00 9.09  ? 25  PRO A O   1 
ATOM   173  C  CB  . PRO A 1 45  ? 3.855   -16.522 -1.372  1.00 12.08 ? 25  PRO A CB  1 
ATOM   174  C  CG  . PRO A 1 45  ? 4.676   -17.781 -1.480  1.00 15.86 ? 25  PRO A CG  1 
ATOM   175  C  CD  . PRO A 1 45  ? 6.048   -17.304 -1.854  1.00 12.82 ? 25  PRO A CD  1 
ATOM   176  N  N   . ASN A 1 46  ? 3.513   -13.358 -2.592  1.00 7.01  ? 26  ASN A N   1 
ATOM   177  C  CA  . ASN A 1 46  ? 3.409   -11.949 -2.230  1.00 7.49  ? 26  ASN A CA  1 
ATOM   178  C  C   . ASN A 1 46  ? 3.075   -11.732 -0.759  1.00 7.61  ? 26  ASN A C   1 
ATOM   179  O  O   . ASN A 1 46  ? 3.435   -10.711 -0.180  1.00 7.59  ? 26  ASN A O   1 
ATOM   180  C  CB  . ASN A 1 46  ? 2.354   -11.271 -3.093  1.00 7.69  ? 26  ASN A CB  1 
ATOM   181  C  CG  . ASN A 1 46  ? 2.838   -11.005 -4.495  1.00 5.24  ? 26  ASN A CG  1 
ATOM   182  O  OD1 . ASN A 1 46  ? 4.043   -11.067 -4.780  1.00 7.07  ? 26  ASN A OD1 1 
ATOM   183  N  ND2 . ASN A 1 46  ? 1.903   -10.679 -5.382  1.00 7.45  ? 26  ASN A ND2 1 
ATOM   184  N  N   . LYS A 1 47  ? 2.366   -12.684 -0.158  1.00 7.85  ? 27  LYS A N   1 
ATOM   185  C  CA  . LYS A 1 47  ? 2.057   -12.570 1.265   1.00 8.10  ? 27  LYS A CA  1 
ATOM   186  C  C   . LYS A 1 47  ? 3.346   -12.551 2.093   1.00 7.98  ? 27  LYS A C   1 
ATOM   187  O  O   . LYS A 1 47  ? 3.347   -12.065 3.220   1.00 8.65  ? 27  LYS A O   1 
ATOM   188  C  CB  . LYS A 1 47  ? 1.111   -13.691 1.709   1.00 10.53 ? 27  LYS A CB  1 
ATOM   189  C  CG  . LYS A 1 47  ? 1.712   -15.068 1.605   1.00 12.20 ? 27  LYS A CG  1 
ATOM   190  C  CD  . LYS A 1 47  ? 0.718   -16.140 2.049   1.00 15.85 ? 27  LYS A CD  1 
ATOM   191  C  CE  . LYS A 1 47  ? -0.353  -16.369 0.985   1.00 22.24 ? 27  LYS A CE  1 
ATOM   192  N  NZ  . LYS A 1 47  ? -1.378  -17.382 1.380   1.00 41.66 ? 27  LYS A NZ  1 
ATOM   193  N  N   . ASP A 1 48  ? 4.445   -13.031 1.504   1.00 8.72  ? 28  ASP A N   1 
ATOM   194  C  CA  . ASP A 1 48  ? 5.738   -13.091 2.178   1.00 7.13  ? 28  ASP A CA  1 
ATOM   195  C  C   . ASP A 1 48  ? 6.726   -12.080 1.600   1.00 7.95  ? 28  ASP A C   1 
ATOM   196  O  O   . ASP A 1 48  ? 7.926   -12.209 1.813   1.00 9.26  ? 28  ASP A O   1 
ATOM   197  C  CB  . ASP A 1 48  ? 6.355   -14.489 2.041   1.00 10.49 ? 28  ASP A CB  1 
ATOM   198  C  CG  . ASP A 1 48  ? 5.467   -15.580 2.598   1.00 14.46 ? 28  ASP A CG  1 
ATOM   199  O  OD1 . ASP A 1 48  ? 4.807   -15.345 3.625   1.00 15.73 ? 28  ASP A OD1 1 
ATOM   200  O  OD2 . ASP A 1 48  ? 5.428   -16.673 2.001   1.00 22.34 ? 28  ASP A OD2 1 
ATOM   201  N  N   . ASN A 1 49  ? 6.235   -11.086 0.867   1.00 7.60  ? 29  ASN A N   1 
ATOM   202  C  CA  . ASN A 1 49  ? 7.130   -10.152 0.186   1.00 7.88  ? 29  ASN A CA  1 
ATOM   203  C  C   . ASN A 1 49  ? 6.427   -8.819  -0.015  1.00 6.79  ? 29  ASN A C   1 
ATOM   204  O  O   . ASN A 1 49  ? 5.662   -8.654  -0.967  1.00 6.59  ? 29  ASN A O   1 
ATOM   205  C  CB  . ASN A 1 49  ? 7.569   -10.745 -1.160  1.00 6.58  ? 29  ASN A CB  1 
ATOM   206  C  CG  . ASN A 1 49  ? 8.414   -9.783  -1.988  1.00 7.71  ? 29  ASN A CG  1 
ATOM   207  O  OD1 . ASN A 1 49  ? 8.928   -8.802  -1.465  1.00 9.58  ? 29  ASN A OD1 1 
ATOM   208  N  ND2 . ASN A 1 49  ? 8.553   -10.065 -3.295  1.00 6.43  ? 29  ASN A ND2 1 
ATOM   209  N  N   . CYS A 1 50  ? 6.669   -7.865  0.878   1.00 5.61  ? 30  CYS A N   1 
ATOM   210  C  CA  . CYS A 1 50  ? 5.919   -6.609  0.827   1.00 5.35  ? 30  CYS A CA  1 
ATOM   211  C  C   . CYS A 1 50  ? 5.995   -5.892  -0.531  1.00 5.89  ? 30  CYS A C   1 
ATOM   212  O  O   . CYS A 1 50  ? 4.974   -5.393  -1.054  1.00 5.92  ? 30  CYS A O   1 
ATOM   213  C  CB  . CYS A 1 50  ? 6.342   -5.669  1.968   1.00 8.14  ? 30  CYS A CB  1 
ATOM   214  S  SG  . CYS A 1 50  ? 8.041   -5.036  1.870   1.00 8.35  ? 30  CYS A SG  1 
ATOM   215  N  N   . SER A 1 51  ? 7.197   -5.853  -1.099  1.00 5.30  ? 31  SER A N   1 
ATOM   216  C  CA  . SER A 1 51  ? 7.395   -5.134  -2.353  1.00 5.64  ? 31  SER A CA  1 
ATOM   217  C  C   . SER A 1 51  ? 6.691   -5.857  -3.488  1.00 6.07  ? 31  SER A C   1 
ATOM   218  O  O   . SER A 1 51  ? 6.021   -5.226  -4.294  1.00 5.66  ? 31  SER A O   1 
ATOM   219  C  CB  . SER A 1 51  ? 8.888   -4.918  -2.639  1.00 6.52  ? 31  SER A CB  1 
ATOM   220  O  OG  . SER A 1 51  ? 9.651   -6.092  -2.453  1.00 9.10  ? 31  SER A OG  1 
ATOM   221  N  N   . GLY A 1 52  ? 6.801   -7.184  -3.522  1.00 5.98  ? 32  GLY A N   1 
ATOM   222  C  CA  . GLY A 1 52  ? 6.123   -7.961  -4.544  1.00 6.26  ? 32  GLY A CA  1 
ATOM   223  C  C   . GLY A 1 52  ? 4.618   -7.770  -4.496  1.00 6.23  ? 32  GLY A C   1 
ATOM   224  O  O   . GLY A 1 52  ? 3.959   -7.641  -5.534  1.00 6.69  ? 32  GLY A O   1 
ATOM   225  N  N   . PHE A 1 53  ? 4.061   -7.761  -3.289  1.00 5.44  ? 33  PHE A N   1 
ATOM   226  C  CA  . PHE A 1 53  ? 2.627   -7.530  -3.148  1.00 6.61  ? 33  PHE A CA  1 
ATOM   227  C  C   . PHE A 1 53  ? 2.222   -6.185  -3.760  1.00 6.86  ? 33  PHE A C   1 
ATOM   228  O  O   . PHE A 1 53  ? 1.281   -6.112  -4.577  1.00 6.30  ? 33  PHE A O   1 
ATOM   229  C  CB  . PHE A 1 53  ? 2.203   -7.602  -1.681  1.00 6.46  ? 33  PHE A CB  1 
ATOM   230  C  CG  . PHE A 1 53  ? 0.749   -7.274  -1.468  1.00 6.28  ? 33  PHE A CG  1 
ATOM   231  C  CD1 . PHE A 1 53  ? -0.226  -8.228  -1.725  1.00 8.13  ? 33  PHE A CD1 1 
ATOM   232  C  CD2 . PHE A 1 53  ? 0.353   -6.006  -1.065  1.00 4.20  ? 33  PHE A CD2 1 
ATOM   233  C  CE1 . PHE A 1 53  ? -1.560  -7.937  -1.554  1.00 8.49  ? 33  PHE A CE1 1 
ATOM   234  C  CE2 . PHE A 1 53  ? -0.989  -5.708  -0.894  1.00 7.48  ? 33  PHE A CE2 1 
ATOM   235  C  CZ  . PHE A 1 53  ? -1.947  -6.680  -1.148  1.00 6.99  ? 33  PHE A CZ  1 
ATOM   236  N  N   . VAL A 1 54  ? 2.944   -5.122  -3.403  1.00 5.19  ? 34  VAL A N   1 
ATOM   237  C  CA  . VAL A 1 54  ? 2.601   -3.818  -3.984  1.00 4.43  ? 34  VAL A CA  1 
ATOM   238  C  C   . VAL A 1 54  ? 2.789   -3.782  -5.504  1.00 5.75  ? 34  VAL A C   1 
ATOM   239  O  O   . VAL A 1 54  ? 1.976   -3.201  -6.227  1.00 7.63  ? 34  VAL A O   1 
ATOM   240  C  CB  . VAL A 1 54  ? 3.369   -2.676  -3.290  1.00 5.29  ? 34  VAL A CB  1 
ATOM   241  C  CG1 . VAL A 1 54  ? 3.130   -1.344  -4.008  1.00 8.35  ? 34  VAL A CG1 1 
ATOM   242  C  CG2 . VAL A 1 54  ? 2.935   -2.568  -1.847  1.00 5.73  ? 34  VAL A CG2 1 
ATOM   243  N  N   . GLN A 1 55  ? 3.837   -4.429  -5.996  1.00 6.02  ? 35  GLN A N   1 
ATOM   244  C  CA  . GLN A 1 55  ? 4.058   -4.487  -7.434  1.00 6.32  ? 35  GLN A CA  1 
ATOM   245  C  C   . GLN A 1 55  ? 2.886   -5.163  -8.144  1.00 7.28  ? 35  GLN A C   1 
ATOM   246  O  O   . GLN A 1 55  ? 2.467   -4.713  -9.212  1.00 7.94  ? 35  GLN A O   1 
ATOM   247  C  CB  . GLN A 1 55  ? 5.358   -5.236  -7.757  1.00 6.56  ? 35  GLN A CB  1 
ATOM   248  C  CG  . GLN A 1 55  ? 6.636   -4.547  -7.284  1.00 6.93  ? 35  GLN A CG  1 
ATOM   249  C  CD  . GLN A 1 55  ? 7.094   -3.378  -8.171  1.00 9.25  ? 35  GLN A CD  1 
ATOM   250  O  OE1 . GLN A 1 55  ? 6.442   -3.012  -9.166  1.00 9.52  ? 35  GLN A OE1 1 
ATOM   251  N  NE2 . GLN A 1 55  ? 8.224   -2.790  -7.805  1.00 10.08 ? 35  GLN A NE2 1 
ATOM   252  N  N   . SER A 1 56  ? 2.372   -6.253  -7.579  1.00 6.73  ? 36  SER A N   1 
ATOM   253  C  CA  . SER A 1 56  ? 1.267   -6.955  -8.224  1.00 6.40  ? 36  SER A CA  1 
ATOM   254  C  C   . SER A 1 56  ? 0.010   -6.110  -8.218  1.00 8.18  ? 36  SER A C   1 
ATOM   255  O  O   . SER A 1 56  ? -0.745  -6.100  -9.196  1.00 8.13  ? 36  SER A O   1 
ATOM   256  C  CB  . SER A 1 56  ? 0.999   -8.305  -7.558  1.00 9.36  ? 36  SER A CB  1 
ATOM   257  O  OG  . SER A 1 56  ? 2.009   -9.248  -7.891  1.00 9.23  ? 36  SER A OG  1 
ATOM   258  N  N   . VAL A 1 57  ? -0.234  -5.411  -7.114  1.00 6.30  ? 37  VAL A N   1 
ATOM   259  C  CA  . VAL A 1 57  ? -1.399  -4.535  -7.061  1.00 6.27  ? 37  VAL A CA  1 
ATOM   260  C  C   . VAL A 1 57  ? -1.306  -3.448  -8.132  1.00 6.47  ? 37  VAL A C   1 
ATOM   261  O  O   . VAL A 1 57  ? -2.245  -3.227  -8.926  1.00 6.88  ? 37  VAL A O   1 
ATOM   262  C  CB  . VAL A 1 57  ? -1.538  -3.904  -5.665  1.00 5.94  ? 37  VAL A CB  1 
ATOM   263  C  CG1 . VAL A 1 57  ? -2.584  -2.779  -5.668  1.00 6.33  ? 37  VAL A CG1 1 
ATOM   264  C  CG2 . VAL A 1 57  ? -1.887  -4.977  -4.644  1.00 6.08  ? 37  VAL A CG2 1 
ATOM   265  N  N   . ALA A 1 58  ? -0.161  -2.781  -8.186  1.00 6.11  ? 38  ALA A N   1 
ATOM   266  C  CA  . ALA A 1 58  ? 0.025   -1.740  -9.183  1.00 5.89  ? 38  ALA A CA  1 
ATOM   267  C  C   . ALA A 1 58  ? -0.114  -2.290  -10.600 1.00 7.84  ? 38  ALA A C   1 
ATOM   268  O  O   . ALA A 1 58  ? -0.707  -1.640  -11.463 1.00 9.97  ? 38  ALA A O   1 
ATOM   269  C  CB  . ALA A 1 58  ? 1.362   -1.083  -8.997  1.00 7.08  ? 38  ALA A CB  1 
ATOM   270  N  N   . ALA A 1 59  ? 0.428   -3.478  -10.844 1.00 8.08  ? 39  ALA A N   1 
ATOM   271  C  CA  . ALA A 1 59  ? 0.353   -4.071  -12.179 1.00 10.81 ? 39  ALA A CA  1 
ATOM   272  C  C   . ALA A 1 59  ? -1.097  -4.310  -12.568 1.00 11.03 ? 39  ALA A C   1 
ATOM   273  O  O   . ALA A 1 59  ? -1.493  -4.005  -13.699 1.00 12.60 ? 39  ALA A O   1 
ATOM   274  C  CB  . ALA A 1 59  ? 1.147   -5.366  -12.243 1.00 11.57 ? 39  ALA A CB  1 
ATOM   275  N  N   . GLU A 1 60  ? -1.892  -4.852  -11.647 1.00 9.64  ? 40  GLU A N   1 
ATOM   276  C  CA  . GLU A 1 60  ? -3.311  -5.071  -11.950 1.00 9.18  ? 40  GLU A CA  1 
ATOM   277  C  C   . GLU A 1 60  ? -4.010  -3.755  -12.280 1.00 9.29  ? 40  GLU A C   1 
ATOM   278  O  O   . GLU A 1 60  ? -4.842  -3.694  -13.201 1.00 12.26 ? 40  GLU A O   1 
ATOM   279  C  CB  . GLU A 1 60  ? -4.036  -5.785  -10.802 1.00 11.24 ? 40  GLU A CB  1 
ATOM   280  C  CG  . GLU A 1 60  ? -5.547  -5.915  -11.070 1.00 11.91 ? 40  GLU A CG  1 
ATOM   281  C  CD  . GLU A 1 60  ? -6.277  -6.848  -10.112 1.00 15.06 ? 40  GLU A CD  1 
ATOM   282  O  OE1 . GLU A 1 60  ? -5.657  -7.811  -9.621  1.00 17.10 ? 40  GLU A OE1 1 
ATOM   283  O  OE2 . GLU A 1 60  ? -7.482  -6.625  -9.856  1.00 18.89 ? 40  GLU A OE2 1 
ATOM   284  N  N   . LEU A 1 61  ? -3.671  -2.697  -11.544 1.00 9.29  ? 41  LEU A N   1 
ATOM   285  C  CA  . LEU A 1 61  ? -4.322  -1.396  -11.741 1.00 9.80  ? 41  LEU A CA  1 
ATOM   286  C  C   . LEU A 1 61  ? -3.765  -0.592  -12.917 1.00 9.16  ? 41  LEU A C   1 
ATOM   287  O  O   . LEU A 1 61  ? -4.299  0.466   -13.261 1.00 12.11 ? 41  LEU A O   1 
ATOM   288  C  CB  . LEU A 1 61  ? -4.212  -0.564  -10.459 1.00 8.33  ? 41  LEU A CB  1 
ATOM   289  C  CG  . LEU A 1 61  ? -4.856  -1.175  -9.219  1.00 8.57  ? 41  LEU A CG  1 
ATOM   290  C  CD1 . LEU A 1 61  ? -4.524  -0.353  -7.991  1.00 10.28 ? 41  LEU A CD1 1 
ATOM   291  C  CD2 . LEU A 1 61  ? -6.378  -1.272  -9.407  1.00 9.65  ? 41  LEU A CD2 1 
ATOM   292  N  N   . GLY A 1 62  ? -2.682  -1.069  -13.518 1.00 9.02  ? 42  GLY A N   1 
ATOM   293  C  CA  . GLY A 1 62  ? -2.036  -0.346  -14.599 1.00 10.79 ? 42  GLY A CA  1 
ATOM   294  C  C   . GLY A 1 62  ? -1.248  0.881   -14.170 1.00 10.30 ? 42  GLY A C   1 
ATOM   295  O  O   . GLY A 1 62  ? -1.102  1.827   -14.946 1.00 12.75 ? 42  GLY A O   1 
ATOM   296  N  N   . VAL A 1 63  ? -0.735  0.870   -12.940 1.00 8.38  ? 43  VAL A N   1 
ATOM   297  C  CA  . VAL A 1 63  ? 0.047   1.994   -12.434 1.00 8.16  ? 43  VAL A CA  1 
ATOM   298  C  C   . VAL A 1 63  ? 1.533   1.675   -12.536 1.00 7.73  ? 43  VAL A C   1 
ATOM   299  O  O   . VAL A 1 63  ? 1.983   0.689   -11.955 1.00 8.88  ? 43  VAL A O   1 
ATOM   300  C  CB  . VAL A 1 63  ? -0.289  2.284   -10.952 1.00 7.70  ? 43  VAL A CB  1 
ATOM   301  C  CG1 . VAL A 1 63  ? 0.636   3.376   -10.394 1.00 7.57  ? 43  VAL A CG1 1 
ATOM   302  C  CG2 . VAL A 1 63  ? -1.762  2.678   -10.800 1.00 7.43  ? 43  VAL A CG2 1 
ATOM   303  N  N   . PRO A 1 64  ? 2.304   2.500   -13.262 1.00 7.89  ? 44  PRO A N   1 
ATOM   304  C  CA  . PRO A 1 64  ? 3.755   2.275   -13.353 1.00 9.19  ? 44  PRO A CA  1 
ATOM   305  C  C   . PRO A 1 64  ? 4.408   2.413   -11.981 1.00 10.19 ? 44  PRO A C   1 
ATOM   306  O  O   . PRO A 1 64  ? 4.037   3.310   -11.220 1.00 11.59 ? 44  PRO A O   1 
ATOM   307  C  CB  . PRO A 1 64  ? 4.236   3.402   -14.275 1.00 12.01 ? 44  PRO A CB  1 
ATOM   308  C  CG  . PRO A 1 64  ? 3.018   3.862   -14.995 1.00 19.62 ? 44  PRO A CG  1 
ATOM   309  C  CD  . PRO A 1 64  ? 1.877   3.671   -14.042 1.00 11.31 ? 44  PRO A CD  1 
HETATM 310  N  N   . MSE A 1 65  ? 5.360   1.531   -11.677 1.00 10.20 ? 45  MSE A N   1 
HETATM 311  C  CA  . MSE A 1 65  ? 6.032   1.510   -10.378 1.00 9.58  ? 45  MSE A CA  1 
HETATM 312  C  C   . MSE A 1 65  ? 7.538   1.421   -10.545 1.00 10.07 ? 45  MSE A C   1 
HETATM 313  O  O   . MSE A 1 65  ? 8.027   0.803   -11.473 1.00 12.88 ? 45  MSE A O   1 
HETATM 314  C  CB  . MSE A 1 65  ? 5.583   0.287   -9.579  1.00 11.28 ? 45  MSE A CB  1 
HETATM 315  C  CG  A MSE A 1 65  ? 4.140   0.295   -9.225  0.44 9.22  ? 45  MSE A CG  1 
HETATM 316  C  CG  B MSE A 1 65  ? 5.914   0.316   -8.074  0.56 13.61 ? 45  MSE A CG  1 
HETATM 317  SE SE  A MSE A 1 65  ? 3.741   1.906   -8.238  0.44 11.60 ? 45  MSE A SE  1 
HETATM 318  SE SE  B MSE A 1 65  ? 4.895   1.560   -6.925  0.56 17.94 ? 45  MSE A SE  1 
HETATM 319  C  CE  A MSE A 1 65  ? 3.234   1.131   -6.526  0.44 14.39 ? 45  MSE A CE  1 
HETATM 320  C  CE  B MSE A 1 65  ? 3.168   0.677   -6.931  0.56 17.67 ? 45  MSE A CE  1 
ATOM   321  N  N   . PRO A 1 66  ? 8.285   2.039   -9.631  1.00 8.81  ? 46  PRO A N   1 
ATOM   322  C  CA  . PRO A 1 66  ? 9.727   1.777   -9.637  1.00 9.36  ? 46  PRO A CA  1 
ATOM   323  C  C   . PRO A 1 66  ? 9.986   0.311   -9.282  1.00 8.69  ? 46  PRO A C   1 
ATOM   324  O  O   . PRO A 1 66  ? 9.263   -0.256  -8.455  1.00 9.71  ? 46  PRO A O   1 
ATOM   325  C  CB  . PRO A 1 66  ? 10.268  2.719   -8.549  1.00 10.43 ? 46  PRO A CB  1 
ATOM   326  C  CG  . PRO A 1 66  ? 9.095   3.111   -7.743  1.00 13.76 ? 46  PRO A CG  1 
ATOM   327  C  CD  . PRO A 1 66  ? 7.872   2.992   -8.589  1.00 7.59  ? 46  PRO A CD  1 
ATOM   328  N  N   . ARG A 1 67  ? 10.995  -0.301  -9.900  1.00 7.51  ? 47  ARG A N   1 
ATOM   329  C  CA  . ARG A 1 67  ? 11.331  -1.693  -9.625  1.00 9.74  ? 47  ARG A CA  1 
ATOM   330  C  C   . ARG A 1 67  ? 12.056  -1.835  -8.293  1.00 9.64  ? 47  ARG A C   1 
ATOM   331  O  O   . ARG A 1 67  ? 12.565  -0.861  -7.737  1.00 9.80  ? 47  ARG A O   1 
ATOM   332  C  CB  . ARG A 1 67  ? 12.237  -2.262  -10.719 1.00 9.46  ? 47  ARG A CB  1 
ATOM   333  C  CG  . ARG A 1 67  ? 13.672  -1.722  -10.676 1.00 10.74 ? 47  ARG A CG  1 
ATOM   334  C  CD  . ARG A 1 67  ? 14.543  -2.368  -11.753 1.00 10.79 ? 47  ARG A CD  1 
ATOM   335  N  NE  . ARG A 1 67  ? 14.004  -2.151  -13.096 1.00 11.76 ? 47  ARG A NE  1 
ATOM   336  C  CZ  . ARG A 1 67  ? 14.238  -1.068  -13.828 1.00 12.41 ? 47  ARG A CZ  1 
ATOM   337  N  NH1 . ARG A 1 67  ? 15.001  -0.090  -13.355 1.00 12.59 ? 47  ARG A NH1 1 
ATOM   338  N  NH2 . ARG A 1 67  ? 13.692  -0.962  -15.034 1.00 15.45 ? 47  ARG A NH2 1 
ATOM   339  N  N   . GLY A 1 68  ? 12.108  -3.065  -7.795  1.00 7.23  ? 48  GLY A N   1 
ATOM   340  C  CA  . GLY A 1 68  ? 12.977  -3.393  -6.680  1.00 6.37  ? 48  GLY A CA  1 
ATOM   341  C  C   . GLY A 1 68  ? 12.299  -3.666  -5.353  1.00 8.39  ? 48  GLY A C   1 
ATOM   342  O  O   . GLY A 1 68  ? 11.071  -3.792  -5.240  1.00 8.59  ? 48  GLY A O   1 
ATOM   343  N  N   . ASN A 1 69  ? 13.132  -3.751  -4.325  1.00 6.63  ? 49  ASN A N   1 
ATOM   344  C  CA  . ASN A 1 69  ? 12.642  -4.031  -2.988  1.00 7.14  ? 49  ASN A CA  1 
ATOM   345  C  C   . ASN A 1 69  ? 11.989  -2.806  -2.347  1.00 7.80  ? 49  ASN A C   1 
ATOM   346  O  O   . ASN A 1 69  ? 11.848  -1.754  -2.977  1.00 7.03  ? 49  ASN A O   1 
ATOM   347  C  CB  . ASN A 1 69  ? 13.770  -4.626  -2.122  1.00 7.05  ? 49  ASN A CB  1 
ATOM   348  C  CG  . ASN A 1 69  ? 14.913  -3.661  -1.879  1.00 6.28  ? 49  ASN A CG  1 
ATOM   349  O  OD1 . ASN A 1 69  ? 14.778  -2.448  -2.011  1.00 6.95  ? 49  ASN A OD1 1 
ATOM   350  N  ND2 . ASN A 1 69  ? 16.060  -4.208  -1.511  1.00 8.72  ? 49  ASN A ND2 1 
ATOM   351  N  N   . ALA A 1 70  ? 11.573  -2.928  -1.090  1.00 6.91  ? 50  ALA A N   1 
ATOM   352  C  CA  . ALA A 1 70  ? 10.833  -1.845  -0.464  1.00 5.90  ? 50  ALA A CA  1 
ATOM   353  C  C   . ALA A 1 70  ? 11.629  -0.540  -0.437  1.00 6.13  ? 50  ALA A C   1 
ATOM   354  O  O   . ALA A 1 70  ? 11.098  0.528   -0.743  1.00 7.18  ? 50  ALA A O   1 
ATOM   355  C  CB  . ALA A 1 70  ? 10.393  -2.238  0.942   1.00 8.03  ? 50  ALA A CB  1 
ATOM   356  N  N   . ASN A 1 71  ? 12.910  -0.614  -0.075  1.00 6.10  ? 51  ASN A N   1 
ATOM   357  C  CA  . ASN A 1 71  ? 13.722  0.600   -0.040  1.00 5.74  ? 51  ASN A CA  1 
ATOM   358  C  C   . ASN A 1 71  ? 13.808  1.249   -1.410  1.00 6.28  ? 51  ASN A C   1 
ATOM   359  O  O   . ASN A 1 71  ? 13.756  2.473   -1.531  1.00 7.23  ? 51  ASN A O   1 
ATOM   360  C  CB  . ASN A 1 71  ? 15.136  0.325   0.497   1.00 6.96  ? 51  ASN A CB  1 
ATOM   361  C  CG  . ASN A 1 71  ? 15.216  0.379   2.018   1.00 7.25  ? 51  ASN A CG  1 
ATOM   362  O  OD1 . ASN A 1 71  ? 14.210  0.349   2.716   1.00 6.75  ? 51  ASN A OD1 1 
ATOM   363  N  ND2 . ASN A 1 71  ? 16.433  0.452   2.537   1.00 8.17  ? 51  ASN A ND2 1 
ATOM   364  N  N   . ALA A 1 72  ? 13.943  0.418   -2.441  1.00 6.61  ? 52  ALA A N   1 
ATOM   365  C  CA  . ALA A 1 72  ? 14.074  0.944   -3.796  1.00 6.87  ? 52  ALA A CA  1 
ATOM   366  C  C   . ALA A 1 72  ? 12.767  1.578   -4.249  1.00 6.81  ? 52  ALA A C   1 
ATOM   367  O  O   . ALA A 1 72  ? 12.751  2.628   -4.910  1.00 8.48  ? 52  ALA A O   1 
ATOM   368  C  CB  . ALA A 1 72  ? 14.498  -0.155  -4.757  1.00 7.26  ? 52  ALA A CB  1 
HETATM 369  N  N   . MSE A 1 73  ? 11.665  0.936   -3.896  1.00 6.50  ? 53  MSE A N   1 
HETATM 370  C  CA  . MSE A 1 73  ? 10.375  1.478   -4.276  1.00 6.50  ? 53  MSE A CA  1 
HETATM 371  C  C   . MSE A 1 73  ? 10.138  2.811   -3.587  1.00 6.61  ? 53  MSE A C   1 
HETATM 372  O  O   . MSE A 1 73  ? 9.707   3.763   -4.216  1.00 7.06  ? 53  MSE A O   1 
HETATM 373  C  CB  . MSE A 1 73  ? 9.271   0.478   -3.958  1.00 6.01  ? 53  MSE A CB  1 
HETATM 374  C  CG  . MSE A 1 73  ? 9.370   -0.768  -4.825  1.00 6.44  ? 53  MSE A CG  1 
HETATM 375  SE SE  . MSE A 1 73  ? 7.995   -2.069  -4.385  1.00 13.39 ? 53  MSE A SE  1 
HETATM 376  C  CE  . MSE A 1 73  ? 6.482   -1.225  -5.246  1.00 15.11 ? 53  MSE A CE  1 
ATOM   377  N  N   . VAL A 1 74  ? 10.439  2.888   -2.295  1.00 8.07  ? 54  VAL A N   1 
ATOM   378  C  CA  . VAL A 1 74  ? 10.289  4.149   -1.592  1.00 6.14  ? 54  VAL A CA  1 
ATOM   379  C  C   . VAL A 1 74  ? 11.162  5.229   -2.227  1.00 6.82  ? 54  VAL A C   1 
ATOM   380  O  O   . VAL A 1 74  ? 10.723  6.358   -2.406  1.00 8.29  ? 54  VAL A O   1 
ATOM   381  C  CB  . VAL A 1 74  ? 10.614  4.001   -0.093  1.00 6.76  ? 54  VAL A CB  1 
ATOM   382  C  CG1 . VAL A 1 74  ? 10.595  5.359   0.586   1.00 7.80  ? 54  VAL A CG1 1 
ATOM   383  C  CG2 . VAL A 1 74  ? 9.612   3.040   0.573   1.00 9.36  ? 54  VAL A CG2 1 
ATOM   384  N  N   . ASP A 1 75  ? 12.394  4.880   -2.590  1.00 7.35  ? 55  ASP A N   1 
ATOM   385  C  CA  . ASP A 1 75  ? 13.261  5.848   -3.245  1.00 7.44  ? 55  ASP A CA  1 
ATOM   386  C  C   . ASP A 1 75  ? 12.612  6.372   -4.535  1.00 7.65  ? 55  ASP A C   1 
ATOM   387  O  O   . ASP A 1 75  ? 12.590  7.581   -4.804  1.00 10.56 ? 55  ASP A O   1 
ATOM   388  C  CB  . ASP A 1 75  ? 14.603  5.203   -3.562  1.00 9.10  ? 55  ASP A CB  1 
ATOM   389  C  CG  . ASP A 1 75  ? 15.664  6.218   -3.892  1.00 17.95 ? 55  ASP A CG  1 
ATOM   390  O  OD1 . ASP A 1 75  ? 16.139  6.897   -2.956  1.00 18.18 ? 55  ASP A OD1 1 
ATOM   391  O  OD2 . ASP A 1 75  ? 16.019  6.337   -5.084  1.00 19.02 ? 55  ASP A OD2 1 
ATOM   392  N  N   . GLY A 1 76  ? 12.068  5.455   -5.332  1.00 7.49  ? 56  GLY A N   1 
ATOM   393  C  CA  . GLY A 1 76  ? 11.462  5.865   -6.591  1.00 9.87  ? 56  GLY A CA  1 
ATOM   394  C  C   . GLY A 1 76  ? 10.212  6.717   -6.422  1.00 10.76 ? 56  GLY A C   1 
ATOM   395  O  O   . GLY A 1 76  ? 10.004  7.716   -7.131  1.00 11.25 ? 56  GLY A O   1 
ATOM   396  N  N   . LEU A 1 77  ? 9.369   6.331   -5.474  1.00 7.91  ? 57  LEU A N   1 
ATOM   397  C  CA  . LEU A 1 77  ? 8.145   7.075   -5.211  1.00 8.30  ? 57  LEU A CA  1 
ATOM   398  C  C   . LEU A 1 77  ? 8.490   8.467   -4.683  1.00 10.86 ? 57  LEU A C   1 
ATOM   399  O  O   . LEU A 1 77  ? 7.874   9.467   -5.061  1.00 11.49 ? 57  LEU A O   1 
ATOM   400  C  CB  . LEU A 1 77  ? 7.261   6.316   -4.213  1.00 8.39  ? 57  LEU A CB  1 
ATOM   401  C  CG  . LEU A 1 77  ? 6.794   4.938   -4.684  1.00 9.47  ? 57  LEU A CG  1 
ATOM   402  C  CD1 . LEU A 1 77  ? 6.086   4.194   -3.559  1.00 12.56 ? 57  LEU A CD1 1 
ATOM   403  C  CD2 . LEU A 1 77  ? 5.888   5.053   -5.899  1.00 14.99 ? 57  LEU A CD2 1 
ATOM   404  N  N   . GLU A 1 78  ? 9.494   8.525   -3.815  1.00 8.81  ? 58  GLU A N   1 
ATOM   405  C  CA  . GLU A 1 78  ? 9.963   9.784   -3.270  1.00 10.93 ? 58  GLU A CA  1 
ATOM   406  C  C   . GLU A 1 78  ? 10.386  10.700  -4.404  1.00 13.98 ? 58  GLU A C   1 
ATOM   407  O  O   . GLU A 1 78  ? 10.127  11.908  -4.363  1.00 14.88 ? 58  GLU A O   1 
ATOM   408  C  CB  . GLU A 1 78  ? 11.132  9.528   -2.319  1.00 13.62 ? 58  GLU A CB  1 
ATOM   409  C  CG  . GLU A 1 78  ? 11.730  10.769  -1.710  1.00 20.83 ? 58  GLU A CG  1 
ATOM   410  C  CD  . GLU A 1 78  ? 10.825  11.448  -0.695  1.00 18.65 ? 58  GLU A CD  1 
ATOM   411  O  OE1 . GLU A 1 78  ? 9.797   10.869  -0.277  1.00 18.71 ? 58  GLU A OE1 1 
ATOM   412  O  OE2 . GLU A 1 78  ? 11.164  12.572  -0.302  1.00 22.60 ? 58  GLU A OE2 1 
ATOM   413  N  N   . GLN A 1 79  ? 11.025  10.143  -5.433  1.00 11.93 ? 59  GLN A N   1 
ATOM   414  C  CA  . GLN A 1 79  ? 11.459  11.018  -6.521  1.00 17.87 ? 59  GLN A CA  1 
ATOM   415  C  C   . GLN A 1 79  ? 10.338  11.416  -7.507  1.00 19.77 ? 59  GLN A C   1 
ATOM   416  O  O   . GLN A 1 79  ? 10.434  12.461  -8.159  1.00 22.99 ? 59  GLN A O   1 
ATOM   417  C  CB  . GLN A 1 79  ? 12.692  10.461  -7.251  1.00 21.86 ? 59  GLN A CB  1 
ATOM   418  C  CG  . GLN A 1 79  ? 13.718  9.708   -6.372  1.00 27.11 ? 59  GLN A CG  1 
ATOM   419  C  CD  . GLN A 1 79  ? 14.193  10.451  -5.109  1.00 36.63 ? 59  GLN A CD  1 
ATOM   420  O  OE1 . GLN A 1 79  ? 14.527  9.815   -4.097  1.00 26.36 ? 59  GLN A OE1 1 
ATOM   421  N  NE2 . GLN A 1 79  ? 14.250  11.783  -5.170  1.00 23.68 ? 59  GLN A NE2 1 
ATOM   422  N  N   . SER A 1 80  ? 9.269   10.622  -7.604  1.00 15.55 ? 60  SER A N   1 
ATOM   423  C  CA  . SER A 1 80  ? 8.270   10.868  -8.666  1.00 15.98 ? 60  SER A CA  1 
ATOM   424  C  C   . SER A 1 80  ? 6.805   11.143  -8.264  1.00 20.17 ? 60  SER A C   1 
ATOM   425  O  O   . SER A 1 80  ? 6.060   11.767  -9.022  1.00 22.10 ? 60  SER A O   1 
ATOM   426  C  CB  . SER A 1 80  ? 8.290   9.725   -9.686  1.00 20.79 ? 60  SER A CB  1 
ATOM   427  O  OG  . SER A 1 80  ? 8.030   8.483   -9.062  1.00 30.11 ? 60  SER A OG  1 
ATOM   428  N  N   . TRP A 1 81  ? 6.380   10.664  -7.102  1.00 11.27 ? 61  TRP A N   1 
ATOM   429  C  CA  . TRP A 1 81  ? 4.974   10.776  -6.718  1.00 9.79  ? 61  TRP A CA  1 
ATOM   430  C  C   . TRP A 1 81  ? 4.694   11.898  -5.730  1.00 11.88 ? 61  TRP A C   1 
ATOM   431  O  O   . TRP A 1 81  ? 5.514   12.224  -4.877  1.00 13.09 ? 61  TRP A O   1 
ATOM   432  C  CB  . TRP A 1 81  ? 4.468   9.481   -6.073  1.00 11.03 ? 61  TRP A CB  1 
ATOM   433  C  CG  . TRP A 1 81  ? 4.281   8.327   -7.001  1.00 10.08 ? 61  TRP A CG  1 
ATOM   434  C  CD1 . TRP A 1 81  ? 4.969   8.067   -8.151  1.00 15.55 ? 61  TRP A CD1 1 
ATOM   435  C  CD2 . TRP A 1 81  ? 3.356   7.252   -6.835  1.00 6.59  ? 61  TRP A CD2 1 
ATOM   436  N  NE1 . TRP A 1 81  ? 4.519   6.895   -8.715  1.00 14.15 ? 61  TRP A NE1 1 
ATOM   437  C  CE2 . TRP A 1 81  ? 3.525   6.377   -7.924  1.00 9.43  ? 61  TRP A CE2 1 
ATOM   438  C  CE3 . TRP A 1 81  ? 2.394   6.947   -5.869  1.00 7.11  ? 61  TRP A CE3 1 
ATOM   439  C  CZ2 . TRP A 1 81  ? 2.775   5.211   -8.070  1.00 8.55  ? 61  TRP A CZ2 1 
ATOM   440  C  CZ3 . TRP A 1 81  ? 1.644   5.786   -6.016  1.00 9.08  ? 61  TRP A CZ3 1 
ATOM   441  C  CH2 . TRP A 1 81  ? 1.840   4.933   -7.113  1.00 9.71  ? 61  TRP A CH2 1 
ATOM   442  N  N   . THR A 1 82  ? 3.492   12.444  -5.825  1.00 9.46  ? 62  THR A N   1 
ATOM   443  C  CA  . THR A 1 82  ? 3.009   13.401  -4.852  1.00 11.10 ? 62  THR A CA  1 
ATOM   444  C  C   . THR A 1 82  ? 2.956   12.756  -3.472  1.00 11.62 ? 62  THR A C   1 
ATOM   445  O  O   . THR A 1 82  ? 2.475   11.630  -3.317  1.00 10.41 ? 62  THR A O   1 
ATOM   446  C  CB  . THR A 1 82  ? 1.608   13.894  -5.232  1.00 14.21 ? 62  THR A CB  1 
ATOM   447  O  OG1 . THR A 1 82  ? 1.689   14.627  -6.462  1.00 19.72 ? 62  THR A OG1 1 
ATOM   448  C  CG2 . THR A 1 82  ? 1.028   14.792  -4.141  1.00 15.28 ? 62  THR A CG2 1 
ATOM   449  N  N   . LYS A 1 83  ? 3.460   13.475  -2.474  1.00 11.53 ? 63  LYS A N   1 
ATOM   450  C  CA  . LYS A 1 83  ? 3.401   13.037  -1.086  1.00 9.56  ? 63  LYS A CA  1 
ATOM   451  C  C   . LYS A 1 83  ? 2.244   13.696  -0.353  1.00 16.10 ? 63  LYS A C   1 
ATOM   452  O  O   . LYS A 1 83  ? 2.026   14.902  -0.481  1.00 18.81 ? 63  LYS A O   1 
ATOM   453  C  CB  . LYS A 1 83  ? 4.713   13.357  -0.366  1.00 13.38 ? 63  LYS A CB  1 
ATOM   454  C  CG  . LYS A 1 83  ? 5.898   12.600  -0.906  1.00 17.28 ? 63  LYS A CG  1 
ATOM   455  C  CD  . LYS A 1 83  ? 7.162   12.918  -0.124  1.00 24.02 ? 63  LYS A CD  1 
ATOM   456  C  CE  . LYS A 1 83  ? 7.081   12.439  1.317   1.00 17.51 ? 63  LYS A CE  1 
ATOM   457  N  NZ  . LYS A 1 83  ? 8.415   12.546  1.990   1.00 20.12 ? 63  LYS A NZ  1 
ATOM   458  N  N   . LEU A 1 84  ? 1.510   12.902  0.420   1.00 12.46 ? 64  LEU A N   1 
ATOM   459  C  CA  . LEU A 1 84  ? 0.379   13.403  1.191   1.00 11.23 ? 64  LEU A CA  1 
ATOM   460  C  C   . LEU A 1 84  ? 0.832   13.839  2.576   1.00 15.16 ? 64  LEU A C   1 
ATOM   461  O  O   . LEU A 1 84  ? 1.888   13.431  3.051   1.00 16.74 ? 64  LEU A O   1 
ATOM   462  C  CB  . LEU A 1 84  ? -0.715  12.340  1.299   1.00 9.93  ? 64  LEU A CB  1 
ATOM   463  C  CG  . LEU A 1 84  ? -1.277  11.891  -0.054  1.00 11.97 ? 64  LEU A CG  1 
ATOM   464  C  CD1 . LEU A 1 84  ? -2.258  10.752  0.132   1.00 12.44 ? 64  LEU A CD1 1 
ATOM   465  C  CD2 . LEU A 1 84  ? -1.922  13.067  -0.784  1.00 12.90 ? 64  LEU A CD2 1 
ATOM   466  N  N   . ALA A 1 85  ? 0.023   14.675  3.217   1.00 14.99 ? 65  ALA A N   1 
ATOM   467  C  CA  . ALA A 1 85  ? 0.420   15.304  4.471   1.00 15.18 ? 65  ALA A CA  1 
ATOM   468  C  C   . ALA A 1 85  ? 0.216   14.424  5.692   1.00 17.37 ? 65  ALA A C   1 
ATOM   469  O  O   . ALA A 1 85  ? 0.860   14.623  6.722   1.00 18.64 ? 65  ALA A O   1 
ATOM   470  C  CB  . ALA A 1 85  ? -0.323  16.625  4.647   1.00 21.26 ? 65  ALA A CB  1 
ATOM   471  N  N   . SER A 1 86  ? -0.684  13.454  5.585   1.00 15.02 ? 66  SER A N   1 
ATOM   472  C  CA  . SER A 1 86  ? -1.091  12.684  6.750   1.00 11.98 ? 66  SER A CA  1 
ATOM   473  C  C   . SER A 1 86  ? -1.744  11.370  6.354   1.00 13.64 ? 66  SER A C   1 
ATOM   474  O  O   . SER A 1 86  ? -2.131  11.181  5.202   1.00 13.00 ? 66  SER A O   1 
ATOM   475  C  CB  . SER A 1 86  ? -2.088  13.492  7.583   1.00 16.81 ? 66  SER A CB  1 
ATOM   476  O  OG  . SER A 1 86  ? -3.282  13.721  6.853   1.00 17.67 ? 66  SER A OG  1 
ATOM   477  N  N   . GLY A 1 87  ? -1.893  10.478  7.327   1.00 13.00 ? 67  GLY A N   1 
ATOM   478  C  CA  . GLY A 1 87  ? -2.577  9.216   7.111   1.00 13.50 ? 67  GLY A CA  1 
ATOM   479  C  C   . GLY A 1 87  ? -4.047  9.447   6.812   1.00 12.94 ? 67  GLY A C   1 
ATOM   480  O  O   . GLY A 1 87  ? -4.664  8.700   6.050   1.00 12.39 ? 67  GLY A O   1 
ATOM   481  N  N   . ALA A 1 88  ? -4.610  10.491  7.414   1.00 12.32 ? 68  ALA A N   1 
ATOM   482  C  CA  . ALA A 1 88  ? -6.005  10.835  7.179   1.00 14.58 ? 68  ALA A CA  1 
ATOM   483  C  C   . ALA A 1 88  ? -6.218  11.184  5.712   1.00 12.79 ? 68  ALA A C   1 
ATOM   484  O  O   . ALA A 1 88  ? -7.173  10.711  5.075   1.00 13.87 ? 68  ALA A O   1 
ATOM   485  C  CB  . ALA A 1 88  ? -6.432  11.997  8.084   1.00 17.12 ? 68  ALA A CB  1 
ATOM   486  N  N   . GLU A 1 89  ? -5.311  11.995  5.170   1.00 12.66 ? 69  GLU A N   1 
ATOM   487  C  CA  . GLU A 1 89  ? -5.356  12.346  3.757   1.00 11.44 ? 69  GLU A CA  1 
ATOM   488  C  C   . GLU A 1 89  ? -5.162  11.122  2.868   1.00 11.45 ? 69  GLU A C   1 
ATOM   489  O  O   . GLU A 1 89  ? -5.790  11.012  1.815   1.00 13.28 ? 69  GLU A O   1 
ATOM   490  C  CB  . GLU A 1 89  ? -4.339  13.436  3.414   1.00 13.52 ? 69  GLU A CB  1 
ATOM   491  C  CG  . GLU A 1 89  ? -4.453  13.917  1.977   1.00 27.31 ? 69  GLU A CG  1 
ATOM   492  C  CD  . GLU A 1 89  ? -3.689  15.201  1.715   1.00 27.51 ? 69  GLU A CD  1 
ATOM   493  O  OE1 . GLU A 1 89  ? -2.637  15.414  2.352   1.00 24.59 ? 69  GLU A OE1 1 
ATOM   494  O  OE2 . GLU A 1 89  ? -4.149  15.998  0.866   1.00 37.21 ? 69  GLU A OE2 1 
ATOM   495  N  N   . ALA A 1 90  ? -4.299  10.204  3.295   1.00 10.89 ? 70  ALA A N   1 
ATOM   496  C  CA  . ALA A 1 90  ? -4.082  8.959   2.559   1.00 9.27  ? 70  ALA A CA  1 
ATOM   497  C  C   . ALA A 1 90  ? -5.376  8.164   2.427   1.00 9.60  ? 70  ALA A C   1 
ATOM   498  O  O   . ALA A 1 90  ? -5.733  7.709   1.328   1.00 9.54  ? 70  ALA A O   1 
ATOM   499  C  CB  . ALA A 1 90  ? -3.017  8.129   3.254   1.00 7.96  ? 70  ALA A CB  1 
ATOM   500  N  N   . ALA A 1 91  ? -6.074  7.993   3.547   1.00 9.82  ? 71  ALA A N   1 
ATOM   501  C  CA  . ALA A 1 91  ? -7.359  7.290   3.531   1.00 8.68  ? 71  ALA A CA  1 
ATOM   502  C  C   . ALA A 1 91  ? -8.378  8.000   2.639   1.00 9.65  ? 71  ALA A C   1 
ATOM   503  O  O   . ALA A 1 91  ? -9.120  7.348   1.888   1.00 10.52 ? 71  ALA A O   1 
ATOM   504  C  CB  . ALA A 1 91  ? -7.909  7.131   4.937   1.00 10.76 ? 71  ALA A CB  1 
ATOM   505  N  N   . GLN A 1 92  ? -8.422  9.329   2.715   1.00 11.69 ? 72  GLN A N   1 
ATOM   506  C  CA  . GLN A 1 92  ? -9.355  10.081  1.867   1.00 13.01 ? 72  GLN A CA  1 
ATOM   507  C  C   . GLN A 1 92  ? -9.075  9.891   0.369   1.00 11.91 ? 72  GLN A C   1 
ATOM   508  O  O   . GLN A 1 92  ? -10.009 9.697   -0.439  1.00 13.41 ? 72  GLN A O   1 
ATOM   509  C  CB  . GLN A 1 92  ? -9.358  11.563  2.239   1.00 15.11 ? 72  GLN A CB  1 
ATOM   510  C  CG  . GLN A 1 92  ? -9.889  11.839  3.637   1.00 23.44 ? 72  GLN A CG  1 
ATOM   511  C  CD  . GLN A 1 92  ? -11.248 11.197  3.887   1.00 39.49 ? 72  GLN A CD  1 
ATOM   512  O  OE1 . GLN A 1 92  ? -12.030 10.983  2.959   1.00 41.66 ? 72  GLN A OE1 1 
ATOM   513  N  NE2 . GLN A 1 92  ? -11.530 10.880  5.147   1.00 41.14 ? 72  GLN A NE2 1 
ATOM   514  N  N   . LYS A 1 93  ? -7.794  9.920   -0.007  1.00 10.75 ? 73  LYS A N   1 
ATOM   515  C  CA  . LYS A 1 93  ? -7.436  9.753   -1.414  1.00 9.02  ? 73  LYS A CA  1 
ATOM   516  C  C   . LYS A 1 93  ? -7.771  8.343   -1.884  1.00 9.82  ? 73  LYS A C   1 
ATOM   517  O  O   . LYS A 1 93  ? -8.254  8.143   -2.997  1.00 10.57 ? 73  LYS A O   1 
ATOM   518  C  CB  . LYS A 1 93  ? -5.960  10.090  -1.676  1.00 11.17 ? 73  LYS A CB  1 
ATOM   519  C  CG  . LYS A 1 93  ? -5.604  11.565  -1.594  1.00 16.00 ? 73  LYS A CG  1 
ATOM   520  C  CD  . LYS A 1 93  ? -6.337  12.382  -2.637  1.00 19.22 ? 73  LYS A CD  1 
ATOM   521  C  CE  . LYS A 1 93  ? -5.860  12.054  -4.025  1.00 25.72 ? 73  LYS A CE  1 
ATOM   522  N  NZ  . LYS A 1 93  ? -6.191  13.134  -4.999  1.00 31.91 ? 73  LYS A NZ  1 
ATOM   523  N  N   . ALA A 1 94  ? -7.516  7.357   -1.037  1.00 9.03  ? 74  ALA A N   1 
ATOM   524  C  CA  . ALA A 1 94  ? -7.888  5.995   -1.395  1.00 6.64  ? 74  ALA A CA  1 
ATOM   525  C  C   . ALA A 1 94  ? -9.406  5.917   -1.595  1.00 11.67 ? 74  ALA A C   1 
ATOM   526  O  O   . ALA A 1 94  ? -9.884  5.285   -2.536  1.00 9.97  ? 74  ALA A O   1 
ATOM   527  C  CB  . ALA A 1 94  ? -7.426  5.012   -0.357  1.00 8.27  ? 74  ALA A CB  1 
ATOM   528  N  N   . ALA A 1 95  ? -10.164 6.583   -0.725  1.00 10.76 ? 75  ALA A N   1 
ATOM   529  C  CA  . ALA A 1 95  ? -11.620 6.613   -0.861  1.00 10.70 ? 75  ALA A CA  1 
ATOM   530  C  C   . ALA A 1 95  ? -12.086 7.284   -2.143  1.00 10.47 ? 75  ALA A C   1 
ATOM   531  O  O   . ALA A 1 95  ? -13.230 7.074   -2.565  1.00 13.96 ? 75  ALA A O   1 
ATOM   532  C  CB  . ALA A 1 95  ? -12.261 7.281   0.343   1.00 9.92  ? 75  ALA A CB  1 
ATOM   533  N  N   . GLN A 1 96  ? -11.220 8.092   -2.757  1.00 8.87  ? 76  GLN A N   1 
ATOM   534  C  CA  . GLN A 1 96  ? -11.550 8.719   -4.035  1.00 11.33 ? 76  GLN A CA  1 
ATOM   535  C  C   . GLN A 1 96  ? -11.085 7.905   -5.238  1.00 12.44 ? 76  GLN A C   1 
ATOM   536  O  O   . GLN A 1 96  ? -11.220 8.346   -6.384  1.00 13.38 ? 76  GLN A O   1 
ATOM   537  C  CB  . GLN A 1 96  ? -10.974 10.132  -4.106  1.00 13.81 ? 76  GLN A CB  1 
ATOM   538  C  CG  . GLN A 1 96  ? -11.665 11.094  -3.154  1.00 14.51 ? 76  GLN A CG  1 
ATOM   539  C  CD  . GLN A 1 96  ? -10.798 12.275  -2.754  1.00 25.33 ? 76  GLN A CD  1 
ATOM   540  O  OE1 . GLN A 1 96  ? -9.688  12.448  -3.253  1.00 37.00 ? 76  GLN A OE1 1 
ATOM   541  N  NE2 . GLN A 1 96  ? -11.307 13.097  -1.841  1.00 40.78 ? 76  GLN A NE2 1 
ATOM   542  N  N   . GLY A 1 97  ? -10.527 6.725   -4.982  1.00 10.35 ? 77  GLY A N   1 
ATOM   543  C  CA  . GLY A 1 97  ? -10.164 5.825   -6.062  1.00 9.82  ? 77  GLY A CA  1 
ATOM   544  C  C   . GLY A 1 97  ? -8.709  5.873   -6.485  1.00 8.31  ? 77  GLY A C   1 
ATOM   545  O  O   . GLY A 1 97  ? -8.363  5.377   -7.557  1.00 9.16  ? 77  GLY A O   1 
ATOM   546  N  N   . PHE A 1 98  ? -7.863  6.476   -5.653  1.00 8.51  ? 78  PHE A N   1 
ATOM   547  C  CA  . PHE A 1 98  ? -6.436  6.583   -5.960  1.00 9.13  ? 78  PHE A CA  1 
ATOM   548  C  C   . PHE A 1 98  ? -5.628  5.489   -5.284  1.00 6.99  ? 78  PHE A C   1 
ATOM   549  O  O   . PHE A 1 98  ? -5.913  5.120   -4.138  1.00 9.25  ? 78  PHE A O   1 
ATOM   550  C  CB  . PHE A 1 98  ? -5.879  7.924   -5.488  1.00 8.95  ? 78  PHE A CB  1 
ATOM   551  C  CG  . PHE A 1 98  ? -6.339  9.100   -6.294  1.00 7.95  ? 78  PHE A CG  1 
ATOM   552  C  CD1 . PHE A 1 98  ? -7.548  9.714   -6.018  1.00 10.89 ? 78  PHE A CD1 1 
ATOM   553  C  CD2 . PHE A 1 98  ? -5.556  9.592   -7.329  1.00 9.33  ? 78  PHE A CD2 1 
ATOM   554  C  CE1 . PHE A 1 98  ? -7.975  10.808  -6.763  1.00 10.61 ? 78  PHE A CE1 1 
ATOM   555  C  CE2 . PHE A 1 98  ? -5.970  10.678  -8.076  1.00 11.06 ? 78  PHE A CE2 1 
ATOM   556  C  CZ  . PHE A 1 98  ? -7.189  11.290  -7.784  1.00 8.90  ? 78  PHE A CZ  1 
ATOM   557  N  N   . LEU A 1 99  ? -4.610  4.992   -5.986  1.00 7.16  ? 79  LEU A N   1 
ATOM   558  C  CA  . LEU A 1 99  ? -3.612  4.118   -5.357  1.00 6.00  ? 79  LEU A CA  1 
ATOM   559  C  C   . LEU A 1 99  ? -2.693  4.954   -4.465  1.00 5.24  ? 79  LEU A C   1 
ATOM   560  O  O   . LEU A 1 99  ? -2.058  5.908   -4.921  1.00 6.80  ? 79  LEU A O   1 
ATOM   561  C  CB  . LEU A 1 99  ? -2.777  3.386   -6.413  1.00 5.47  ? 79  LEU A CB  1 
ATOM   562  C  CG  . LEU A 1 99  ? -1.747  2.393   -5.863  1.00 5.96  ? 79  LEU A CG  1 
ATOM   563  C  CD1 . LEU A 1 99  ? -2.435  1.294   -5.067  1.00 6.47  ? 79  LEU A CD1 1 
ATOM   564  C  CD2 . LEU A 1 99  ? -0.914  1.788   -6.990  1.00 10.23 ? 79  LEU A CD2 1 
ATOM   565  N  N   . VAL A 1 100 ? -2.645  4.583   -3.192  1.00 4.99  ? 80  VAL A N   1 
ATOM   566  C  CA  . VAL A 1 100 ? -1.858  5.289   -2.193  1.00 6.28  ? 80  VAL A CA  1 
ATOM   567  C  C   . VAL A 1 100 ? -0.968  4.257   -1.519  1.00 5.89  ? 80  VAL A C   1 
ATOM   568  O  O   . VAL A 1 100 ? -1.458  3.243   -1.022  1.00 7.15  ? 80  VAL A O   1 
ATOM   569  C  CB  . VAL A 1 100 ? -2.762  5.928   -1.131  1.00 7.64  ? 80  VAL A CB  1 
ATOM   570  C  CG1 . VAL A 1 100 ? -1.916  6.591   -0.037  1.00 8.17  ? 80  VAL A CG1 1 
ATOM   571  C  CG2 . VAL A 1 100 ? -3.725  6.933   -1.772  1.00 8.44  ? 80  VAL A CG2 1 
ATOM   572  N  N   . ILE A 1 101 ? 0.337   4.510   -1.530  1.00 5.83  ? 81  ILE A N   1 
ATOM   573  C  CA  . ILE A 1 101 ? 1.311   3.601   -0.933  1.00 5.82  ? 81  ILE A CA  1 
ATOM   574  C  C   . ILE A 1 101 ? 1.916   4.234   0.318   1.00 6.77  ? 81  ILE A C   1 
ATOM   575  O  O   . ILE A 1 101 ? 2.389   5.373   0.282   1.00 7.89  ? 81  ILE A O   1 
ATOM   576  C  CB  . ILE A 1 101 ? 2.436   3.248   -1.930  1.00 6.31  ? 81  ILE A CB  1 
ATOM   577  C  CG1 . ILE A 1 101 ? 1.869   2.677   -3.236  1.00 8.80  ? 81  ILE A CG1 1 
ATOM   578  C  CG2 . ILE A 1 101 ? 3.446   2.278   -1.307  1.00 8.03  ? 81  ILE A CG2 1 
ATOM   579  C  CD1 . ILE A 1 101 ? 0.939   1.514   -3.071  1.00 10.78 ? 81  ILE A CD1 1 
ATOM   580  N  N   . ALA A 1 102 ? 1.859   3.504   1.427   1.00 5.50  ? 82  ALA A N   1 
ATOM   581  C  CA  . ALA A 1 102 ? 2.581   3.882   2.640   1.00 5.43  ? 82  ALA A CA  1 
ATOM   582  C  C   . ALA A 1 102 ? 3.936   3.200   2.592   1.00 5.18  ? 82  ALA A C   1 
ATOM   583  O  O   . ALA A 1 102 ? 4.027   2.017   2.270   1.00 5.79  ? 82  ALA A O   1 
ATOM   584  C  CB  . ALA A 1 102 ? 1.810   3.441   3.881   1.00 6.81  ? 82  ALA A CB  1 
ATOM   585  N  N   . GLY A 1 103 ? 5.000   3.944   2.889   1.00 5.54  ? 83  GLY A N   1 
ATOM   586  C  CA  . GLY A 1 103 ? 6.330   3.377   2.835   1.00 5.67  ? 83  GLY A CA  1 
ATOM   587  C  C   . GLY A 1 103 ? 7.341   4.060   3.733   1.00 5.41  ? 83  GLY A C   1 
ATOM   588  O  O   . GLY A 1 103 ? 7.241   5.264   4.034   1.00 7.60  ? 83  GLY A O   1 
ATOM   589  N  N   . LEU A 1 104 ? 8.325   3.275   4.152   1.00 5.66  ? 84  LEU A N   1 
ATOM   590  C  CA  . LEU A 1 104 ? 9.421   3.766   4.975   1.00 5.92  ? 84  LEU A CA  1 
ATOM   591  C  C   . LEU A 1 104 ? 10.650  2.898   4.740   1.00 4.17  ? 84  LEU A C   1 
ATOM   592  O  O   . LEU A 1 104 ? 10.558  1.666   4.802   1.00 6.03  ? 84  LEU A O   1 
ATOM   593  C  CB  . LEU A 1 104 ? 9.017   3.733   6.448   1.00 6.98  ? 84  LEU A CB  1 
ATOM   594  C  CG  . LEU A 1 104 ? 10.057  4.125   7.499   1.00 6.78  ? 84  LEU A CG  1 
ATOM   595  C  CD1 . LEU A 1 104 ? 10.401  5.603   7.418   1.00 8.00  ? 84  LEU A CD1 1 
ATOM   596  C  CD2 . LEU A 1 104 ? 9.517   3.798   8.876   1.00 6.38  ? 84  LEU A CD2 1 
ATOM   597  N  N   . LYS A 1 105 ? 11.784  3.535   4.453   1.00 6.41  ? 85  LYS A N   1 
ATOM   598  C  CA  . LYS A 1 105 ? 13.045  2.828   4.274   1.00 6.12  ? 85  LYS A CA  1 
ATOM   599  C  C   . LYS A 1 105 ? 13.563  2.278   5.588   1.00 6.78  ? 85  LYS A C   1 
ATOM   600  O  O   . LYS A 1 105 ? 13.310  2.841   6.654   1.00 8.07  ? 85  LYS A O   1 
ATOM   601  C  CB  . LYS A 1 105 ? 14.110  3.753   3.676   1.00 6.85  ? 85  LYS A CB  1 
ATOM   602  C  CG  . LYS A 1 105 ? 13.846  4.162   2.245   1.00 8.70  ? 85  LYS A CG  1 
ATOM   603  C  CD  . LYS A 1 105 ? 15.033  4.973   1.723   1.00 9.35  ? 85  LYS A CD  1 
ATOM   604  C  CE  . LYS A 1 105 ? 14.823  5.455   0.293   1.00 9.04  ? 85  LYS A CE  1 
ATOM   605  N  NZ  . LYS A 1 105 ? 16.013  6.243   -0.166  1.00 14.61 ? 85  LYS A NZ  1 
ATOM   606  N  N   . GLY A 1 106 ? 14.287  1.164   5.501   1.00 6.02  ? 86  GLY A N   1 
ATOM   607  C  CA  . GLY A 1 106 ? 14.928  0.581   6.668   1.00 7.41  ? 86  GLY A CA  1 
ATOM   608  C  C   . GLY A 1 106 ? 16.437  0.530   6.527   1.00 6.66  ? 86  GLY A C   1 
ATOM   609  O  O   . GLY A 1 106 ? 16.977  0.641   5.430   1.00 6.62  ? 86  GLY A O   1 
ATOM   610  N  N   . ARG A 1 107 ? 17.124  0.386   7.652   1.00 8.39  ? 87  ARG A N   1 
ATOM   611  C  CA  . ARG A 1 107 ? 18.562  0.195   7.627   1.00 6.93  ? 87  ARG A CA  1 
ATOM   612  C  C   . ARG A 1 107 ? 18.925  -1.031  6.780   1.00 7.57  ? 87  ARG A C   1 
ATOM   613  O  O   . ARG A 1 107 ? 19.823  -0.975  5.942   1.00 9.95  ? 87  ARG A O   1 
ATOM   614  C  CB  . ARG A 1 107 ? 19.085  0.033   9.052   1.00 8.92  ? 87  ARG A CB  1 
ATOM   615  C  CG  . ARG A 1 107 ? 20.580  0.149   9.190   1.00 16.18 ? 87  ARG A CG  1 
ATOM   616  C  CD  . ARG A 1 107 ? 20.944  0.428   10.634  1.00 19.35 ? 87  ARG A CD  1 
ATOM   617  N  NE  . ARG A 1 107 ? 22.386  0.466   10.817  1.00 25.57 ? 87  ARG A NE  1 
ATOM   618  C  CZ  . ARG A 1 107 ? 22.972  0.442   12.007  1.00 24.54 ? 87  ARG A CZ  1 
ATOM   619  N  NH1 . ARG A 1 107 ? 22.228  0.381   13.105  1.00 23.44 ? 87  ARG A NH1 1 
ATOM   620  N  NH2 . ARG A 1 107 ? 24.294  0.476   12.096  1.00 31.21 ? 87  ARG A NH2 1 
ATOM   621  N  N   . THR A 1 108 ? 18.235  -2.144  7.015   1.00 8.39  ? 88  THR A N   1 
ATOM   622  C  CA  . THR A 1 108 ? 18.442  -3.332  6.193   1.00 9.39  ? 88  THR A CA  1 
ATOM   623  C  C   . THR A 1 108 ? 17.251  -3.627  5.284   1.00 8.51  ? 88  THR A C   1 
ATOM   624  O  O   . THR A 1 108 ? 17.445  -3.999  4.130   1.00 11.76 ? 88  THR A O   1 
ATOM   625  C  CB  . THR A 1 108 ? 18.785  -4.562  7.037   1.00 13.31 ? 88  THR A CB  1 
ATOM   626  O  OG1 . THR A 1 108 ? 17.837  -4.691  8.100   1.00 19.55 ? 88  THR A OG1 1 
ATOM   627  C  CG2 . THR A 1 108 ? 20.189  -4.407  7.632   1.00 15.74 ? 88  THR A CG2 1 
ATOM   628  N  N   . TYR A 1 109 ? 16.036  -3.450  5.799   1.00 9.19  ? 89  TYR A N   1 
ATOM   629  C  CA  . TYR A 1 109 ? 14.826  -3.741  5.035   1.00 9.50  ? 89  TYR A CA  1 
ATOM   630  C  C   . TYR A 1 109 ? 13.761  -2.697  5.292   1.00 6.67  ? 89  TYR A C   1 
ATOM   631  O  O   . TYR A 1 109 ? 13.447  -2.398  6.446   1.00 8.32  ? 89  TYR A O   1 
ATOM   632  C  CB  . TYR A 1 109 ? 14.272  -5.115  5.433   1.00 10.65 ? 89  TYR A CB  1 
ATOM   633  C  CG  . TYR A 1 109 ? 15.267  -6.232  5.249   1.00 14.54 ? 89  TYR A CG  1 
ATOM   634  C  CD1 . TYR A 1 109 ? 16.040  -6.688  6.313   1.00 20.07 ? 89  TYR A CD1 1 
ATOM   635  C  CD2 . TYR A 1 109 ? 15.442  -6.820  4.012   1.00 12.07 ? 89  TYR A CD2 1 
ATOM   636  C  CE1 . TYR A 1 109 ? 16.961  -7.710  6.138   1.00 18.18 ? 89  TYR A CE1 1 
ATOM   637  C  CE2 . TYR A 1 109 ? 16.360  -7.846  3.825   1.00 13.52 ? 89  TYR A CE2 1 
ATOM   638  C  CZ  . TYR A 1 109 ? 17.114  -8.279  4.896   1.00 16.47 ? 89  TYR A CZ  1 
ATOM   639  O  OH  . TYR A 1 109 ? 18.030  -9.295  4.715   1.00 22.66 ? 89  TYR A OH  1 
ATOM   640  N  N   . GLY A 1 110 ? 13.188  -2.159  4.221   1.00 6.66  ? 90  GLY A N   1 
ATOM   641  C  CA  . GLY A 1 110 ? 12.057  -1.249  4.333   1.00 7.42  ? 90  GLY A CA  1 
ATOM   642  C  C   . GLY A 1 110 ? 10.741  -2.008  4.322   1.00 5.24  ? 90  GLY A C   1 
ATOM   643  O  O   . GLY A 1 110 ? 10.718  -3.239  4.338   1.00 7.77  ? 90  GLY A O   1 
ATOM   644  N  N   . HIS A 1 111 ? 9.640   -1.269  4.290   1.00 5.44  ? 91  HIS A N   1 
ATOM   645  C  CA  . HIS A 1 111 ? 8.329   -1.885  4.158   1.00 4.31  ? 91  HIS A CA  1 
ATOM   646  C  C   . HIS A 1 111 ? 7.440   -0.948  3.355   1.00 6.18  ? 91  HIS A C   1 
ATOM   647  O  O   . HIS A 1 111 ? 7.592   0.281   3.424   1.00 6.29  ? 91  HIS A O   1 
ATOM   648  C  CB  . HIS A 1 111 ? 7.734   -2.174  5.540   1.00 6.27  ? 91  HIS A CB  1 
ATOM   649  C  CG  . HIS A 1 111 ? 6.460   -2.953  5.500   1.00 5.67  ? 91  HIS A CG  1 
ATOM   650  N  ND1 . HIS A 1 111 ? 6.406   -4.283  5.138   1.00 6.45  ? 91  HIS A ND1 1 
ATOM   651  C  CD2 . HIS A 1 111 ? 5.190   -2.589  5.792   1.00 6.82  ? 91  HIS A CD2 1 
ATOM   652  C  CE1 . HIS A 1 111 ? 5.154   -4.701  5.208   1.00 5.98  ? 91  HIS A CE1 1 
ATOM   653  N  NE2 . HIS A 1 111 ? 4.400   -3.698  5.615   1.00 7.43  ? 91  HIS A NE2 1 
ATOM   654  N  N   . VAL A 1 112 ? 6.529   -1.541  2.585   1.00 4.52  ? 92  VAL A N   1 
ATOM   655  C  CA  . VAL A 1 112 ? 5.527   -0.797  1.825   1.00 4.71  ? 92  VAL A CA  1 
ATOM   656  C  C   . VAL A 1 112 ? 4.175   -1.481  1.972   1.00 4.63  ? 92  VAL A C   1 
ATOM   657  O  O   . VAL A 1 112 ? 4.101   -2.687  2.185   1.00 5.39  ? 92  VAL A O   1 
ATOM   658  C  CB  . VAL A 1 112 ? 5.874   -0.674  0.323   1.00 4.41  ? 92  VAL A CB  1 
ATOM   659  C  CG1 . VAL A 1 112 ? 7.021   0.298   0.116   1.00 5.53  ? 92  VAL A CG1 1 
ATOM   660  C  CG2 . VAL A 1 112 ? 6.209   -2.034  -0.261  1.00 6.55  ? 92  VAL A CG2 1 
ATOM   661  N  N   . ALA A 1 113 ? 3.114   -0.689  1.868   1.00 5.29  ? 93  ALA A N   1 
ATOM   662  C  CA  . ALA A 1 113 ? 1.751   -1.179  2.033   1.00 4.67  ? 93  ALA A CA  1 
ATOM   663  C  C   . ALA A 1 113 ? 0.804   -0.359  1.174   1.00 5.64  ? 93  ALA A C   1 
ATOM   664  O  O   . ALA A 1 113 ? 1.090   0.789   0.846   1.00 6.18  ? 93  ALA A O   1 
ATOM   665  C  CB  . ALA A 1 113 ? 1.325   -1.111  3.507   1.00 6.85  ? 93  ALA A CB  1 
ATOM   666  N  N   . VAL A 1 114 ? -0.318  -0.965  0.809   1.00 5.11  ? 94  VAL A N   1 
ATOM   667  C  CA  . VAL A 1 114 ? -1.376  -0.252  0.100   1.00 6.16  ? 94  VAL A CA  1 
ATOM   668  C  C   . VAL A 1 114 ? -2.391  0.289   1.106   1.00 5.86  ? 94  VAL A C   1 
ATOM   669  O  O   . VAL A 1 114 ? -2.936  -0.470  1.911   1.00 7.02  ? 94  VAL A O   1 
ATOM   670  C  CB  . VAL A 1 114 ? -2.097  -1.185  -0.909  1.00 4.66  ? 94  VAL A CB  1 
ATOM   671  C  CG1 . VAL A 1 114 ? -3.247  -0.455  -1.599  1.00 5.21  ? 94  VAL A CG1 1 
ATOM   672  C  CG2 . VAL A 1 114 ? -1.110  -1.735  -1.940  1.00 6.51  ? 94  VAL A CG2 1 
ATOM   673  N  N   . VAL A 1 115 ? -2.646  1.596   1.060   1.00 6.91  ? 95  VAL A N   1 
ATOM   674  C  CA  . VAL A 1 115 ? -3.640  2.211   1.940   1.00 6.20  ? 95  VAL A CA  1 
ATOM   675  C  C   . VAL A 1 115 ? -5.029  2.075   1.333   1.00 6.42  ? 95  VAL A C   1 
ATOM   676  O  O   . VAL A 1 115 ? -5.207  2.286   0.135   1.00 8.45  ? 95  VAL A O   1 
ATOM   677  C  CB  . VAL A 1 115 ? -3.329  3.701   2.172   1.00 5.89  ? 95  VAL A CB  1 
ATOM   678  C  CG1 . VAL A 1 115 ? -4.490  4.406   2.887   1.00 7.98  ? 95  VAL A CG1 1 
ATOM   679  C  CG2 . VAL A 1 115 ? -2.042  3.845   2.955   1.00 8.13  ? 95  VAL A CG2 1 
ATOM   680  N  N   . ILE A 1 116 ? -6.005  1.707   2.161   1.00 5.71  ? 96  ILE A N   1 
ATOM   681  C  CA  . ILE A 1 116 ? -7.388  1.603   1.710   1.00 6.48  ? 96  ILE A CA  1 
ATOM   682  C  C   . ILE A 1 116 ? -8.271  2.482   2.577   1.00 9.41  ? 96  ILE A C   1 
ATOM   683  O  O   . ILE A 1 116 ? -7.856  2.919   3.651   1.00 9.44  ? 96  ILE A O   1 
ATOM   684  C  CB  . ILE A 1 116 ? -7.907  0.143   1.745   1.00 8.83  ? 96  ILE A CB  1 
ATOM   685  C  CG1 . ILE A 1 116 ? -7.813  -0.437  3.161   1.00 9.73  ? 96  ILE A CG1 1 
ATOM   686  C  CG2 . ILE A 1 116 ? -7.141  -0.729  0.728   1.00 10.81 ? 96  ILE A CG2 1 
ATOM   687  C  CD1 . ILE A 1 116 ? -8.560  -1.755  3.336   1.00 10.05 ? 96  ILE A CD1 1 
ATOM   688  N  N   . SER A 1 117 ? -9.491  2.740   2.113   1.00 10.10 ? 97  SER A N   1 
ATOM   689  C  CA  . SER A 1 117 ? -10.427 3.530   2.906   1.00 9.64  ? 97  SER A CA  1 
ATOM   690  C  C   . SER A 1 117 ? -10.898 2.750   4.131   1.00 11.40 ? 97  SER A C   1 
ATOM   691  O  O   . SER A 1 117 ? -10.908 1.508   4.149   1.00 12.33 ? 97  SER A O   1 
ATOM   692  C  CB  . SER A 1 117 ? -11.625 3.960   2.058   1.00 11.90 ? 97  SER A CB  1 
ATOM   693  O  OG  . SER A 1 117 ? -12.449 2.856   1.752   1.00 20.11 ? 97  SER A OG  1 
ATOM   694  N  N   . GLY A 1 118 ? -11.293 3.492   5.157   1.00 15.03 ? 98  GLY A N   1 
ATOM   695  C  CA  . GLY A 1 118 ? -11.769 2.888   6.388   1.00 14.78 ? 98  GLY A CA  1 
ATOM   696  C  C   . GLY A 1 118 ? -11.442 3.779   7.566   1.00 16.97 ? 98  GLY A C   1 
ATOM   697  O  O   . GLY A 1 118 ? -10.634 4.700   7.442   1.00 13.99 ? 98  GLY A O   1 
ATOM   698  N  N   . PRO A 1 119 ? -12.076 3.515   8.715   1.00 21.25 ? 99  PRO A N   1 
ATOM   699  C  CA  . PRO A 1 119 ? -11.851 4.292   9.938   1.00 20.05 ? 99  PRO A CA  1 
ATOM   700  C  C   . PRO A 1 119 ? -10.382 4.285   10.349  1.00 19.54 ? 99  PRO A C   1 
ATOM   701  O  O   . PRO A 1 119 ? -9.732  3.238   10.294  1.00 20.25 ? 99  PRO A O   1 
ATOM   702  C  CB  . PRO A 1 119 ? -12.693 3.549   10.980  1.00 24.24 ? 99  PRO A CB  1 
ATOM   703  C  CG  . PRO A 1 119 ? -13.771 2.885   10.186  1.00 30.43 ? 99  PRO A CG  1 
ATOM   704  C  CD  . PRO A 1 119 ? -13.108 2.478   8.899   1.00 24.38 ? 99  PRO A CD  1 
ATOM   705  N  N   . LEU A 1 120 ? -9.867  5.440   10.756  1.00 14.68 ? 100 LEU A N   1 
ATOM   706  C  CA  . LEU A 1 120 ? -8.475  5.542   11.175  1.00 15.39 ? 100 LEU A CA  1 
ATOM   707  C  C   . LEU A 1 120 ? -8.269  4.922   12.549  1.00 21.85 ? 100 LEU A C   1 
ATOM   708  O  O   . LEU A 1 120 ? -9.044  5.161   13.475  1.00 25.88 ? 100 LEU A O   1 
ATOM   709  C  CB  . LEU A 1 120 ? -8.018  6.995   11.201  1.00 17.74 ? 100 LEU A CB  1 
ATOM   710  C  CG  . LEU A 1 120 ? -8.151  7.792   9.911   1.00 17.45 ? 100 LEU A CG  1 
ATOM   711  C  CD1 . LEU A 1 120 ? -7.604  9.190   10.132  1.00 18.82 ? 100 LEU A CD1 1 
ATOM   712  C  CD2 . LEU A 1 120 ? -7.418  7.095   8.771   1.00 15.46 ? 100 LEU A CD2 1 
ATOM   713  N  N   . TYR A 1 121 ? -7.225  4.114   12.667  1.00 16.89 ? 101 TYR A N   1 
ATOM   714  C  CA  . TYR A 1 121 ? -6.819  3.560   13.953  1.00 16.55 ? 101 TYR A CA  1 
ATOM   715  C  C   . TYR A 1 121 ? -6.271  4.683   14.829  1.00 21.64 ? 101 TYR A C   1 
ATOM   716  O  O   . TYR A 1 121 ? -5.412  5.459   14.401  1.00 16.33 ? 101 TYR A O   1 
ATOM   717  C  CB  . TYR A 1 121 ? -5.763  2.477   13.727  1.00 16.76 ? 101 TYR A CB  1 
ATOM   718  C  CG  . TYR A 1 121 ? -5.169  1.894   14.984  1.00 18.76 ? 101 TYR A CG  1 
ATOM   719  C  CD1 . TYR A 1 121 ? -5.954  1.179   15.875  1.00 19.16 ? 101 TYR A CD1 1 
ATOM   720  C  CD2 . TYR A 1 121 ? -3.816  2.038   15.268  1.00 17.46 ? 101 TYR A CD2 1 
ATOM   721  C  CE1 . TYR A 1 121 ? -5.412  0.636   17.022  1.00 24.46 ? 101 TYR A CE1 1 
ATOM   722  C  CE2 . TYR A 1 121 ? -3.261  1.493   16.412  1.00 18.92 ? 101 TYR A CE2 1 
ATOM   723  C  CZ  . TYR A 1 121 ? -4.065  0.797   17.287  1.00 24.30 ? 101 TYR A CZ  1 
ATOM   724  O  OH  . TYR A 1 121 ? -3.526  0.255   18.434  1.00 23.89 ? 101 TYR A OH  1 
ATOM   725  N  N   . ARG A 1 122 ? -6.787  4.781   16.052  1.00 20.35 ? 102 ARG A N   1 
ATOM   726  C  CA  . ARG A 1 122 ? -6.410  5.852   16.971  1.00 23.63 ? 102 ARG A CA  1 
ATOM   727  C  C   . ARG A 1 122 ? -6.565  7.223   16.316  1.00 20.74 ? 102 ARG A C   1 
ATOM   728  O  O   . ARG A 1 122 ? -5.801  8.148   16.590  1.00 28.98 ? 102 ARG A O   1 
ATOM   729  C  CB  . ARG A 1 122 ? -4.983  5.641   17.487  1.00 28.10 ? 102 ARG A CB  1 
ATOM   730  C  CG  . ARG A 1 122 ? -4.792  4.298   18.180  1.00 30.57 ? 102 ARG A CG  1 
ATOM   731  C  CD  . ARG A 1 122 ? -3.334  4.025   18.522  1.00 34.90 ? 102 ARG A CD  1 
ATOM   732  N  NE  . ARG A 1 122 ? -2.922  4.649   19.775  1.00 44.75 ? 102 ARG A NE  1 
ATOM   733  C  CZ  . ARG A 1 122 ? -2.391  5.863   19.868  1.00 42.61 ? 102 ARG A CZ  1 
ATOM   734  N  NH1 . ARG A 1 122 ? -2.210  6.594   18.777  1.00 37.93 ? 102 ARG A NH1 1 
ATOM   735  N  NH2 . ARG A 1 122 ? -2.047  6.347   21.054  1.00 47.09 ? 102 ARG A NH2 1 
ATOM   736  N  N   . GLN A 1 123 ? -7.566  7.330   15.445  1.00 23.21 ? 103 GLN A N   1 
ATOM   737  C  CA  . GLN A 1 123 ? -7.874  8.567   14.722  1.00 26.85 ? 103 GLN A CA  1 
ATOM   738  C  C   . GLN A 1 123 ? -6.696  9.128   13.932  1.00 26.27 ? 103 GLN A C   1 
ATOM   739  O  O   . GLN A 1 123 ? -6.625  10.331  13.684  1.00 26.22 ? 103 GLN A O   1 
ATOM   740  C  CB  . GLN A 1 123 ? -8.421  9.637   15.679  1.00 30.18 ? 103 GLN A CB  1 
ATOM   741  C  CG  . GLN A 1 123 ? -9.770  9.303   16.288  1.00 33.31 ? 103 GLN A CG  1 
ATOM   742  C  CD  . GLN A 1 123 ? -9.685  8.214   17.336  1.00 39.87 ? 103 GLN A CD  1 
ATOM   743  O  OE1 . GLN A 1 123 ? -10.291 7.152   17.194  1.00 45.35 ? 103 GLN A OE1 1 
ATOM   744  N  NE2 . GLN A 1 123 ? -8.933  8.474   18.402  1.00 40.35 ? 103 GLN A NE2 1 
ATOM   745  N  N   . LYS A 1 124 ? -5.786  8.256   13.512  1.00 21.59 ? 104 LYS A N   1 
ATOM   746  C  CA  . LYS A 1 124 ? -4.528  8.709   12.941  1.00 21.57 ? 104 LYS A CA  1 
ATOM   747  C  C   . LYS A 1 124 ? -3.990  7.830   11.799  1.00 15.46 ? 104 LYS A C   1 
ATOM   748  O  O   . LYS A 1 124 ? -3.474  8.346   10.801  1.00 18.96 ? 104 LYS A O   1 
ATOM   749  C  CB  . LYS A 1 124 ? -3.485  8.788   14.058  1.00 27.31 ? 104 LYS A CB  1 
ATOM   750  C  CG  . LYS A 1 124 ? -2.316  9.681   13.750  1.00 29.89 ? 104 LYS A CG  1 
ATOM   751  C  CD  . LYS A 1 124 ? -1.458  9.867   14.984  1.00 29.39 ? 104 LYS A CD  1 
ATOM   752  C  CE  . LYS A 1 124 ? -0.272  10.771  14.677  1.00 30.37 ? 104 LYS A CE  1 
ATOM   753  N  NZ  . LYS A 1 124 ? 0.533   10.300  13.507  1.00 32.60 ? 104 LYS A NZ  1 
ATOM   754  N  N   . TYR A 1 125 ? -4.109  6.515   11.949  1.00 14.06 ? 105 TYR A N   1 
ATOM   755  C  CA  . TYR A 1 125 ? -3.437  5.578   11.047  1.00 12.29 ? 105 TYR A CA  1 
ATOM   756  C  C   . TYR A 1 125 ? -4.422  4.841   10.148  1.00 11.27 ? 105 TYR A C   1 
ATOM   757  O  O   . TYR A 1 125 ? -5.307  4.147   10.619  1.00 11.26 ? 105 TYR A O   1 
ATOM   758  C  CB  . TYR A 1 125 ? -2.624  4.564   11.854  1.00 12.59 ? 105 TYR A CB  1 
ATOM   759  C  CG  . TYR A 1 125 ? -1.697  5.213   12.866  1.00 11.38 ? 105 TYR A CG  1 
ATOM   760  C  CD1 . TYR A 1 125 ? -1.998  5.190   14.217  1.00 18.15 ? 105 TYR A CD1 1 
ATOM   761  C  CD2 . TYR A 1 125 ? -0.552  5.886   12.465  1.00 12.65 ? 105 TYR A CD2 1 
ATOM   762  C  CE1 . TYR A 1 125 ? -1.172  5.793   15.145  1.00 15.07 ? 105 TYR A CE1 1 
ATOM   763  C  CE2 . TYR A 1 125 ? 0.291   6.489   13.393  1.00 13.36 ? 105 TYR A CE2 1 
ATOM   764  C  CZ  . TYR A 1 125 ? -0.036  6.443   14.734  1.00 14.03 ? 105 TYR A CZ  1 
ATOM   765  O  OH  . TYR A 1 125 ? 0.781   7.038   15.677  1.00 16.27 ? 105 TYR A OH  1 
ATOM   766  N  N   . PRO A 1 126 ? -4.244  4.966   8.829   1.00 9.41  ? 106 PRO A N   1 
ATOM   767  C  CA  . PRO A 1 126 ? -5.183  4.342   7.886   1.00 7.51  ? 106 PRO A CA  1 
ATOM   768  C  C   . PRO A 1 126 ? -5.049  2.818   7.776   1.00 8.19  ? 106 PRO A C   1 
ATOM   769  O  O   . PRO A 1 126 ? -3.995  2.242   8.064   1.00 8.23  ? 106 PRO A O   1 
ATOM   770  C  CB  . PRO A 1 126 ? -4.814  4.992   6.554   1.00 9.67  ? 106 PRO A CB  1 
ATOM   771  C  CG  . PRO A 1 126 ? -3.366  5.326   6.692   1.00 9.54  ? 106 PRO A CG  1 
ATOM   772  C  CD  . PRO A 1 126 ? -3.198  5.737   8.140   1.00 9.56  ? 106 PRO A CD  1 
HETATM 773  N  N   . MSE A 1 127 ? -6.133  2.176   7.343   1.00 9.09  ? 107 MSE A N   1 
HETATM 774  C  CA  . MSE A 1 127 ? -6.145  0.736   7.106   1.00 8.29  ? 107 MSE A CA  1 
HETATM 775  C  C   . MSE A 1 127 ? -5.314  0.395   5.890   1.00 8.67  ? 107 MSE A C   1 
HETATM 776  O  O   . MSE A 1 127 ? -5.106  1.243   5.022   1.00 8.50  ? 107 MSE A O   1 
HETATM 777  C  CB  . MSE A 1 127 ? -7.582  0.250   6.903   1.00 10.82 ? 107 MSE A CB  1 
HETATM 778  C  CG  . MSE A 1 127 ? -8.524  0.650   8.050   1.00 10.50 ? 107 MSE A CG  1 
HETATM 779  SE SE  . MSE A 1 127 ? -7.948  -0.061  9.787   1.00 16.43 ? 107 MSE A SE  1 
HETATM 780  C  CE  . MSE A 1 127 ? -8.103  -1.940  9.375   1.00 17.24 ? 107 MSE A CE  1 
ATOM   781  N  N   . CYS A 1 128 ? -4.840  -0.842  5.826   1.00 6.37  ? 108 CYS A N   1 
ATOM   782  C  CA  . CYS A 1 128 ? -3.908  -1.189  4.761   1.00 6.36  ? 108 CYS A CA  1 
ATOM   783  C  C   . CYS A 1 128 ? -3.937  -2.661  4.409   1.00 6.43  ? 108 CYS A C   1 
ATOM   784  O  O   . CYS A 1 128 ? -4.478  -3.491  5.150   1.00 7.37  ? 108 CYS A O   1 
ATOM   785  C  CB  . CYS A 1 128 ? -2.483  -0.765  5.142   1.00 7.46  ? 108 CYS A CB  1 
ATOM   786  S  SG  . CYS A 1 128 ? -1.654  -1.843  6.350   1.00 8.16  ? 108 CYS A SG  1 
ATOM   787  N  N   . TRP A 1 129 ? -3.364  -2.962  3.242   1.00 6.24  ? 109 TRP A N   1 
ATOM   788  C  CA  . TRP A 1 129 ? -3.017  -4.316  2.840   1.00 7.82  ? 109 TRP A CA  1 
ATOM   789  C  C   . TRP A 1 129 ? -1.505  -4.370  2.655   1.00 6.18  ? 109 TRP A C   1 
ATOM   790  O  O   . TRP A 1 129 ? -0.905  -3.459  2.074   1.00 6.14  ? 109 TRP A O   1 
ATOM   791  C  CB  . TRP A 1 129 ? -3.657  -4.663  1.498   1.00 6.96  ? 109 TRP A CB  1 
ATOM   792  C  CG  . TRP A 1 129 ? -5.056  -5.187  1.560   1.00 6.09  ? 109 TRP A CG  1 
ATOM   793  C  CD1 . TRP A 1 129 ? -6.193  -4.461  1.763   1.00 8.66  ? 109 TRP A CD1 1 
ATOM   794  C  CD2 . TRP A 1 129 ? -5.467  -6.543  1.376   1.00 8.25  ? 109 TRP A CD2 1 
ATOM   795  N  NE1 . TRP A 1 129 ? -7.294  -5.290  1.726   1.00 9.83  ? 109 TRP A NE1 1 
ATOM   796  C  CE2 . TRP A 1 129 ? -6.872  -6.576  1.488   1.00 10.30 ? 109 TRP A CE2 1 
ATOM   797  C  CE3 . TRP A 1 129 ? -4.783  -7.739  1.128   1.00 8.14  ? 109 TRP A CE3 1 
ATOM   798  C  CZ2 . TRP A 1 129 ? -7.608  -7.758  1.367   1.00 9.27  ? 109 TRP A CZ2 1 
ATOM   799  C  CZ3 . TRP A 1 129 ? -5.510  -8.912  1.006   1.00 12.32 ? 109 TRP A CZ3 1 
ATOM   800  C  CH2 . TRP A 1 129 ? -6.910  -8.912  1.126   1.00 10.50 ? 109 TRP A CH2 1 
ATOM   801  N  N   . CYS A 1 130 ? -0.884  -5.433  3.141   1.00 6.56  ? 110 CYS A N   1 
ATOM   802  C  CA  . CYS A 1 130 ? 0.538   -5.632  2.897   1.00 6.36  ? 110 CYS A CA  1 
ATOM   803  C  C   . CYS A 1 130 ? 0.942   -7.064  3.178   1.00 7.33  ? 110 CYS A C   1 
ATOM   804  O  O   . CYS A 1 130 ? 0.345   -7.738  4.026   1.00 7.94  ? 110 CYS A O   1 
ATOM   805  C  CB  . CYS A 1 130 ? 1.398   -4.669  3.736   1.00 6.36  ? 110 CYS A CB  1 
ATOM   806  S  SG  . CYS A 1 130 ? 1.023   -4.633  5.512   1.00 5.94  ? 110 CYS A SG  1 
ATOM   807  N  N   . GLY A 1 131 ? 1.956   -7.521  2.456   1.00 5.50  ? 111 GLY A N   1 
ATOM   808  C  CA  . GLY A 1 131 ? 2.615   -8.774  2.761   1.00 6.66  ? 111 GLY A CA  1 
ATOM   809  C  C   . GLY A 1 131 ? 3.921   -8.506  3.485   1.00 6.07  ? 111 GLY A C   1 
ATOM   810  O  O   . GLY A 1 131 ? 4.364   -7.358  3.559   1.00 6.94  ? 111 GLY A O   1 
ATOM   811  N  N   . SER A 1 132 ? 4.543   -9.555  4.018   1.00 6.69  ? 112 SER A N   1 
ATOM   812  C  CA  . SER A 1 132 ? 5.843   -9.398  4.674   1.00 6.89  ? 112 SER A CA  1 
ATOM   813  C  C   . SER A 1 132 ? 6.559   -10.715 4.908   1.00 9.63  ? 112 SER A C   1 
ATOM   814  O  O   . SER A 1 132 ? 5.966   -11.682 5.378   1.00 8.72  ? 112 SER A O   1 
ATOM   815  C  CB  . SER A 1 132 ? 5.689   -8.692  6.021   1.00 7.93  ? 112 SER A CB  1 
ATOM   816  O  OG  . SER A 1 132 ? 6.958   -8.482  6.630   1.00 9.25  ? 112 SER A OG  1 
ATOM   817  N  N   . ILE A 1 133 ? 7.855   -10.726 4.620   1.00 8.46  ? 113 ILE A N   1 
ATOM   818  C  CA  . ILE A 1 133 ? 8.682   -11.877 4.952   1.00 9.09  ? 113 ILE A CA  1 
ATOM   819  C  C   . ILE A 1 133 ? 8.751   -12.092 6.474   1.00 12.40 ? 113 ILE A C   1 
ATOM   820  O  O   . ILE A 1 133 ? 9.082   -13.187 6.929   1.00 12.16 ? 113 ILE A O   1 
ATOM   821  C  CB  . ILE A 1 133 ? 10.097  -11.708 4.364   1.00 14.33 ? 113 ILE A CB  1 
ATOM   822  C  CG1 . ILE A 1 133 ? 10.897  -13.020 4.445   1.00 13.11 ? 113 ILE A CG1 1 
ATOM   823  C  CG2 . ILE A 1 133 ? 10.817  -10.559 5.040   1.00 11.46 ? 113 ILE A CG2 1 
ATOM   824  C  CD1 . ILE A 1 133 ? 10.336  -14.137 3.603   1.00 17.73 ? 113 ILE A CD1 1 
ATOM   825  N  N   . ALA A 1 134 ? 8.424   -11.062 7.255   1.00 9.96  ? 114 ALA A N   1 
ATOM   826  C  CA  . ALA A 1 134 ? 8.453   -11.171 8.717   1.00 10.68 ? 114 ALA A CA  1 
ATOM   827  C  C   . ALA A 1 134 ? 7.370   -12.098 9.239   1.00 13.58 ? 114 ALA A C   1 
ATOM   828  O  O   . ALA A 1 134 ? 7.451   -12.577 10.371  1.00 16.37 ? 114 ALA A O   1 
ATOM   829  C  CB  . ALA A 1 134 ? 8.319   -9.794  9.349   1.00 20.00 ? 114 ALA A CB  1 
ATOM   830  N  N   . GLY A 1 135 ? 6.348   -12.333 8.423   1.00 11.60 ? 115 GLY A N   1 
ATOM   831  C  CA  . GLY A 1 135 ? 5.225   -13.153 8.830   1.00 9.68  ? 115 GLY A CA  1 
ATOM   832  C  C   . GLY A 1 135 ? 4.065   -12.290 9.288   1.00 9.69  ? 115 GLY A C   1 
ATOM   833  O  O   . GLY A 1 135 ? 3.910   -11.141 8.864   1.00 9.52  ? 115 GLY A O   1 
ATOM   834  N  N   . ALA A 1 136 ? 3.243   -12.853 10.170  1.00 9.36  ? 116 ALA A N   1 
ATOM   835  C  CA  . ALA A 1 136 ? 2.001   -12.214 10.579  1.00 9.44  ? 116 ALA A CA  1 
ATOM   836  C  C   . ALA A 1 136 ? 2.144   -10.759 11.027  1.00 7.89  ? 116 ALA A C   1 
ATOM   837  O  O   . ALA A 1 136 ? 1.277   -9.938  10.724  1.00 9.00  ? 116 ALA A O   1 
ATOM   838  C  CB  . ALA A 1 136 ? 1.324   -13.040 11.666  1.00 11.65 ? 116 ALA A CB  1 
ATOM   839  N  N   . VAL A 1 137 ? 3.209   -10.431 11.753  1.00 7.82  ? 117 VAL A N   1 
ATOM   840  C  CA  . VAL A 1 137 ? 3.336   -9.067  12.273  1.00 9.06  ? 117 VAL A CA  1 
ATOM   841  C  C   . VAL A 1 137 ? 3.380   -8.014  11.168  1.00 8.43  ? 117 VAL A C   1 
ATOM   842  O  O   . VAL A 1 137 ? 2.989   -6.871  11.390  1.00 9.80  ? 117 VAL A O   1 
ATOM   843  C  CB  . VAL A 1 137 ? 4.550   -8.880  13.200  1.00 8.99  ? 117 VAL A CB  1 
ATOM   844  C  CG1 . VAL A 1 137 ? 4.401   -9.739  14.455  1.00 11.58 ? 117 VAL A CG1 1 
ATOM   845  C  CG2 . VAL A 1 137 ? 5.846   -9.197  12.478  1.00 11.08 ? 117 VAL A CG2 1 
ATOM   846  N  N   . GLY A 1 138 ? 3.829   -8.411  9.980   1.00 8.84  ? 118 GLY A N   1 
ATOM   847  C  CA  . GLY A 1 138 ? 3.924   -7.475  8.866   1.00 9.36  ? 118 GLY A CA  1 
ATOM   848  C  C   . GLY A 1 138 ? 2.881   -7.685  7.791   1.00 9.38  ? 118 GLY A C   1 
ATOM   849  O  O   . GLY A 1 138 ? 2.956   -7.075  6.723   1.00 9.23  ? 118 GLY A O   1 
ATOM   850  N  N   . GLN A 1 139 ? 1.911   -8.551  8.067   1.00 8.21  ? 119 GLN A N   1 
ATOM   851  C  CA  . GLN A 1 139 ? 0.868   -8.885  7.109   1.00 9.17  ? 119 GLN A CA  1 
ATOM   852  C  C   . GLN A 1 139 ? -0.462  -8.259  7.496   1.00 10.03 ? 119 GLN A C   1 
ATOM   853  O  O   . GLN A 1 139 ? -0.862  -8.283  8.659   1.00 9.69  ? 119 GLN A O   1 
ATOM   854  C  CB  . GLN A 1 139 ? 0.694   -10.403 7.013   1.00 8.62  ? 119 GLN A CB  1 
ATOM   855  C  CG  . GLN A 1 139 ? 1.840   -11.125 6.325   1.00 10.02 ? 119 GLN A CG  1 
ATOM   856  C  CD  . GLN A 1 139 ? 1.745   -12.639 6.444   1.00 13.25 ? 119 GLN A CD  1 
ATOM   857  O  OE1 . GLN A 1 139 ? 1.023   -13.166 7.288   1.00 16.24 ? 119 GLN A OE1 1 
ATOM   858  N  NE2 . GLN A 1 139 ? 2.485   -13.345 5.599   1.00 15.06 ? 119 GLN A NE2 1 
ATOM   859  N  N   . SER A 1 140 ? -1.158  -7.717  6.507   1.00 7.24  ? 120 SER A N   1 
ATOM   860  C  CA  . SER A 1 140 ? -2.512  -7.210  6.711   1.00 6.71  ? 120 SER A CA  1 
ATOM   861  C  C   . SER A 1 140 ? -3.358  -7.478  5.490   1.00 9.05  ? 120 SER A C   1 
ATOM   862  O  O   . SER A 1 140 ? -2.997  -7.074  4.385   1.00 8.07  ? 120 SER A O   1 
ATOM   863  C  CB  . SER A 1 140 ? -2.519  -5.705  6.975   1.00 7.13  ? 120 SER A CB  1 
ATOM   864  O  OG  . SER A 1 140 ? -3.857  -5.265  7.163   1.00 8.57  ? 120 SER A OG  1 
ATOM   865  N  N   . GLN A 1 141 ? -4.486  -8.147  5.694   1.00 8.30  ? 121 GLN A N   1 
ATOM   866  C  CA  . GLN A 1 141 ? -5.453  -8.341  4.622   1.00 9.46  ? 121 GLN A CA  1 
ATOM   867  C  C   . GLN A 1 141 ? -6.617  -7.378  4.801   1.00 11.38 ? 121 GLN A C   1 
ATOM   868  O  O   . GLN A 1 141 ? -7.791  -7.771  4.808   1.00 11.21 ? 121 GLN A O   1 
ATOM   869  C  CB  . GLN A 1 141 ? -5.922  -9.797  4.573   1.00 12.34 ? 121 GLN A CB  1 
ATOM   870  C  CG  . GLN A 1 141 ? -4.809  -10.751 4.192   1.00 13.03 ? 121 GLN A CG  1 
ATOM   871  C  CD  . GLN A 1 141 ? -5.249  -12.200 4.185   1.00 16.44 ? 121 GLN A CD  1 
ATOM   872  O  OE1 . GLN A 1 141 ? -5.976  -12.635 3.296   1.00 21.69 ? 121 GLN A OE1 1 
ATOM   873  N  NE2 . GLN A 1 141 ? -4.803  -12.952 5.176   1.00 22.00 ? 121 GLN A NE2 1 
ATOM   874  N  N   . GLY A 1 142 ? -6.276  -6.106  4.963   1.00 9.13  ? 122 GLY A N   1 
ATOM   875  C  CA  . GLY A 1 142 ? -7.266  -5.055  5.136   1.00 8.25  ? 122 GLY A CA  1 
ATOM   876  C  C   . GLY A 1 142 ? -7.815  -4.958  6.555   1.00 9.25  ? 122 GLY A C   1 
ATOM   877  O  O   . GLY A 1 142 ? -8.675  -4.124  6.821   1.00 16.79 ? 122 GLY A O   1 
ATOM   878  N  N   . LEU A 1 143 ? -7.299  -5.775  7.471   1.00 11.13 ? 123 LEU A N   1 
ATOM   879  C  CA  . LEU A 1 143 ? -7.849  -5.846  8.823   1.00 11.18 ? 123 LEU A CA  1 
ATOM   880  C  C   . LEU A 1 143 ? -7.015  -5.112  9.866   1.00 14.40 ? 123 LEU A C   1 
ATOM   881  O  O   . LEU A 1 143 ? -7.447  -4.951  11.012  1.00 13.22 ? 123 LEU A O   1 
ATOM   882  C  CB  . LEU A 1 143 ? -8.037  -7.303  9.252   1.00 14.16 ? 123 LEU A CB  1 
ATOM   883  C  CG  . LEU A 1 143 ? -8.949  -8.132  8.349   1.00 17.65 ? 123 LEU A CG  1 
ATOM   884  C  CD1 . LEU A 1 143 ? -9.076  -9.548  8.894   1.00 24.85 ? 123 LEU A CD1 1 
ATOM   885  C  CD2 . LEU A 1 143 ? -10.312 -7.466  8.231   1.00 17.66 ? 123 LEU A CD2 1 
ATOM   886  N  N   . LYS A 1 144 ? -5.816  -4.691  9.472   1.00 10.77 ? 124 LYS A N   1 
ATOM   887  C  CA  . LYS A 1 144 ? -4.962  -3.874  10.317  1.00 9.09  ? 124 LYS A CA  1 
ATOM   888  C  C   . LYS A 1 144 ? -4.640  -2.524  9.677   1.00 9.25  ? 124 LYS A C   1 
ATOM   889  O  O   . LYS A 1 144 ? -4.704  -2.346  8.452   1.00 11.48 ? 124 LYS A O   1 
ATOM   890  C  CB  . LYS A 1 144 ? -3.629  -4.575  10.599  1.00 9.67  ? 124 LYS A CB  1 
ATOM   891  C  CG  . LYS A 1 144 ? -3.705  -5.909  11.294  1.00 13.39 ? 124 LYS A CG  1 
ATOM   892  C  CD  . LYS A 1 144 ? -2.300  -6.498  11.287  1.00 18.10 ? 124 LYS A CD  1 
ATOM   893  C  CE  . LYS A 1 144 ? -2.276  -7.930  11.706  1.00 21.47 ? 124 LYS A CE  1 
ATOM   894  N  NZ  . LYS A 1 144 ? -0.891  -8.439  11.562  1.00 12.51 ? 124 LYS A NZ  1 
ATOM   895  N  N   . SER A 1 145 ? -4.246  -1.588  10.529  1.00 8.98  ? 125 SER A N   1 
ATOM   896  C  CA  . SER A 1 145 ? -3.806  -0.276  10.075  1.00 9.05  ? 125 SER A CA  1 
ATOM   897  C  C   . SER A 1 145 ? -2.291  -0.234  9.992   1.00 10.55 ? 125 SER A C   1 
ATOM   898  O  O   . SER A 1 145 ? -1.595  -1.102  10.521  1.00 9.38  ? 125 SER A O   1 
ATOM   899  C  CB  . SER A 1 145 ? -4.269  0.798   11.053  1.00 13.63 ? 125 SER A CB  1 
ATOM   900  O  OG  . SER A 1 145 ? -3.447  0.809   12.205  1.00 13.96 ? 125 SER A OG  1 
ATOM   901  N  N   . VAL A 1 146 ? -1.779  0.807   9.346   1.00 8.12  ? 126 VAL A N   1 
ATOM   902  C  CA  . VAL A 1 146 ? -0.339  0.990   9.255   1.00 7.02  ? 126 VAL A CA  1 
ATOM   903  C  C   . VAL A 1 146 ? 0.271   1.230   10.633  1.00 8.49  ? 126 VAL A C   1 
ATOM   904  O  O   . VAL A 1 146 ? 1.468   1.015   10.839  1.00 8.24  ? 126 VAL A O   1 
ATOM   905  C  CB  . VAL A 1 146 ? 0.023   2.161   8.321   1.00 5.42  ? 126 VAL A CB  1 
ATOM   906  C  CG1 . VAL A 1 146 ? -0.440  1.872   6.892   1.00 9.22  ? 126 VAL A CG1 1 
ATOM   907  C  CG2 . VAL A 1 146 ? -0.571  3.471   8.836   1.00 7.63  ? 126 VAL A CG2 1 
ATOM   908  N  N   . GLY A 1 147 ? -0.567  1.651   11.580  1.00 9.06  ? 127 GLY A N   1 
ATOM   909  C  CA  . GLY A 1 147 ? -0.114  1.929   12.933  1.00 9.49  ? 127 GLY A CA  1 
ATOM   910  C  C   . GLY A 1 147 ? -0.042  0.692   13.813  1.00 11.13 ? 127 GLY A C   1 
ATOM   911  O  O   . GLY A 1 147 ? 0.374   0.769   14.975  1.00 11.97 ? 127 GLY A O   1 
ATOM   912  N  N   . GLN A 1 148 ? -0.454  -0.441  13.258  1.00 9.00  ? 128 GLN A N   1 
ATOM   913  C  CA  . GLN A 1 148 ? -0.300  -1.736  13.913  1.00 10.52 ? 128 GLN A CA  1 
ATOM   914  C  C   . GLN A 1 148 ? 0.804   -2.551  13.242  1.00 12.54 ? 128 GLN A C   1 
ATOM   915  O  O   . GLN A 1 148 ? 1.562   -3.275  13.899  1.00 13.01 ? 128 GLN A O   1 
ATOM   916  C  CB  . GLN A 1 148 ? -1.622  -2.501  13.884  1.00 12.08 ? 128 GLN A CB  1 
ATOM   917  C  CG  . GLN A 1 148 ? -2.670  -1.912  14.805  1.00 15.08 ? 128 GLN A CG  1 
ATOM   918  C  CD  . GLN A 1 148 ? -4.074  -2.226  14.351  1.00 16.42 ? 128 GLN A CD  1 
ATOM   919  O  OE1 . GLN A 1 148 ? -4.538  -1.715  13.331  1.00 15.87 ? 128 GLN A OE1 1 
ATOM   920  N  NE2 . GLN A 1 148 ? -4.766  -3.072  15.109  1.00 21.23 ? 128 GLN A NE2 1 
ATOM   921  N  N   . VAL A 1 149 ? 0.898   -2.439  11.923  1.00 10.44 ? 129 VAL A N   1 
ATOM   922  C  CA  . VAL A 1 149 ? 1.915   -3.160  11.180  1.00 9.48  ? 129 VAL A CA  1 
ATOM   923  C  C   . VAL A 1 149 ? 3.308   -2.599  11.460  1.00 8.89  ? 129 VAL A C   1 
ATOM   924  O  O   . VAL A 1 149 ? 4.262   -3.345  11.680  1.00 9.57  ? 129 VAL A O   1 
ATOM   925  C  CB  . VAL A 1 149 ? 1.618   -3.100  9.662   1.00 9.20  ? 129 VAL A CB  1 
ATOM   926  C  CG1 . VAL A 1 149 ? 2.811   -3.574  8.847   1.00 14.72 ? 129 VAL A CG1 1 
ATOM   927  C  CG2 . VAL A 1 149 ? 0.382   -3.935  9.340   1.00 13.57 ? 129 VAL A CG2 1 
ATOM   928  N  N   . TRP A 1 150 ? 3.431   -1.278  11.421  1.00 6.88  ? 130 TRP A N   1 
ATOM   929  C  CA  . TRP A 1 150 ? 4.725   -0.675  11.700  1.00 7.24  ? 130 TRP A CA  1 
ATOM   930  C  C   . TRP A 1 150 ? 4.936   -0.501  13.191  1.00 9.95  ? 130 TRP A C   1 
ATOM   931  O  O   . TRP A 1 150 ? 3.995   -0.226  13.942  1.00 11.67 ? 130 TRP A O   1 
ATOM   932  C  CB  . TRP A 1 150 ? 4.840   0.675   11.018  1.00 7.62  ? 130 TRP A CB  1 
ATOM   933  C  CG  . TRP A 1 150 ? 5.481   0.660   9.671   1.00 7.30  ? 130 TRP A CG  1 
ATOM   934  C  CD1 . TRP A 1 150 ? 6.814   0.668   9.410   1.00 8.28  ? 130 TRP A CD1 1 
ATOM   935  C  CD2 . TRP A 1 150 ? 4.818   0.706   8.396   1.00 8.72  ? 130 TRP A CD2 1 
ATOM   936  N  NE1 . TRP A 1 150 ? 7.031   0.690   8.055   1.00 7.00  ? 130 TRP A NE1 1 
ATOM   937  C  CE2 . TRP A 1 150 ? 5.824   0.725   7.409   1.00 6.18  ? 130 TRP A CE2 1 
ATOM   938  C  CE3 . TRP A 1 150 ? 3.478   0.725   7.994   1.00 8.69  ? 130 TRP A CE3 1 
ATOM   939  C  CZ2 . TRP A 1 150 ? 5.535   0.767   6.050   1.00 7.24  ? 130 TRP A CZ2 1 
ATOM   940  C  CZ3 . TRP A 1 150 ? 3.196   0.769   6.635   1.00 7.56  ? 130 TRP A CZ3 1 
ATOM   941  C  CH2 . TRP A 1 150 ? 4.219   0.795   5.683   1.00 8.67  ? 130 TRP A CH2 1 
ATOM   942  N  N   . ASN A 1 151 ? 6.189   -0.648  13.604  1.00 10.41 ? 131 ASN A N   1 
ATOM   943  C  CA  . ASN A 1 151 ? 6.587   -0.418  14.983  1.00 11.75 ? 131 ASN A CA  1 
ATOM   944  C  C   . ASN A 1 151 ? 6.190   0.986   15.446  1.00 14.11 ? 131 ASN A C   1 
ATOM   945  O  O   . ASN A 1 151 ? 6.142   1.914   14.642  1.00 10.45 ? 131 ASN A O   1 
ATOM   946  C  CB  . ASN A 1 151 ? 8.102   -0.588  15.085  1.00 12.72 ? 131 ASN A CB  1 
ATOM   947  C  CG  . ASN A 1 151 ? 8.571   -0.837  16.495  1.00 16.11 ? 131 ASN A CG  1 
ATOM   948  O  OD1 . ASN A 1 151 ? 8.627   0.079   17.313  1.00 18.82 ? 131 ASN A OD1 1 
ATOM   949  N  ND2 . ASN A 1 151 ? 8.928   -2.088  16.787  1.00 18.41 ? 131 ASN A ND2 1 
ATOM   950  N  N   . ARG A 1 152 ? 5.907   1.164   16.731  1.00 14.53 ? 132 ARG A N   1 
ATOM   951  C  CA  . ARG A 1 152 ? 5.609   2.471   17.292  1.00 12.39 ? 132 ARG A CA  1 
ATOM   952  C  C   . ARG A 1 152 ? 6.666   3.533   16.959  1.00 10.80 ? 132 ARG A C   1 
ATOM   953  O  O   . ARG A 1 152 ? 6.355   4.651   16.846  1.00 12.77 ? 132 ARG A O   1 
ATOM   954  C  CB  . ARG A 1 152 ? 5.459   2.384   18.824  1.00 20.00 ? 132 ARG A CB  1 
ATOM   955  C  CG  . ARG A 1 152 ? 4.034   2.268   19.275  1.00 20.00 ? 132 ARG A CG  1 
ATOM   956  C  CD  . ARG A 1 152 ? 3.922   1.894   20.739  1.00 20.00 ? 132 ARG A CD  1 
ATOM   957  N  NE  . ARG A 1 152 ? 2.674   1.203   21.013  1.00 20.00 ? 132 ARG A NE  1 
ATOM   958  C  CZ  . ARG A 1 152 ? 2.364   0.692   22.190  1.00 20.00 ? 132 ARG A CZ  1 
ATOM   959  N  NH1 . ARG A 1 152 ? 3.225   0.791   23.190  1.00 20.00 ? 132 ARG A NH1 1 
ATOM   960  N  NH2 . ARG A 1 152 ? 1.196   0.089   22.368  1.00 20.00 ? 132 ARG A NH2 1 
ATOM   961  N  N   . THR A 1 153 ? 7.915   3.133   16.830  1.00 11.57 ? 133 THR A N   1 
ATOM   962  C  CA  . THR A 1 153 ? 8.963   4.105   16.532  1.00 11.43 ? 133 THR A CA  1 
ATOM   963  C  C   . THR A 1 153 ? 9.012   4.474   15.051  1.00 10.95 ? 133 THR A C   1 
ATOM   964  O  O   . THR A 1 153 ? 9.782   5.348   14.646  1.00 9.23  ? 133 THR A O   1 
ATOM   965  C  CB  . THR A 1 153 ? 10.342  3.609   16.989  1.00 12.61 ? 133 THR A CB  1 
ATOM   966  O  OG1 . THR A 1 153 ? 10.617  2.337   16.396  1.00 16.04 ? 133 THR A OG1 1 
ATOM   967  C  CG2 . THR A 1 153 ? 10.378  3.477   18.515  1.00 17.11 ? 133 THR A CG2 1 
ATOM   968  N  N   . ASP A 1 154 ? 8.170   3.814   14.256  1.00 9.30  ? 134 ASP A N   1 
ATOM   969  C  CA  . ASP A 1 154 ? 8.128   4.025   12.803  1.00 9.20  ? 134 ASP A CA  1 
ATOM   970  C  C   . ASP A 1 154 ? 6.809   4.597   12.290  1.00 7.43  ? 134 ASP A C   1 
ATOM   971  O  O   . ASP A 1 154 ? 6.781   5.295   11.281  1.00 7.95  ? 134 ASP A O   1 
ATOM   972  C  CB  . ASP A 1 154 ? 8.392   2.707   12.073  1.00 7.51  ? 134 ASP A CB  1 
ATOM   973  C  CG  . ASP A 1 154 ? 9.799   2.212   12.263  1.00 10.72 ? 134 ASP A CG  1 
ATOM   974  O  OD1 . ASP A 1 154 ? 10.708  3.050   12.452  1.00 10.92 ? 134 ASP A OD1 1 
ATOM   975  O  OD2 . ASP A 1 154 ? 9.997   0.984   12.237  1.00 10.22 ? 134 ASP A OD2 1 
ATOM   976  N  N   . ARG A 1 155 ? 5.708   4.294   12.966  1.00 8.84  ? 135 ARG A N   1 
ATOM   977  C  CA  . ARG A 1 155 ? 4.394   4.617   12.402  1.00 7.49  ? 135 ARG A CA  1 
ATOM   978  C  C   . ARG A 1 155 ? 4.113   6.106   12.201  1.00 10.73 ? 135 ARG A C   1 
ATOM   979  O  O   . ARG A 1 155 ? 3.271   6.465   11.385  1.00 10.98 ? 135 ARG A O   1 
ATOM   980  C  CB  . ARG A 1 155 ? 3.281   3.956   13.217  1.00 9.54  ? 135 ARG A CB  1 
ATOM   981  C  CG  . ARG A 1 155 ? 3.173   4.498   14.621  1.00 11.63 ? 135 ARG A CG  1 
ATOM   982  C  CD  . ARG A 1 155 ? 2.067   3.797   15.348  1.00 12.82 ? 135 ARG A CD  1 
ATOM   983  N  NE  . ARG A 1 155 ? 1.967   4.244   16.733  1.00 13.02 ? 135 ARG A NE  1 
ATOM   984  C  CZ  . ARG A 1 155 ? 1.176   3.661   17.626  1.00 16.60 ? 135 ARG A CZ  1 
ATOM   985  N  NH1 . ARG A 1 155 ? 0.434   2.614   17.274  1.00 14.89 ? 135 ARG A NH1 1 
ATOM   986  N  NH2 . ARG A 1 155 ? 1.136   4.120   18.870  1.00 19.87 ? 135 ARG A NH2 1 
ATOM   987  N  N   . ASP A 1 156 ? 4.814   6.974   12.926  1.00 9.68  ? 136 ASP A N   1 
ATOM   988  C  CA  . ASP A 1 156 ? 4.632   8.408   12.756  1.00 9.63  ? 136 ASP A CA  1 
ATOM   989  C  C   . ASP A 1 156 ? 5.641   8.980   11.779  1.00 8.85  ? 136 ASP A C   1 
ATOM   990  O  O   . ASP A 1 156 ? 5.639   10.187  11.515  1.00 14.03 ? 136 ASP A O   1 
ATOM   991  C  CB  . ASP A 1 156 ? 4.753   9.134   14.095  1.00 12.80 ? 136 ASP A CB  1 
ATOM   992  C  CG  . ASP A 1 156 ? 3.632   8.788   15.040  1.00 18.55 ? 136 ASP A CG  1 
ATOM   993  O  OD1 . ASP A 1 156 ? 2.487   8.618   14.567  1.00 18.07 ? 136 ASP A OD1 1 
ATOM   994  O  OD2 . ASP A 1 156 ? 3.896   8.672   16.254  1.00 20.21 ? 136 ASP A OD2 1 
ATOM   995  N  N   . ARG A 1 157 ? 6.477   8.107   11.219  1.00 7.76  ? 137 ARG A N   1 
ATOM   996  C  CA  . ARG A 1 157 ? 7.524   8.517   10.283  1.00 8.25  ? 137 ARG A CA  1 
ATOM   997  C  C   . ARG A 1 157 ? 7.233   8.064   8.857   1.00 8.09  ? 137 ARG A C   1 
ATOM   998  O  O   . ARG A 1 157 ? 8.070   8.222   7.970   1.00 9.19  ? 137 ARG A O   1 
ATOM   999  C  CB  . ARG A 1 157 ? 8.874   7.946   10.727  1.00 8.30  ? 137 ARG A CB  1 
ATOM   1000 C  CG  . ARG A 1 157 ? 9.185   8.203   12.204  1.00 8.52  ? 137 ARG A CG  1 
ATOM   1001 C  CD  . ARG A 1 157 ? 10.652  7.950   12.561  1.00 8.21  ? 137 ARG A CD  1 
ATOM   1002 N  NE  . ARG A 1 157 ? 11.102  6.580   12.309  1.00 7.40  ? 137 ARG A NE  1 
ATOM   1003 C  CZ  . ARG A 1 157 ? 11.939  6.232   11.330  1.00 8.56  ? 137 ARG A CZ  1 
ATOM   1004 N  NH1 . ARG A 1 157 ? 12.283  4.958   11.176  1.00 8.97  ? 137 ARG A NH1 1 
ATOM   1005 N  NH2 . ARG A 1 157 ? 12.437  7.152   10.501  1.00 8.08  ? 137 ARG A NH2 1 
ATOM   1006 N  N   . LEU A 1 158 ? 6.047   7.500   8.639   1.00 8.27  ? 138 LEU A N   1 
ATOM   1007 C  CA  . LEU A 1 158 ? 5.703   6.952   7.334   1.00 7.74  ? 138 LEU A CA  1 
ATOM   1008 C  C   . LEU A 1 158 ? 5.510   8.020   6.283   1.00 9.01  ? 138 LEU A C   1 
ATOM   1009 O  O   . LEU A 1 158 ? 5.111   9.147   6.584   1.00 10.68 ? 138 LEU A O   1 
ATOM   1010 C  CB  . LEU A 1 158 ? 4.410   6.136   7.417   1.00 7.29  ? 138 LEU A CB  1 
ATOM   1011 C  CG  . LEU A 1 158 ? 4.386   5.017   8.447   1.00 7.68  ? 138 LEU A CG  1 
ATOM   1012 C  CD1 . LEU A 1 158 ? 3.052   4.286   8.392   1.00 9.45  ? 138 LEU A CD1 1 
ATOM   1013 C  CD2 . LEU A 1 158 ? 5.557   4.058   8.231   1.00 8.31  ? 138 LEU A CD2 1 
ATOM   1014 N  N   . ASN A 1 159 ? 5.789   7.641   5.044   1.00 8.09  ? 139 ASN A N   1 
ATOM   1015 C  CA  . ASN A 1 159 ? 5.512   8.479   3.888   1.00 7.80  ? 139 ASN A CA  1 
ATOM   1016 C  C   . ASN A 1 159 ? 4.298   7.920   3.180   1.00 8.27  ? 139 ASN A C   1 
ATOM   1017 O  O   . ASN A 1 159 ? 4.166   6.708   3.070   1.00 8.16  ? 139 ASN A O   1 
ATOM   1018 C  CB  . ASN A 1 159 ? 6.690   8.425   2.913   1.00 10.01 ? 139 ASN A CB  1 
ATOM   1019 C  CG  . ASN A 1 159 ? 8.004   8.792   3.565   1.00 14.90 ? 139 ASN A CG  1 
ATOM   1020 O  OD1 . ASN A 1 159 ? 8.289   9.972   3.780   1.00 14.77 ? 139 ASN A OD1 1 
ATOM   1021 N  ND2 . ASN A 1 159 ? 8.820   7.783   3.878   1.00 15.51 ? 139 ASN A ND2 1 
ATOM   1022 N  N   . TYR A 1 160 ? 3.421   8.802   2.700   1.00 7.25  ? 140 TYR A N   1 
ATOM   1023 C  CA  . TYR A 1 160 ? 2.248   8.394   1.924   1.00 7.16  ? 140 TYR A CA  1 
ATOM   1024 C  C   . TYR A 1 160 ? 2.324   9.011   0.536   1.00 9.72  ? 140 TYR A C   1 
ATOM   1025 O  O   . TYR A 1 160 ? 2.373   10.232  0.392   1.00 10.58 ? 140 TYR A O   1 
ATOM   1026 C  CB  . TYR A 1 160 ? 0.961   8.842   2.609   1.00 7.12  ? 140 TYR A CB  1 
ATOM   1027 C  CG  . TYR A 1 160 ? 0.772   8.270   3.985   1.00 7.84  ? 140 TYR A CG  1 
ATOM   1028 C  CD1 . TYR A 1 160 ? 0.269   6.989   4.170   1.00 8.28  ? 140 TYR A CD1 1 
ATOM   1029 C  CD2 . TYR A 1 160 ? 1.099   9.017   5.106   1.00 10.27 ? 140 TYR A CD2 1 
ATOM   1030 C  CE1 . TYR A 1 160 ? 0.091   6.469   5.435   1.00 7.55  ? 140 TYR A CE1 1 
ATOM   1031 C  CE2 . TYR A 1 160 ? 0.928   8.506   6.374   1.00 11.82 ? 140 TYR A CE2 1 
ATOM   1032 C  CZ  . TYR A 1 160 ? 0.420   7.231   6.531   1.00 9.93  ? 140 TYR A CZ  1 
ATOM   1033 O  OH  . TYR A 1 160 ? 0.241   6.707   7.792   1.00 10.88 ? 140 TYR A OH  1 
ATOM   1034 N  N   . TYR A 1 161 ? 2.367   8.152   -0.474  1.00 5.60  ? 141 TYR A N   1 
ATOM   1035 C  CA  . TYR A 1 161 ? 2.512   8.572   -1.866  1.00 5.89  ? 141 TYR A CA  1 
ATOM   1036 C  C   . TYR A 1 161 ? 1.250   8.249   -2.645  1.00 6.63  ? 141 TYR A C   1 
ATOM   1037 O  O   . TYR A 1 161 ? 0.694   7.165   -2.514  1.00 7.13  ? 141 TYR A O   1 
ATOM   1038 C  CB  . TYR A 1 161 ? 3.705   7.861   -2.510  1.00 6.36  ? 141 TYR A CB  1 
ATOM   1039 C  CG  . TYR A 1 161 ? 5.000   8.004   -1.758  1.00 7.36  ? 141 TYR A CG  1 
ATOM   1040 C  CD1 . TYR A 1 161 ? 5.769   9.149   -1.886  1.00 11.14 ? 141 TYR A CD1 1 
ATOM   1041 C  CD2 . TYR A 1 161 ? 5.460   6.988   -0.937  1.00 9.36  ? 141 TYR A CD2 1 
ATOM   1042 C  CE1 . TYR A 1 161 ? 6.961   9.283   -1.211  1.00 10.98 ? 141 TYR A CE1 1 
ATOM   1043 C  CE2 . TYR A 1 161 ? 6.654   7.115   -0.255  1.00 11.04 ? 141 TYR A CE2 1 
ATOM   1044 C  CZ  . TYR A 1 161 ? 7.396   8.265   -0.398  1.00 11.95 ? 141 TYR A CZ  1 
ATOM   1045 O  OH  . TYR A 1 161 ? 8.587   8.399   0.279   1.00 15.46 ? 141 TYR A OH  1 
ATOM   1046 N  N   . VAL A 1 162 ? 0.785   9.195   -3.452  1.00 7.74  ? 142 VAL A N   1 
ATOM   1047 C  CA  . VAL A 1 162 ? -0.418  8.959   -4.246  1.00 7.03  ? 142 VAL A CA  1 
ATOM   1048 C  C   . VAL A 1 162 ? -0.127  9.110   -5.729  1.00 6.96  ? 142 VAL A C   1 
ATOM   1049 O  O   . VAL A 1 162 ? 0.648   9.981   -6.130  1.00 8.68  ? 142 VAL A O   1 
ATOM   1050 C  CB  . VAL A 1 162 ? -1.554  9.906   -3.818  1.00 8.97  ? 142 VAL A CB  1 
ATOM   1051 C  CG1 . VAL A 1 162 ? -1.191  11.363  -4.077  1.00 10.74 ? 142 VAL A CG1 1 
ATOM   1052 C  CG2 . VAL A 1 162 ? -2.859  9.531   -4.529  1.00 8.20  ? 142 VAL A CG2 1 
ATOM   1053 N  N   . TYR A 1 163 ? -0.742  8.252   -6.548  1.00 6.61  ? 143 TYR A N   1 
ATOM   1054 C  CA  . TYR A 1 163 ? -0.526  8.319   -7.990  1.00 7.84  ? 143 TYR A CA  1 
ATOM   1055 C  C   . TYR A 1 163 ? -1.284  9.515   -8.574  1.00 8.48  ? 143 TYR A C   1 
ATOM   1056 O  O   . TYR A 1 163 ? -2.217  10.027  -7.954  1.00 9.71  ? 143 TYR A O   1 
ATOM   1057 C  CB  . TYR A 1 163 ? -0.940  7.007   -8.673  1.00 9.19  ? 143 TYR A CB  1 
ATOM   1058 C  CG  . TYR A 1 163 ? -0.530  6.932   -10.129 1.00 7.87  ? 143 TYR A CG  1 
ATOM   1059 C  CD1 . TYR A 1 163 ? 0.802   7.063   -10.502 1.00 8.51  ? 143 TYR A CD1 1 
ATOM   1060 C  CD2 . TYR A 1 163 ? -1.475  6.724   -11.128 1.00 9.42  ? 143 TYR A CD2 1 
ATOM   1061 C  CE1 . TYR A 1 163 ? 1.186   7.000   -11.831 1.00 10.78 ? 143 TYR A CE1 1 
ATOM   1062 C  CE2 . TYR A 1 163 ? -1.099  6.657   -12.463 1.00 9.80  ? 143 TYR A CE2 1 
ATOM   1063 C  CZ  . TYR A 1 163 ? 0.232   6.797   -12.803 1.00 12.68 ? 143 TYR A CZ  1 
ATOM   1064 O  OH  . TYR A 1 163 ? 0.607   6.728   -14.129 1.00 14.08 ? 143 TYR A OH  1 
ATOM   1065 N  N   . SER A 1 164 ? -0.882  9.964   -9.761  1.00 9.06  ? 144 SER A N   1 
ATOM   1066 C  CA  . SER A 1 164 ? -1.403  11.216  -10.314 1.00 9.96  ? 144 SER A CA  1 
ATOM   1067 C  C   . SER A 1 164 ? -2.806  11.112  -10.914 1.00 12.11 ? 144 SER A C   1 
ATOM   1068 O  O   . SER A 1 164 ? -3.463  12.131  -11.132 1.00 14.61 ? 144 SER A O   1 
ATOM   1069 C  CB  . SER A 1 164 ? -0.432  11.774  -11.358 1.00 12.00 ? 144 SER A CB  1 
ATOM   1070 O  OG  . SER A 1 164 ? -0.225  10.837  -12.398 1.00 16.86 ? 144 SER A OG  1 
ATOM   1071 N  N   . LEU A 1 165 ? -3.252  9.890   -11.188 1.00 9.85  ? 145 LEU A N   1 
ATOM   1072 C  CA  . LEU A 1 165 ? -4.591  9.648   -11.729 1.00 10.42 ? 145 LEU A CA  1 
ATOM   1073 C  C   . LEU A 1 165 ? -5.277  8.590   -10.892 1.00 12.97 ? 145 LEU A C   1 
ATOM   1074 O  O   . LEU A 1 165 ? -4.624  7.690   -10.383 1.00 11.78 ? 145 LEU A O   1 
ATOM   1075 C  CB  . LEU A 1 165 ? -4.510  9.130   -13.163 1.00 13.02 ? 145 LEU A CB  1 
ATOM   1076 C  CG  . LEU A 1 165 ? -3.870  10.041  -14.209 1.00 14.57 ? 145 LEU A CG  1 
ATOM   1077 C  CD1 . LEU A 1 165 ? -3.565  9.263   -15.481 1.00 19.25 ? 145 LEU A CD1 1 
ATOM   1078 C  CD2 . LEU A 1 165 ? -4.766  11.230  -14.490 1.00 16.69 ? 145 LEU A CD2 1 
ATOM   1079 N  N   . ALA A 1 166 ? -6.594  8.686   -10.770 1.00 9.94  ? 146 ALA A N   1 
ATOM   1080 C  CA  . ALA A 1 166 ? -7.358  7.666   -10.071 1.00 7.44  ? 146 ALA A CA  1 
ATOM   1081 C  C   . ALA A 1 166 ? -7.322  6.369   -10.860 1.00 10.47 ? 146 ALA A C   1 
ATOM   1082 O  O   . ALA A 1 166 ? -7.359  6.377   -12.094 1.00 12.43 ? 146 ALA A O   1 
ATOM   1083 C  CB  . ALA A 1 166 ? -8.799  8.126   -9.868  1.00 10.48 ? 146 ALA A CB  1 
ATOM   1084 N  N   . SER A 1 167 ? -7.258  5.258   -10.141 1.00 9.44  ? 147 SER A N   1 
ATOM   1085 C  CA  . SER A 1 167 ? -7.214  3.927   -10.741 1.00 8.63  ? 147 SER A CA  1 
ATOM   1086 C  C   . SER A 1 167 ? -8.599  3.311   -10.846 1.00 11.84 ? 147 SER A C   1 
ATOM   1087 O  O   . SER A 1 167 ? -8.874  2.522   -11.752 1.00 15.07 ? 147 SER A O   1 
ATOM   1088 C  CB  . SER A 1 167 ? -6.321  2.990   -9.918  1.00 12.11 ? 147 SER A CB  1 
ATOM   1089 O  OG  . SER A 1 167 ? -4.959  3.343   -10.066 1.00 11.84 ? 147 SER A OG  1 
ATOM   1090 N  N   . CYS A 1 168 ? -9.471  3.656   -9.911  1.00 8.85  ? 148 CYS A N   1 
ATOM   1091 C  CA  . CYS A 1 168 ? -10.814 3.106   -9.918  1.00 10.08 ? 148 CYS A CA  1 
ATOM   1092 C  C   . CYS A 1 168 ? -11.687 3.806   -10.961 1.00 11.10 ? 148 CYS A C   1 
ATOM   1093 O  O   . CYS A 1 168 ? -11.323 4.855   -11.500 1.00 11.27 ? 148 CYS A O   1 
ATOM   1094 C  CB  . CYS A 1 168 ? -11.407 3.154   -8.510  1.00 6.09  ? 148 CYS A CB  1 
ATOM   1095 S  SG  A CYS A 1 168 ? -12.671 1.923   -8.166  0.15 9.17  ? 148 CYS A SG  1 
ATOM   1096 S  SG  B CYS A 1 168 ? -10.448 2.059   -7.362  0.85 8.55  ? 148 CYS A SG  1 
ATOM   1097 N  N   . SER A 1 169 ? -12.822 3.188   -11.262 1.00 9.96  ? 149 SER A N   1 
ATOM   1098 C  CA  . SER A 1 169 ? -13.725 3.675   -12.298 1.00 9.49  ? 149 SER A CA  1 
ATOM   1099 C  C   . SER A 1 169 ? -15.027 4.170   -11.703 1.00 10.67 ? 149 SER A C   1 
ATOM   1100 O  O   . SER A 1 169 ? -15.261 4.101   -10.489 1.00 12.37 ? 149 SER A O   1 
ATOM   1101 C  CB  . SER A 1 169 ? -14.045 2.539   -13.260 1.00 9.91  ? 149 SER A CB  1 
ATOM   1102 O  OG  . SER A 1 169 ? -14.841 1.566   -12.603 1.00 19.77 ? 149 SER A OG  1 
ATOM   1103 N  N   . LEU A 1 170 ? -15.887 4.666   -12.581 1.00 9.04  ? 150 LEU A N   1 
ATOM   1104 C  CA  . LEU A 1 170 ? -17.258 4.970   -12.215 1.00 10.11 ? 150 LEU A CA  1 
ATOM   1105 C  C   . LEU A 1 170 ? -17.933 3.740   -11.620 1.00 8.17  ? 150 LEU A C   1 
ATOM   1106 O  O   . LEU A 1 170 ? -17.570 2.615   -11.952 1.00 10.73 ? 150 LEU A O   1 
ATOM   1107 C  CB  . LEU A 1 170 ? -18.031 5.392   -13.457 1.00 9.03  ? 150 LEU A CB  1 
ATOM   1108 C  CG  . LEU A 1 170 ? -17.757 6.817   -13.926 1.00 10.57 ? 150 LEU A CG  1 
ATOM   1109 C  CD1 . LEU A 1 170 ? -18.352 7.036   -15.311 1.00 11.63 ? 150 LEU A CD1 1 
ATOM   1110 C  CD2 . LEU A 1 170 ? -18.315 7.803   -12.923 1.00 11.75 ? 150 LEU A CD2 1 
ATOM   1111 N  N   . PRO A 1 171 ? -18.926 3.958   -10.744 1.00 9.25  ? 151 PRO A N   1 
ATOM   1112 C  CA  . PRO A 1 171 ? -19.768 2.846   -10.293 1.00 10.04 ? 151 PRO A CA  1 
ATOM   1113 C  C   . PRO A 1 171 ? -20.447 2.203   -11.496 1.00 9.52  ? 151 PRO A C   1 
ATOM   1114 O  O   . PRO A 1 171 ? -20.540 2.830   -12.552 1.00 10.92 ? 151 PRO A O   1 
ATOM   1115 C  CB  . PRO A 1 171 ? -20.821 3.534   -9.417  1.00 14.29 ? 151 PRO A CB  1 
ATOM   1116 C  CG  . PRO A 1 171 ? -20.192 4.821   -8.993  1.00 19.88 ? 151 PRO A CG  1 
ATOM   1117 C  CD  . PRO A 1 171 ? -19.318 5.240   -10.141 1.00 12.96 ? 151 PRO A CD  1 
ATOM   1118 N  N   . ARG A 1 172 ? -20.913 0.972   -11.346 1.00 12.07 ? 152 ARG A N   1 
ATOM   1119 C  CA  . ARG A 1 172 ? -21.642 0.291   -12.411 1.00 8.87  ? 152 ARG A CA  1 
ATOM   1120 C  C   . ARG A 1 172 ? -22.869 1.083   -12.842 1.00 9.50  ? 152 ARG A C   1 
ATOM   1121 O  O   . ARG A 1 172 ? -23.629 1.570   -12.005 1.00 12.70 ? 152 ARG A O   1 
ATOM   1122 C  CB  . ARG A 1 172 ? -22.079 -1.099  -11.944 1.00 10.78 ? 152 ARG A CB  1 
ATOM   1123 C  CG  . ARG A 1 172 ? -20.919 -2.049  -11.734 1.00 13.34 ? 152 ARG A CG  1 
ATOM   1124 C  CD  . ARG A 1 172 ? -21.406 -3.421  -11.304 1.00 23.94 ? 152 ARG A CD  1 
ATOM   1125 N  NE  . ARG A 1 172 ? -20.302 -4.362  -11.173 1.00 32.75 ? 152 ARG A NE  1 
ATOM   1126 C  CZ  . ARG A 1 172 ? -20.401 -5.560  -10.607 1.00 36.97 ? 152 ARG A CZ  1 
ATOM   1127 N  NH1 . ARG A 1 172 ? -21.562 -5.962  -10.113 1.00 27.06 ? 152 ARG A NH1 1 
ATOM   1128 N  NH2 . ARG A 1 172 ? -19.339 -6.354  -10.534 1.00 39.51 ? 152 ARG A NH2 1 
ATOM   1129 N  N   . ALA A 1 173 ? -23.059 1.204   -14.152 1.00 8.36  ? 153 ALA A N   1 
ATOM   1130 C  CA  . ALA A 1 173 ? -24.209 1.930   -14.712 1.00 8.96  ? 153 ALA A CA  1 
ATOM   1131 C  C   . ALA A 1 173 ? -25.522 1.223   -14.416 1.00 8.43  ? 153 ALA A C   1 
ATOM   1132 O  O   . ALA A 1 173 ? -26.542 1.863   -14.154 1.00 9.03  ? 153 ALA A O   1 
ATOM   1133 C  CB  . ALA A 1 173 ? -24.039 2.129   -16.207 1.00 11.10 ? 153 ALA A CB  1 
ATOM   1134 N  N   . SER A 1 174 ? -25.507 -0.103  -14.479 1.00 8.49  ? 154 SER A N   1 
ATOM   1135 C  CA  . SER A 1 174 ? -26.673 -0.893  -14.123 1.00 9.45  ? 154 SER A CA  1 
ATOM   1136 C  C   . SER A 1 174 ? -26.248 -2.318  -13.803 1.00 11.26 ? 154 SER A C   1 
ATOM   1137 O  O   . SER A 1 174 ? -27.088 -3.124  -13.385 1.00 12.18 ? 154 SER A O   1 
ATOM   1138 C  CB  . SER A 1 174 ? -27.717 -0.885  -15.243 1.00 11.44 ? 154 SER A CB  1 
ATOM   1139 O  OG  . SER A 1 174 ? -27.231 -1.490  -16.429 1.00 10.51 ? 154 SER A OG  1 
ATOM   1140 O  OXT . SER A 1 174 ? -25.073 -2.671  -13.946 1.00 10.62 ? 154 SER A OXT 1 
HETATM 1141 C  C   . FMT B 2 .   ? 15.478  7.387   7.933   1.00 13.76 ? 201 FMT A C   1 
HETATM 1142 O  O1  . FMT B 2 .   ? 14.331  6.977   8.144   1.00 13.11 ? 201 FMT A O1  1 
HETATM 1143 O  O2  . FMT B 2 .   ? 15.768  8.231   7.075   1.00 13.94 ? 201 FMT A O2  1 
HETATM 1144 C  C   . FMT C 2 .   ? 3.432   10.140  -10.519 1.00 27.68 ? 202 FMT A C   1 
HETATM 1145 O  O1  . FMT C 2 .   ? 2.237   10.273  -10.285 1.00 23.79 ? 202 FMT A O1  1 
HETATM 1146 O  O2  . FMT C 2 .   ? 3.866   9.536   -11.497 1.00 29.58 ? 202 FMT A O2  1 
HETATM 1147 C  C   . FMT D 2 .   ? -3.972  3.718   -13.579 1.00 19.07 ? 203 FMT A C   1 
HETATM 1148 O  O1  . FMT D 2 .   ? -4.623  3.130   -12.715 1.00 13.01 ? 203 FMT A O1  1 
HETATM 1149 O  O2  . FMT D 2 .   ? -4.385  4.709   -14.188 1.00 36.06 ? 203 FMT A O2  1 
HETATM 1150 C  C   . FMT E 2 .   ? -22.267 5.468   -14.614 1.00 20.13 ? 204 FMT A C   1 
HETATM 1151 O  O1  . FMT E 2 .   ? -22.323 5.329   -13.384 1.00 26.89 ? 204 FMT A O1  1 
HETATM 1152 O  O2  . FMT E 2 .   ? -23.226 5.748   -15.345 1.00 14.32 ? 204 FMT A O2  1 
HETATM 1153 C  C   . FMT F 2 .   ? 2.400   11.812  6.977   1.00 30.67 ? 205 FMT A C   1 
HETATM 1154 O  O1  . FMT F 2 .   ? 2.286   11.931  8.199   1.00 36.74 ? 205 FMT A O1  1 
HETATM 1155 O  O2  . FMT F 2 .   ? 3.418   12.103  6.345   1.00 33.82 ? 205 FMT A O2  1 
HETATM 1156 C  C   . FMT G 2 .   ? 12.591  8.200   6.243   1.00 17.38 ? 206 FMT A C   1 
HETATM 1157 O  O1  . FMT G 2 .   ? 11.868  8.524   5.296   1.00 30.51 ? 206 FMT A O1  1 
HETATM 1158 O  O2  . FMT G 2 .   ? 12.689  8.867   7.280   1.00 29.93 ? 206 FMT A O2  1 
HETATM 1159 C  C   . FMT H 2 .   ? 12.816  1.899   -12.232 1.00 22.20 ? 207 FMT A C   1 
HETATM 1160 O  O1  . FMT H 2 .   ? 13.182  2.500   -11.224 1.00 21.36 ? 207 FMT A O1  1 
HETATM 1161 O  O2  . FMT H 2 .   ? 11.952  1.025   -12.246 1.00 14.54 ? 207 FMT A O2  1 
HETATM 1162 C  C   . FMT I 2 .   ? -1.641  -11.645 11.140  1.00 23.09 ? 208 FMT A C   1 
HETATM 1163 O  O1  . FMT I 2 .   ? -2.228  -12.658 10.763  1.00 24.16 ? 208 FMT A O1  1 
HETATM 1164 O  O2  . FMT I 2 .   ? -2.038  -10.897 12.031  1.00 15.39 ? 208 FMT A O2  1 
HETATM 1165 C  C   . FMT J 2 .   ? 14.493  2.114   -15.493 1.00 27.23 ? 209 FMT A C   1 
HETATM 1166 O  O1  . FMT J 2 .   ? 15.520  2.353   -14.853 1.00 32.55 ? 209 FMT A O1  1 
HETATM 1167 O  O2  . FMT J 2 .   ? 14.432  1.322   -16.433 1.00 36.51 ? 209 FMT A O2  1 
HETATM 1168 O  O   . HOH K 3 .   ? 3.017   -5.029  0.907   1.00 6.35  ? 301 HOH A O   1 
HETATM 1169 O  O   . HOH K 3 .   ? 9.763   0.388   7.213   1.00 8.42  ? 302 HOH A O   1 
HETATM 1170 O  O   . HOH K 3 .   ? 6.736   -11.918 -4.759  1.00 7.38  ? 303 HOH A O   1 
HETATM 1171 O  O   . HOH K 3 .   ? 14.012  -2.989  1.477   1.00 8.64  ? 304 HOH A O   1 
HETATM 1172 O  O   . HOH K 3 .   ? 8.174   -6.415  5.211   1.00 9.23  ? 305 HOH A O   1 
HETATM 1173 O  O   . HOH K 3 .   ? -4.294  5.649   -8.734  1.00 9.55  ? 306 HOH A O   1 
HETATM 1174 O  O   . HOH K 3 .   ? -4.868  2.918   -2.530  1.00 7.41  ? 307 HOH A O   1 
HETATM 1175 O  O   . HOH K 3 .   ? 3.287   -1.579  -12.679 1.00 10.88 ? 308 HOH A O   1 
HETATM 1176 O  O   . HOH K 3 .   ? 9.434   -4.645  -11.307 1.00 8.79  ? 309 HOH A O   1 
HETATM 1177 O  O   . HOH K 3 .   ? 8.655   -8.367  3.036   1.00 8.90  ? 310 HOH A O   1 
HETATM 1178 O  O   . HOH K 3 .   ? 4.287   -3.292  -10.764 1.00 9.42  ? 311 HOH A O   1 
HETATM 1179 O  O   . HOH K 3 .   ? 11.814  6.409   4.095   1.00 11.20 ? 312 HOH A O   1 
HETATM 1180 O  O   . HOH K 3 .   ? 9.923   -7.712  -4.663  0.95 9.37  ? 313 HOH A O   1 
HETATM 1181 O  O   . HOH K 3 .   ? 13.932  4.383   8.879   1.00 10.17 ? 314 HOH A O   1 
HETATM 1182 O  O   . HOH K 3 .   ? 8.476   -1.235  11.780  1.00 11.52 ? 315 HOH A O   1 
HETATM 1183 O  O   . HOH K 3 .   ? -8.098  3.892   6.322   1.00 12.06 ? 316 HOH A O   1 
HETATM 1184 O  O   . HOH K 3 .   ? 1.715   11.549  -7.993  1.00 12.94 ? 317 HOH A O   1 
HETATM 1185 O  O   . HOH K 3 .   ? -29.196 -3.244  -17.089 1.00 9.30  ? 318 HOH A O   1 
HETATM 1186 O  O   . HOH K 3 .   ? 17.069  -0.771  -2.240  1.00 11.87 ? 319 HOH A O   1 
HETATM 1187 O  O   . HOH K 3 .   ? 12.152  10.029  9.997   0.79 5.38  ? 320 HOH A O   1 
HETATM 1188 O  O   . HOH K 3 .   ? 5.420   5.578   -11.126 1.00 15.67 ? 321 HOH A O   1 
HETATM 1189 O  O   . HOH K 3 .   ? -26.934 4.156   -12.546 1.00 11.91 ? 322 HOH A O   1 
HETATM 1190 O  O   . HOH K 3 .   ? -13.254 9.839   -7.431  1.00 14.26 ? 323 HOH A O   1 
HETATM 1191 O  O   . HOH K 3 .   ? 3.765   11.526  3.504   1.00 14.95 ? 324 HOH A O   1 
HETATM 1192 O  O   . HOH K 3 .   ? 12.342  2.506   14.488  0.92 14.21 ? 325 HOH A O   1 
HETATM 1193 O  O   . HOH K 3 .   ? 14.460  3.241   -6.959  1.00 14.17 ? 326 HOH A O   1 
HETATM 1194 O  O   . HOH K 3 .   ? 5.280   -4.673  -12.997 1.00 14.14 ? 327 HOH A O   1 
HETATM 1195 O  O   . HOH K 3 .   ? 8.174   -2.229  -11.309 1.00 12.90 ? 328 HOH A O   1 
HETATM 1196 O  O   . HOH K 3 .   ? 9.616   -5.749  -6.601  0.94 10.85 ? 329 HOH A O   1 
HETATM 1197 O  O   . HOH K 3 .   ? 18.336  -2.461  -0.433  0.93 11.87 ? 330 HOH A O   1 
HETATM 1198 O  O   . HOH K 3 .   ? 6.859   6.707   14.903  1.00 11.59 ? 331 HOH A O   1 
HETATM 1199 O  O   . HOH K 3 .   ? 10.115  11.429  11.246  1.00 12.83 ? 332 HOH A O   1 
HETATM 1200 O  O   . HOH K 3 .   ? 13.758  1.334   -8.802  0.99 14.00 ? 333 HOH A O   1 
HETATM 1201 O  O   . HOH K 3 .   ? 6.081   -14.452 5.761   1.00 20.03 ? 334 HOH A O   1 
HETATM 1202 O  O   . HOH K 3 .   ? 5.814   -18.707 -8.785  1.00 16.76 ? 335 HOH A O   1 
HETATM 1203 O  O   . HOH K 3 .   ? -8.995  -4.349  -9.645  1.00 16.35 ? 336 HOH A O   1 
HETATM 1204 O  O   . HOH K 3 .   ? -10.096 -4.854  2.459   1.00 15.50 ? 337 HOH A O   1 
HETATM 1205 O  O   . HOH K 3 .   ? 2.669   0.050   16.268  1.00 17.66 ? 338 HOH A O   1 
HETATM 1206 O  O   . HOH K 3 .   ? -0.872  -8.326  -10.845 0.96 14.98 ? 339 HOH A O   1 
HETATM 1207 O  O   . HOH K 3 .   ? 1.636   -9.923  -10.440 1.00 18.67 ? 340 HOH A O   1 
HETATM 1208 O  O   . HOH K 3 .   ? 11.070  6.987   16.483  1.00 16.57 ? 341 HOH A O   1 
HETATM 1209 O  O   . HOH K 3 .   ? 0.876   -6.711  13.008  1.00 15.51 ? 342 HOH A O   1 
HETATM 1210 O  O   . HOH K 3 .   ? 23.276  0.526   8.262   1.00 18.94 ? 343 HOH A O   1 
HETATM 1211 O  O   . HOH K 3 .   ? 16.725  -3.646  1.595   1.00 15.12 ? 344 HOH A O   1 
HETATM 1212 O  O   . HOH K 3 .   ? 1.597   7.896   9.823   0.96 13.60 ? 345 HOH A O   1 
HETATM 1213 O  O   . HOH K 3 .   ? -11.813 -0.243  2.086   1.00 17.74 ? 346 HOH A O   1 
HETATM 1214 O  O   . HOH K 3 .   ? 10.754  -9.150  1.404   1.00 13.58 ? 347 HOH A O   1 
HETATM 1215 O  O   . HOH K 3 .   ? 1.846   -15.388 -9.539  1.00 17.58 ? 348 HOH A O   1 
HETATM 1216 O  O   . HOH K 3 .   ? 22.454  -0.586  5.224   0.77 14.37 ? 349 HOH A O   1 
HETATM 1217 O  O   . HOH K 3 .   ? -12.033 -2.920  2.476   1.00 19.96 ? 350 HOH A O   1 
HETATM 1218 O  O   . HOH K 3 .   ? 3.960   -15.511 11.152  1.00 19.56 ? 351 HOH A O   1 
HETATM 1219 O  O   . HOH K 3 .   ? 3.889   6.263   17.532  1.00 19.31 ? 352 HOH A O   1 
HETATM 1220 O  O   . HOH K 3 .   ? 7.643   12.640  -3.253  1.00 17.79 ? 353 HOH A O   1 
HETATM 1221 O  O   . HOH K 3 .   ? -8.661  3.253   17.323  1.00 28.10 ? 354 HOH A O   1 
HETATM 1222 O  O   . HOH K 3 .   ? -20.396 -0.247  -8.751  0.89 18.78 ? 355 HOH A O   1 
HETATM 1223 O  O   . HOH K 3 .   ? -3.262  -8.935  -8.997  0.84 15.95 ? 356 HOH A O   1 
HETATM 1224 O  O   . HOH K 3 .   ? 15.611  -7.074  -1.255  0.61 12.55 ? 357 HOH A O   1 
HETATM 1225 O  O   . HOH K 3 .   ? -11.639 6.453   4.540   1.00 21.45 ? 358 HOH A O   1 
HETATM 1226 O  O   . HOH K 3 .   ? 11.709  9.472   15.707  0.85 17.41 ? 359 HOH A O   1 
HETATM 1227 O  O   . HOH K 3 .   ? 15.245  10.258  -1.021  0.75 18.51 ? 360 HOH A O   1 
HETATM 1228 O  O   . HOH K 3 .   ? 9.859   12.972  4.616   0.99 28.24 ? 361 HOH A O   1 
HETATM 1229 O  O   . HOH K 3 .   ? 10.414  9.409   7.617   0.80 13.84 ? 362 HOH A O   1 
HETATM 1230 O  O   . HOH K 3 .   ? 5.762   -0.610  -13.701 1.00 18.79 ? 363 HOH A O   1 
HETATM 1231 O  O   . HOH K 3 .   ? -11.019 -3.225  5.605   1.00 25.71 ? 364 HOH A O   1 
HETATM 1232 O  O   . HOH K 3 .   ? 11.348  -2.799  -14.829 1.00 18.80 ? 365 HOH A O   1 
HETATM 1233 O  O   . HOH K 3 .   ? 10.537  -11.820 0.646   0.92 15.89 ? 366 HOH A O   1 
HETATM 1234 O  O   . HOH K 3 .   ? -10.459 2.077   -13.953 0.56 14.91 ? 367 HOH A O   1 
HETATM 1235 O  O   . HOH K 3 .   ? -11.646 7.670   11.199  1.00 24.77 ? 368 HOH A O   1 
HETATM 1236 O  O   . HOH K 3 .   ? -10.748 7.389   7.338   0.88 20.89 ? 369 HOH A O   1 
HETATM 1237 O  O   . HOH K 3 .   ? 4.602   16.098  -3.029  1.00 21.73 ? 370 HOH A O   1 
HETATM 1238 O  O   . HOH K 3 .   ? 18.321  -3.324  10.699  1.00 25.61 ? 371 HOH A O   1 
HETATM 1239 O  O   . HOH K 3 .   ? 13.907  12.680  -0.714  0.83 15.94 ? 372 HOH A O   1 
HETATM 1240 O  O   . HOH K 3 .   ? -4.873  -13.926 -4.119  0.75 18.81 ? 373 HOH A O   1 
HETATM 1241 O  O   . HOH K 3 .   ? -3.525  11.062  10.211  0.98 22.18 ? 374 HOH A O   1 
HETATM 1242 O  O   . HOH K 3 .   ? 3.735   9.687   8.968   0.77 15.11 ? 375 HOH A O   1 
HETATM 1243 O  O   . HOH K 3 .   ? -7.494  0.146   -12.565 0.63 14.58 ? 376 HOH A O   1 
HETATM 1244 O  O   . HOH K 3 .   ? 0.101   -3.087  -15.835 0.70 19.39 ? 377 HOH A O   1 
HETATM 1245 O  O   . HOH K 3 .   ? 11.365  -5.516  3.076   0.99 24.10 ? 378 HOH A O   1 
HETATM 1246 O  O   . HOH K 3 .   ? -11.486 -0.450  6.067   0.97 22.95 ? 379 HOH A O   1 
HETATM 1247 O  O   . HOH K 3 .   ? -2.880  12.720  -7.196  1.00 20.86 ? 380 HOH A O   1 
HETATM 1248 O  O   . HOH K 3 .   ? 5.575   -1.335  18.329  0.83 19.47 ? 381 HOH A O   1 
HETATM 1249 O  O   . HOH K 3 .   ? -1.699  -7.880  -13.449 1.00 28.50 ? 382 HOH A O   1 
HETATM 1250 O  O   . HOH K 3 .   ? 8.098   -0.753  -13.143 0.48 6.89  ? 383 HOH A O   1 
HETATM 1251 O  O   . HOH K 3 .   ? -11.720 -4.650  -9.938  1.00 26.18 ? 384 HOH A O   1 
HETATM 1252 O  O   . HOH K 3 .   ? 10.317  -0.369  -13.841 1.00 27.12 ? 385 HOH A O   1 
HETATM 1253 O  O   . HOH K 3 .   ? -6.402  0.466   -14.620 0.64 11.51 ? 386 HOH A O   1 
HETATM 1254 O  O   . HOH K 3 .   ? 5.372   -18.994 -5.463  0.94 20.82 ? 387 HOH A O   1 
HETATM 1255 O  O   . HOH K 3 .   ? 10.423  -5.382  6.191   0.92 21.68 ? 388 HOH A O   1 
HETATM 1256 O  O   . HOH K 3 .   ? 9.919   -0.175  19.677  1.00 30.12 ? 389 HOH A O   1 
HETATM 1257 O  O   . HOH K 3 .   ? 13.707  14.107  -2.960  1.00 25.29 ? 390 HOH A O   1 
HETATM 1258 O  O   . HOH K 3 .   ? 16.989  8.236   1.803   0.94 22.38 ? 391 HOH A O   1 
HETATM 1259 O  O   . HOH K 3 .   ? -12.647 11.020  0.387   0.69 21.97 ? 392 HOH A O   1 
HETATM 1260 O  O   . HOH K 3 .   ? -15.952 -5.726  -7.560  0.95 29.00 ? 393 HOH A O   1 
HETATM 1261 O  O   . HOH K 3 .   ? 2.906   8.033   -14.832 1.00 25.02 ? 394 HOH A O   1 
HETATM 1262 O  O   . HOH K 3 .   ? -9.672  -9.746  4.501   1.00 26.50 ? 395 HOH A O   1 
HETATM 1263 O  O   . HOH K 3 .   ? 0.937   -15.044 -1.685  0.64 17.70 ? 396 HOH A O   1 
HETATM 1264 O  O   . HOH K 3 .   ? 15.293  8.381   2.915   0.66 17.58 ? 397 HOH A O   1 
HETATM 1265 O  O   . HOH K 3 .   ? -0.415  11.436  9.941   1.00 33.87 ? 398 HOH A O   1 
HETATM 1266 O  O   . HOH K 3 .   ? -1.068  -11.514 -12.954 1.00 29.49 ? 399 HOH A O   1 
HETATM 1267 O  O   . HOH K 3 .   ? 13.092  -8.821  2.569   0.74 18.43 ? 400 HOH A O   1 
HETATM 1268 O  O   . HOH K 3 .   ? 1.722   -17.744 -6.184  0.63 15.81 ? 401 HOH A O   1 
HETATM 1269 O  O   . HOH K 3 .   ? 2.579   -2.491  -14.982 0.99 24.09 ? 402 HOH A O   1 
HETATM 1270 O  O   . HOH K 3 .   ? 10.328  11.154  14.111  0.77 15.98 ? 403 HOH A O   1 
HETATM 1271 O  O   . HOH K 3 .   ? 13.393  -8.079  -2.479  0.84 22.81 ? 404 HOH A O   1 
HETATM 1272 O  O   . HOH K 3 .   ? -3.132  -16.260 3.585   1.00 28.99 ? 405 HOH A O   1 
HETATM 1273 O  O   . HOH K 3 .   ? -1.431  17.240  1.016   1.00 31.89 ? 406 HOH A O   1 
HETATM 1274 O  O   . HOH K 3 .   ? -5.353  -5.905  -15.007 1.00 33.82 ? 407 HOH A O   1 
HETATM 1275 O  O   . HOH K 3 .   ? 2.968   -16.479 5.109   0.79 25.28 ? 408 HOH A O   1 
HETATM 1276 O  O   . HOH K 3 .   ? 7.274   -2.961  -14.055 0.71 23.75 ? 409 HOH A O   1 
HETATM 1277 O  O   . HOH K 3 .   ? 4.909   -20.909 -3.727  0.73 29.05 ? 410 HOH A O   1 
HETATM 1278 O  O   . HOH K 3 .   ? 8.233   9.013   15.626  0.87 23.61 ? 411 HOH A O   1 
HETATM 1279 O  O   . HOH K 3 .   ? -1.178  1.305   19.251  1.00 26.82 ? 412 HOH A O   1 
HETATM 1280 O  O   . HOH K 3 .   ? -0.552  3.010   20.927  0.98 34.73 ? 413 HOH A O   1 
HETATM 1281 O  O   . HOH K 3 .   ? 5.428   0.279   -16.190 0.95 33.75 ? 414 HOH A O   1 
HETATM 1282 O  O   . HOH K 3 .   ? -3.033  -12.215 6.986   1.00 35.94 ? 415 HOH A O   1 
HETATM 1283 O  O   . HOH K 3 .   ? 2.693   16.496  7.494   0.98 27.55 ? 416 HOH A O   1 
HETATM 1284 O  O   . HOH K 3 .   ? -0.232  7.679   18.330  0.98 35.35 ? 417 HOH A O   1 
HETATM 1285 O  O   . HOH K 3 .   ? 5.221   7.278   -13.160 1.00 26.91 ? 418 HOH A O   1 
HETATM 1286 O  O   . HOH K 3 .   ? 1.557   -15.828 8.393   0.76 24.78 ? 419 HOH A O   1 
HETATM 1287 O  O   . HOH K 3 .   ? -5.711  13.566  -10.548 0.93 25.52 ? 420 HOH A O   1 
HETATM 1288 O  O   . HOH K 3 .   ? -2.751  2.376   -17.081 0.74 20.45 ? 421 HOH A O   1 
HETATM 1289 O  O   . HOH K 3 .   ? 8.047   -21.388 -3.740  0.81 25.35 ? 422 HOH A O   1 
HETATM 1290 O  O   . HOH K 3 .   ? -1.386  -13.301 8.013   0.61 19.56 ? 423 HOH A O   1 
HETATM 1291 O  O   . HOH K 3 .   ? -10.202 -4.654  11.576  0.85 31.08 ? 424 HOH A O   1 
HETATM 1292 O  O   . HOH K 3 .   ? -4.231  -2.303  18.497  0.96 23.37 ? 425 HOH A O   1 
HETATM 1293 O  O   . HOH K 3 .   ? -8.797  5.086   -14.131 0.69 21.61 ? 426 HOH A O   1 
HETATM 1294 O  O   . HOH K 3 .   ? -5.581  -9.891  -11.439 0.80 28.35 ? 427 HOH A O   1 
HETATM 1295 O  O   . HOH K 3 .   ? 13.932  8.316   0.345   0.60 17.63 ? 428 HOH A O   1 
HETATM 1296 O  O   . HOH K 3 .   ? -0.117  16.545  -1.159  1.00 34.49 ? 429 HOH A O   1 
HETATM 1297 O  O   . HOH K 3 .   ? -10.491 11.468  8.689   0.99 35.20 ? 430 HOH A O   1 
HETATM 1298 O  O   . HOH K 3 .   ? 19.755  -10.707 6.063   0.58 22.99 ? 431 HOH A O   1 
HETATM 1299 O  O   . HOH K 3 .   ? -9.908  -10.869 2.177   1.00 34.86 ? 432 HOH A O   1 
HETATM 1300 O  O   . HOH K 3 .   ? 11.397  14.567  -4.447  1.00 37.82 ? 433 HOH A O   1 
HETATM 1301 O  O   . HOH K 3 .   ? 13.802  -7.558  0.332   0.75 22.69 ? 434 HOH A O   1 
HETATM 1302 O  O   . HOH K 3 .   ? -0.990  12.370  -14.811 1.00 32.12 ? 435 HOH A O   1 
HETATM 1303 O  O   . HOH K 3 .   ? 0.455   14.251  10.093  0.93 34.14 ? 436 HOH A O   1 
HETATM 1304 O  O   . HOH K 3 .   ? -5.121  14.129  -7.985  0.82 27.97 ? 437 HOH A O   1 
HETATM 1305 O  O   . HOH K 3 .   ? -5.932  -1.942  -14.955 0.66 19.91 ? 438 HOH A O   1 
HETATM 1306 O  O   . HOH K 3 .   ? 5.613   -16.729 -12.190 0.37 15.94 ? 439 HOH A O   1 
HETATM 1307 O  O   . HOH K 3 .   ? 11.244  -10.336 11.555  1.00 27.91 ? 440 HOH A O   1 
HETATM 1308 O  O   . HOH K 3 .   ? 9.309   11.338  6.312   0.58 21.00 ? 441 HOH A O   1 
HETATM 1309 O  O   . HOH K 3 .   ? 10.803  13.499  15.356  0.97 23.87 ? 442 HOH A O   1 
HETATM 1310 O  O   . HOH K 3 .   ? -7.179  2.749   -14.467 0.60 18.54 ? 443 HOH A O   1 
HETATM 1311 O  O   . HOH K 3 .   ? 15.105  16.356  -3.939  0.78 30.64 ? 444 HOH A O   1 
HETATM 1312 O  O   . HOH K 3 .   ? 17.687  -7.035  9.607   0.73 19.80 ? 445 HOH A O   1 
HETATM 1313 O  O   . HOH K 3 .   ? 7.531   11.903  10.971  0.69 21.65 ? 446 HOH A O   1 
HETATM 1314 O  O   . HOH K 3 .   ? 5.266   -15.966 -10.360 0.49 18.43 ? 447 HOH A O   1 
HETATM 1315 O  O   . HOH K 3 .   ? 11.975  -7.545  4.495   0.60 20.88 ? 448 HOH A O   1 
HETATM 1316 O  O   . HOH K 3 .   ? 2.981   -1.633  17.856  0.45 13.66 ? 449 HOH A O   1 
HETATM 1317 O  O   . HOH K 3 .   ? 11.365  10.928  2.828   0.84 26.83 ? 450 HOH A O   1 
HETATM 1318 O  O   . HOH K 3 .   ? 19.425  1.026   14.089  0.96 27.27 ? 451 HOH A O   1 
HETATM 1319 O  O   . HOH K 3 .   ? -9.280  1.506   12.653  0.99 25.63 ? 452 HOH A O   1 
HETATM 1320 O  O   . HOH K 3 .   ? -0.158  9.322   10.918  0.47 19.23 ? 453 HOH A O   1 
HETATM 1321 O  O   . HOH K 3 .   ? -8.648  0.109   -15.585 1.00 30.78 ? 454 HOH A O   1 
HETATM 1322 O  O   . HOH K 3 .   ? 4.671   -20.261 -7.490  0.63 22.89 ? 455 HOH A O   1 
HETATM 1323 O  O   . HOH K 3 .   ? -4.892  -14.199 -7.587  0.83 28.22 ? 456 HOH A O   1 
HETATM 1324 O  O   . HOH K 3 .   ? 20.488  -7.917  6.115   1.00 27.66 ? 457 HOH A O   1 
HETATM 1325 O  O   . HOH K 3 .   ? -13.949 0.672   -10.195 0.64 19.96 ? 458 HOH A O   1 
HETATM 1326 O  O   . HOH K 3 .   ? -6.378  -12.121 8.259   0.90 28.58 ? 459 HOH A O   1 
HETATM 1327 O  O   . HOH K 3 .   ? -14.506 -8.282  -4.375  0.98 35.54 ? 460 HOH A O   1 
HETATM 1328 O  O   . HOH K 3 .   ? 1.780   9.974   17.919  0.76 27.40 ? 461 HOH A O   1 
HETATM 1329 O  O   . HOH K 3 .   ? 11.775  -3.332  -17.327 1.00 34.77 ? 462 HOH A O   1 
HETATM 1330 O  O   . HOH K 3 .   ? -24.478 4.574   -11.390 0.95 29.28 ? 463 HOH A O   1 
HETATM 1331 O  O   . HOH K 3 .   ? 11.235  -13.790 8.767   0.93 39.75 ? 464 HOH A O   1 
HETATM 1332 O  O   . HOH K 3 .   ? 8.949   -22.940 -2.326  0.73 24.83 ? 465 HOH A O   1 
HETATM 1333 O  O   . HOH K 3 .   ? 9.255   7.280   18.613  0.91 29.64 ? 466 HOH A O   1 
HETATM 1334 O  O   . HOH K 3 .   ? 10.394  -12.777 11.232  0.56 19.39 ? 467 HOH A O   1 
HETATM 1335 O  O   . HOH K 3 .   ? 1.796   -17.100 12.375  0.93 33.36 ? 468 HOH A O   1 
HETATM 1336 O  O   . HOH K 3 .   ? -10.676 -6.767  4.336   1.00 34.18 ? 469 HOH A O   1 
HETATM 1337 O  O   . HOH K 3 .   ? -14.619 -5.756  -0.729  0.83 31.72 ? 470 HOH A O   1 
HETATM 1338 O  O   . HOH K 3 .   ? 2.405   10.457  -13.221 0.82 28.20 ? 471 HOH A O   1 
HETATM 1339 O  O   . HOH K 3 .   ? -6.235  -15.266 2.395   0.95 28.82 ? 472 HOH A O   1 
HETATM 1340 O  O   . HOH K 3 .   ? -23.658 1.388   -9.122  0.53 22.34 ? 473 HOH A O   1 
HETATM 1341 O  O   . HOH K 3 .   ? -14.587 2.079   3.545   0.92 30.32 ? 474 HOH A O   1 
HETATM 1342 O  O   . HOH K 3 .   ? 2.327   -12.826 -11.060 1.00 31.57 ? 475 HOH A O   1 
HETATM 1343 O  O   . HOH K 3 .   ? -8.960  -7.277  -12.164 0.76 32.28 ? 476 HOH A O   1 
HETATM 1344 O  O   . HOH K 3 .   ? 0.483   18.635  -2.924  0.92 30.08 ? 477 HOH A O   1 
HETATM 1345 O  O   . HOH K 3 .   ? -6.103  15.875  -12.313 0.66 24.58 ? 478 HOH A O   1 
HETATM 1346 O  O   . HOH K 3 .   ? -14.346 -3.105  0.362   1.00 36.26 ? 479 HOH A O   1 
HETATM 1347 O  O   . HOH K 3 .   ? -8.361  -12.569 6.369   0.93 35.14 ? 480 HOH A O   1 
HETATM 1348 O  O   . HOH K 3 .   ? 23.589  -2.253  7.968   0.75 27.87 ? 481 HOH A O   1 
HETATM 1349 O  O   . HOH K 3 .   ? 17.528  8.219   -5.832  0.94 36.73 ? 482 HOH A O   1 
HETATM 1350 O  O   . HOH K 3 .   ? -0.362  10.419  -16.847 1.00 39.01 ? 483 HOH A O   1 
HETATM 1351 O  O   . HOH K 3 .   ? -7.668  -12.904 10.804  1.00 33.40 ? 484 HOH A O   1 
HETATM 1352 O  O   . HOH K 3 .   ? -17.754 6.444   -1.908  0.96 39.41 ? 485 HOH A O   1 
HETATM 1353 O  O   . HOH K 3 .   ? -3.517  -4.721  -16.023 0.83 33.66 ? 486 HOH A O   1 
HETATM 1354 O  O   . HOH K 3 .   ? 22.929  -6.904  6.533   0.86 33.46 ? 487 HOH A O   1 
HETATM 1355 O  O   . HOH K 3 .   ? -4.017  -2.552  -16.849 1.00 33.63 ? 488 HOH A O   1 
HETATM 1356 O  O   . HOH K 3 .   ? 0.506   -17.907 -2.231  0.52 21.02 ? 489 HOH A O   1 
HETATM 1357 O  O   . HOH K 3 .   ? -12.154 -10.084 5.988   0.94 37.18 ? 490 HOH A O   1 
HETATM 1358 O  O   . HOH K 3 .   ? -16.209 0.816   1.622   0.66 26.60 ? 491 HOH A O   1 
HETATM 1359 O  O   . HOH K 3 .   ? -11.075 -9.896  -5.980  0.95 38.05 ? 492 HOH A O   1 
HETATM 1360 O  O   . HOH K 3 .   ? -9.055  -13.174 -5.297  0.84 37.45 ? 493 HOH A O   1 
HETATM 1361 O  O   . HOH K 3 .   ? 9.745   -18.982 -1.405  1.00 39.26 ? 494 HOH A O   1 
HETATM 1362 O  O   . HOH K 3 .   ? 12.151  -5.190  0.867   0.97 17.61 ? 495 HOH A O   1 
HETATM 1363 O  O   . HOH K 3 .   ? 11.504  -7.342  -0.786  0.57 14.43 ? 496 HOH A O   1 
HETATM 1364 O  O   . HOH K 3 .   ? 11.891  5.165   -10.660 0.70 26.36 ? 497 HOH A O   1 
HETATM 1365 O  O   . HOH K 3 .   ? -4.160  -8.563  -13.719 1.00 41.73 ? 498 HOH A O   1 
HETATM 1366 O  O   . HOH K 3 .   ? 3.599   -5.719  -15.014 0.65 24.86 ? 499 HOH A O   1 
HETATM 1367 O  O   . HOH K 3 .   ? -5.365  15.778  7.667   0.81 31.42 ? 500 HOH A O   1 
HETATM 1368 O  O   . HOH K 3 .   ? 13.148  -10.024 13.260  1.00 41.36 ? 501 HOH A O   1 
HETATM 1369 O  O   . HOH K 3 .   ? -10.217 -13.631 -3.324  0.86 38.10 ? 502 HOH A O   1 
HETATM 1370 O  O   . HOH K 3 .   ? 8.540   15.462  3.108   0.97 24.46 ? 503 HOH A O   1 
HETATM 1371 O  O   . HOH K 3 .   ? -2.755  -10.536 8.760   1.00 39.16 ? 504 HOH A O   1 
HETATM 1372 O  O   . HOH K 3 .   ? -17.181 1.848   -7.080  0.99 42.93 ? 505 HOH A O   1 
HETATM 1373 O  O   . HOH K 3 .   ? -1.103  5.513   -15.901 1.00 34.08 ? 506 HOH A O   1 
HETATM 1374 O  O   . HOH K 3 .   ? -0.305  -13.892 -12.630 0.68 25.73 ? 507 HOH A O   1 
HETATM 1375 O  O   . HOH K 3 .   ? 18.373  -10.859 7.944   1.00 39.73 ? 508 HOH A O   1 
HETATM 1376 O  O   . HOH K 3 .   ? -13.252 -10.053 8.053   0.93 37.38 ? 509 HOH A O   1 
HETATM 1377 O  O   . HOH K 3 .   ? 8.110   12.446  7.905   1.00 30.32 ? 510 HOH A O   1 
HETATM 1378 O  O   . HOH K 3 .   ? 10.439  10.559  4.787   0.43 6.22  ? 511 HOH A O   1 
HETATM 1379 O  O   . HOH K 3 .   ? 8.197   4.609   -11.923 0.63 19.56 ? 512 HOH A O   1 
HETATM 1380 O  O   . HOH K 3 .   ? 11.998  -19.054 -4.431  1.00 20.54 ? 513 HOH A O   1 
HETATM 1381 O  O   . HOH K 3 .   ? 11.608  -16.819 -5.122  0.85 17.12 ? 514 HOH A O   1 
HETATM 1382 O  O   . HOH K 3 .   ? -7.585  -12.248 1.227   0.61 19.46 ? 515 HOH A O   1 
HETATM 1383 O  O   . HOH K 3 .   ? -7.104  -12.995 -1.332  1.00 26.89 ? 516 HOH A O   1 
HETATM 1384 O  O   . HOH K 3 .   ? -7.154  -4.298  13.594  1.00 21.07 ? 517 HOH A O   1 
HETATM 1385 O  O   . HOH K 3 .   ? -7.386  -1.276  13.233  0.96 23.52 ? 518 HOH A O   1 
HETATM 1386 O  O   . HOH K 3 .   ? -4.897  -9.822  8.202   1.00 21.70 ? 519 HOH A O   1 
HETATM 1387 O  O   . HOH K 3 .   ? 18.916  7.241   -3.395  1.00 30.30 ? 520 HOH A O   1 
HETATM 1388 O  O   . HOH K 3 .   ? 20.643  7.627   -4.415  0.64 23.46 ? 521 HOH A O   1 
HETATM 1389 O  O   . HOH K 3 .   ? 9.989   -6.732  0.205   0.27 6.43  ? 522 HOH A O   1 
HETATM 1390 O  O   . HOH K 3 .   ? -9.446  10.152  6.614   1.00 22.88 ? 523 HOH A O   1 
HETATM 1391 O  O   . HOH K 3 .   ? 11.423  7.392   -9.821  0.65 26.14 ? 524 HOH A O   1 
HETATM 1392 O  O   . HOH K 3 .   ? -9.337  12.456  11.150  1.00 43.24 ? 525 HOH A O   1 
HETATM 1393 O  O   . HOH K 3 .   ? 11.753  9.334   -11.642 0.84 35.74 ? 526 HOH A O   1 
HETATM 1394 O  O   . HOH K 3 .   ? 17.714  -1.596  12.264  0.94 34.51 ? 527 HOH A O   1 
HETATM 1395 O  O   . HOH K 3 .   ? 1.913   -19.526 -3.793  0.71 34.14 ? 528 HOH A O   1 
HETATM 1396 O  O   . HOH K 3 .   ? 13.006  7.959   2.245   0.99 23.85 ? 529 HOH A O   1 
HETATM 1397 O  O   . HOH K 3 .   ? -0.667  -16.775 -9.444  1.00 28.53 ? 530 HOH A O   1 
HETATM 1398 O  O   . HOH K 3 .   ? -1.732  16.725  -6.162  0.82 35.93 ? 531 HOH A O   1 
HETATM 1399 O  O   . HOH K 3 .   ? -6.280  -15.449 -0.502  0.62 27.69 ? 532 HOH A O   1 
HETATM 1400 O  O   . HOH K 3 .   ? -2.784  15.823  -3.774  1.00 36.10 ? 533 HOH A O   1 
HETATM 1401 O  O   . HOH K 3 .   ? 21.466  -3.314  11.232  1.00 42.88 ? 534 HOH A O   1 
HETATM 1402 O  O   . HOH K 3 .   ? 0.888   4.317   -17.516 0.80 36.19 ? 535 HOH A O   1 
HETATM 1403 O  O   . HOH K 3 .   ? 4.112   -16.703 8.867   1.00 40.16 ? 536 HOH A O   1 
HETATM 1404 O  O   . HOH K 3 .   ? 15.635  4.045   -11.119 1.00 40.57 ? 537 HOH A O   1 
HETATM 1405 O  O   . HOH K 3 .   ? -0.007  13.586  -8.111  0.97 28.37 ? 538 HOH A O   1 
HETATM 1406 O  O   . HOH K 3 .   ? 14.833  -8.113  13.783  0.93 43.11 ? 539 HOH A O   1 
HETATM 1407 O  O   . HOH K 3 .   ? -15.276 2.900   -8.127  0.51 19.72 ? 540 HOH A O   1 
HETATM 1408 O  O   . HOH K 3 .   ? 2.540   -3.507  18.966  0.99 36.96 ? 541 HOH A O   1 
HETATM 1409 O  O   . HOH K 3 .   ? 7.830   5.986   -10.448 0.89 39.96 ? 542 HOH A O   1 
HETATM 1410 O  O   . HOH K 3 .   ? 5.810   10.093  17.354  0.64 28.01 ? 543 HOH A O   1 
HETATM 1411 O  O   . HOH K 3 .   ? -0.597  -16.232 10.386  1.00 38.82 ? 544 HOH A O   1 
HETATM 1412 O  O   . HOH K 3 .   ? -6.092  7.391   20.457  1.00 47.38 ? 545 HOH A O   1 
HETATM 1413 O  O   . HOH K 3 .   ? -5.174  10.033  19.864  0.95 47.76 ? 546 HOH A O   1 
HETATM 1414 O  O   . HOH K 3 .   ? -7.126  -15.475 11.588  1.00 45.26 ? 547 HOH A O   1 
HETATM 1415 O  O   . HOH K 3 .   ? -8.857  -2.603  -11.969 1.00 26.89 ? 548 HOH A O   1 
HETATM 1416 O  O   . HOH K 3 .   ? 14.438  7.501   -9.230  0.99 37.92 ? 549 HOH A O   1 
HETATM 1417 O  O   . HOH K 3 .   ? -10.190 10.159  12.960  1.00 42.13 ? 550 HOH A O   1 
HETATM 1418 O  O   . HOH K 3 .   ? -8.824  -1.378  -13.346 0.66 29.64 ? 551 HOH A O   1 
HETATM 1419 O  O   . HOH K 3 .   ? -6.158  12.327  11.720  0.81 35.91 ? 552 HOH A O   1 
HETATM 1420 O  O   . HOH K 3 .   ? 17.756  3.473   -9.159  1.00 35.58 ? 553 HOH A O   1 
HETATM 1421 O  O   . HOH K 3 .   ? 8.030   14.732  -6.097  1.00 40.19 ? 554 HOH A O   1 
HETATM 1422 O  O   . HOH K 3 .   ? -15.319 -7.540  -10.062 0.96 42.19 ? 555 HOH A O   1 
HETATM 1423 O  O   . HOH K 3 .   ? -14.641 -0.836  -0.740  1.00 37.95 ? 556 HOH A O   1 
HETATM 1424 O  O   . HOH K 3 .   ? 9.941   -21.793 -0.009  1.00 48.45 ? 557 HOH A O   1 
HETATM 1425 O  O   . HOH K 3 .   ? 18.341  -5.807  12.065  0.87 38.44 ? 558 HOH A O   1 
HETATM 1426 O  O   . HOH K 3 .   ? 5.769   16.255  -6.548  0.98 43.75 ? 559 HOH A O   1 
HETATM 1427 O  O   . HOH K 3 .   ? 18.511  -13.296 9.979   0.98 47.77 ? 560 HOH A O   1 
HETATM 1428 O  O   . HOH K 3 .   ? -20.115 6.092   -0.916  1.00 45.37 ? 561 HOH A O   1 
HETATM 1429 O  O   . HOH K 3 .   ? -11.300 -9.040  -9.215  1.00 30.00 ? 562 HOH A O   1 
HETATM 1430 O  O   . HOH K 3 .   ? 4.150   15.821  2.589   1.00 30.00 ? 563 HOH A O   1 
HETATM 1431 O  O   . HOH K 3 .   ? 5.983   15.830  4.367   1.00 30.00 ? 564 HOH A O   1 
# 
